data_1U87
# 
_entry.id   1U87 
# 
_audit_conform.dict_name       mmcif_pdbx.dic 
_audit_conform.dict_version    5.380 
_audit_conform.dict_location   http://mmcif.pdb.org/dictionaries/ascii/mmcif_pdbx.dic 
# 
loop_
_database_2.database_id 
_database_2.database_code 
_database_2.pdbx_database_accession 
_database_2.pdbx_DOI 
PDB   1U87         pdb_00001u87 10.2210/pdb1u87/pdb 
RCSB  RCSB023367   ?            ?                   
WWPDB D_1000023367 ?            ?                   
# 
loop_
_pdbx_database_related.db_name 
_pdbx_database_related.db_id 
_pdbx_database_related.details 
_pdbx_database_related.content_type 
PDB 1gne 'Crystal Structure Of The 26 Kda Glutathione S-Transferase From Schistosoma Japonicum Complexed With Glutathione' 
unspecified 
PDB 1gta 'Crystal Structure Of The 26 Kda Glutathione S-Transferase From Schistosoma Japonicum'                            
unspecified 
PDB 1U88 'the same protein complexed with S-octylglutathione'                                                              
unspecified 
# 
_pdbx_database_status.status_code                     REL 
_pdbx_database_status.entry_id                        1U87 
_pdbx_database_status.recvd_initial_deposition_date   2004-08-05 
_pdbx_database_status.deposit_site                    RCSB 
_pdbx_database_status.process_site                    PDBJ 
_pdbx_database_status.status_code_sf                  REL 
_pdbx_database_status.status_code_mr                  ? 
_pdbx_database_status.SG_entry                        ? 
_pdbx_database_status.status_code_cs                  ? 
_pdbx_database_status.pdb_format_compatible           Y 
_pdbx_database_status.methods_development_category    ? 
_pdbx_database_status.status_code_nmr_data            ? 
# 
loop_
_audit_author.name 
_audit_author.pdbx_ordinal 
'Smith, A.W.'        1 
'Camara-Artigas, A.' 2 
# 
_citation.id                        primary 
_citation.title                     
;Crystallographic and Thermodynamic Analysis of the Binding of S-Octylglutathione to the Tyr 7 to Phe Mutant of Glutathione S-Transferase from Schistosoma japonicum(,)
;
_citation.journal_abbrev            Biochemistry 
_citation.journal_volume            44 
_citation.page_first                1174 
_citation.page_last                 1183 
_citation.year                      2005 
_citation.journal_id_ASTM           BICHAW 
_citation.country                   US 
_citation.journal_id_ISSN           0006-2960 
_citation.journal_id_CSD            0033 
_citation.book_publisher            ? 
_citation.pdbx_database_id_PubMed   15667211 
_citation.pdbx_database_id_DOI      10.1021/bi0483110 
# 
loop_
_citation_author.citation_id 
_citation_author.name 
_citation_author.ordinal 
_citation_author.identifier_ORCID 
primary 'Andujar-Sanchez, M.'     1 ? 
primary 'Smith, A.W.'             2 ? 
primary 'Clemente-Jimenez, J.M.'  3 ? 
primary 'Rodriguez-Vico, F.'      4 ? 
primary 'Las Heras-Vazquez, F.J.' 5 ? 
primary 'Jara-Perez, V.'          6 ? 
primary 'Camara-Artigas, A.'      7 ? 
# 
_cell.entry_id           1U87 
_cell.length_a           123.050 
_cell.length_b           123.050 
_cell.length_c           72.510 
_cell.angle_alpha        90.00 
_cell.angle_beta         90.00 
_cell.angle_gamma        120.00 
_cell.Z_PDB              12 
_cell.pdbx_unique_axis   ? 
# 
_symmetry.entry_id                         1U87 
_symmetry.space_group_name_H-M             'P 63 2 2' 
_symmetry.pdbx_full_space_group_name_H-M   ? 
_symmetry.cell_setting                     ? 
_symmetry.Int_Tables_number                182 
_symmetry.space_group_name_Hall            ? 
# 
loop_
_entity.id 
_entity.type 
_entity.src_method 
_entity.pdbx_description 
_entity.formula_weight 
_entity.pdbx_number_of_molecules 
_entity.pdbx_ec 
_entity.pdbx_mutation 
_entity.pdbx_fragment 
_entity.details 
1 polymer     man 'Glutathione S-Transferase 26 kDa' 25518.721 1 2.5.1.18 Y7F ? ? 
2 non-polymer syn GLUTATHIONE                        307.323   1 ?        ?   ? ? 
# 
_entity_name_com.entity_id   1 
_entity_name_com.name        'Glutathione S-Transferase' 
# 
_entity_poly.entity_id                      1 
_entity_poly.type                           'polypeptide(L)' 
_entity_poly.nstd_linkage                   no 
_entity_poly.nstd_monomer                   no 
_entity_poly.pdbx_seq_one_letter_code       
;MSPILGFWKIKGLVQPTRLLLEYLEEKYEEHLYERDEGDKWRNKKFELGLEFPNLPYYIDGDVKLTQSMAIIRYIADKHN
MLGGCPKERAEISMLEGAVLDIRYGVSRIAYSKDFETLKVDFLSKLPEMLKMFEDRLCHKTYLNGDHVTHPDFMLYDALD
VVLYMDPMCLDAFPKLVCFKKRIEAIPQIDKYLKSSKYIAWPLQGWQATFGGGDHPPK
;
_entity_poly.pdbx_seq_one_letter_code_can   
;MSPILGFWKIKGLVQPTRLLLEYLEEKYEEHLYERDEGDKWRNKKFELGLEFPNLPYYIDGDVKLTQSMAIIRYIADKHN
MLGGCPKERAEISMLEGAVLDIRYGVSRIAYSKDFETLKVDFLSKLPEMLKMFEDRLCHKTYLNGDHVTHPDFMLYDALD
VVLYMDPMCLDAFPKLVCFKKRIEAIPQIDKYLKSSKYIAWPLQGWQATFGGGDHPPK
;
_entity_poly.pdbx_strand_id                 A 
_entity_poly.pdbx_target_identifier         ? 
# 
loop_
_entity_poly_seq.entity_id 
_entity_poly_seq.num 
_entity_poly_seq.mon_id 
_entity_poly_seq.hetero 
1 1   MET n 
1 2   SER n 
1 3   PRO n 
1 4   ILE n 
1 5   LEU n 
1 6   GLY n 
1 7   PHE n 
1 8   TRP n 
1 9   LYS n 
1 10  ILE n 
1 11  LYS n 
1 12  GLY n 
1 13  LEU n 
1 14  VAL n 
1 15  GLN n 
1 16  PRO n 
1 17  THR n 
1 18  ARG n 
1 19  LEU n 
1 20  LEU n 
1 21  LEU n 
1 22  GLU n 
1 23  TYR n 
1 24  LEU n 
1 25  GLU n 
1 26  GLU n 
1 27  LYS n 
1 28  TYR n 
1 29  GLU n 
1 30  GLU n 
1 31  HIS n 
1 32  LEU n 
1 33  TYR n 
1 34  GLU n 
1 35  ARG n 
1 36  ASP n 
1 37  GLU n 
1 38  GLY n 
1 39  ASP n 
1 40  LYS n 
1 41  TRP n 
1 42  ARG n 
1 43  ASN n 
1 44  LYS n 
1 45  LYS n 
1 46  PHE n 
1 47  GLU n 
1 48  LEU n 
1 49  GLY n 
1 50  LEU n 
1 51  GLU n 
1 52  PHE n 
1 53  PRO n 
1 54  ASN n 
1 55  LEU n 
1 56  PRO n 
1 57  TYR n 
1 58  TYR n 
1 59  ILE n 
1 60  ASP n 
1 61  GLY n 
1 62  ASP n 
1 63  VAL n 
1 64  LYS n 
1 65  LEU n 
1 66  THR n 
1 67  GLN n 
1 68  SER n 
1 69  MET n 
1 70  ALA n 
1 71  ILE n 
1 72  ILE n 
1 73  ARG n 
1 74  TYR n 
1 75  ILE n 
1 76  ALA n 
1 77  ASP n 
1 78  LYS n 
1 79  HIS n 
1 80  ASN n 
1 81  MET n 
1 82  LEU n 
1 83  GLY n 
1 84  GLY n 
1 85  CYS n 
1 86  PRO n 
1 87  LYS n 
1 88  GLU n 
1 89  ARG n 
1 90  ALA n 
1 91  GLU n 
1 92  ILE n 
1 93  SER n 
1 94  MET n 
1 95  LEU n 
1 96  GLU n 
1 97  GLY n 
1 98  ALA n 
1 99  VAL n 
1 100 LEU n 
1 101 ASP n 
1 102 ILE n 
1 103 ARG n 
1 104 TYR n 
1 105 GLY n 
1 106 VAL n 
1 107 SER n 
1 108 ARG n 
1 109 ILE n 
1 110 ALA n 
1 111 TYR n 
1 112 SER n 
1 113 LYS n 
1 114 ASP n 
1 115 PHE n 
1 116 GLU n 
1 117 THR n 
1 118 LEU n 
1 119 LYS n 
1 120 VAL n 
1 121 ASP n 
1 122 PHE n 
1 123 LEU n 
1 124 SER n 
1 125 LYS n 
1 126 LEU n 
1 127 PRO n 
1 128 GLU n 
1 129 MET n 
1 130 LEU n 
1 131 LYS n 
1 132 MET n 
1 133 PHE n 
1 134 GLU n 
1 135 ASP n 
1 136 ARG n 
1 137 LEU n 
1 138 CYS n 
1 139 HIS n 
1 140 LYS n 
1 141 THR n 
1 142 TYR n 
1 143 LEU n 
1 144 ASN n 
1 145 GLY n 
1 146 ASP n 
1 147 HIS n 
1 148 VAL n 
1 149 THR n 
1 150 HIS n 
1 151 PRO n 
1 152 ASP n 
1 153 PHE n 
1 154 MET n 
1 155 LEU n 
1 156 TYR n 
1 157 ASP n 
1 158 ALA n 
1 159 LEU n 
1 160 ASP n 
1 161 VAL n 
1 162 VAL n 
1 163 LEU n 
1 164 TYR n 
1 165 MET n 
1 166 ASP n 
1 167 PRO n 
1 168 MET n 
1 169 CYS n 
1 170 LEU n 
1 171 ASP n 
1 172 ALA n 
1 173 PHE n 
1 174 PRO n 
1 175 LYS n 
1 176 LEU n 
1 177 VAL n 
1 178 CYS n 
1 179 PHE n 
1 180 LYS n 
1 181 LYS n 
1 182 ARG n 
1 183 ILE n 
1 184 GLU n 
1 185 ALA n 
1 186 ILE n 
1 187 PRO n 
1 188 GLN n 
1 189 ILE n 
1 190 ASP n 
1 191 LYS n 
1 192 TYR n 
1 193 LEU n 
1 194 LYS n 
1 195 SER n 
1 196 SER n 
1 197 LYS n 
1 198 TYR n 
1 199 ILE n 
1 200 ALA n 
1 201 TRP n 
1 202 PRO n 
1 203 LEU n 
1 204 GLN n 
1 205 GLY n 
1 206 TRP n 
1 207 GLN n 
1 208 ALA n 
1 209 THR n 
1 210 PHE n 
1 211 GLY n 
1 212 GLY n 
1 213 GLY n 
1 214 ASP n 
1 215 HIS n 
1 216 PRO n 
1 217 PRO n 
1 218 LYS n 
# 
_entity_src_gen.entity_id                          1 
_entity_src_gen.pdbx_src_id                        1 
_entity_src_gen.pdbx_alt_source_flag               sample 
_entity_src_gen.pdbx_seq_type                      ? 
_entity_src_gen.pdbx_beg_seq_num                   ? 
_entity_src_gen.pdbx_end_seq_num                   ? 
_entity_src_gen.gene_src_common_name               ? 
_entity_src_gen.gene_src_genus                     Schistosoma 
_entity_src_gen.pdbx_gene_src_gene                 ? 
_entity_src_gen.gene_src_species                   ? 
_entity_src_gen.gene_src_strain                    ? 
_entity_src_gen.gene_src_tissue                    ? 
_entity_src_gen.gene_src_tissue_fraction           ? 
_entity_src_gen.gene_src_details                   ? 
_entity_src_gen.pdbx_gene_src_fragment             ? 
_entity_src_gen.pdbx_gene_src_scientific_name      'Schistosoma japonicum' 
_entity_src_gen.pdbx_gene_src_ncbi_taxonomy_id     6182 
_entity_src_gen.pdbx_gene_src_variant              ? 
_entity_src_gen.pdbx_gene_src_cell_line            ? 
_entity_src_gen.pdbx_gene_src_atcc                 ? 
_entity_src_gen.pdbx_gene_src_organ                ? 
_entity_src_gen.pdbx_gene_src_organelle            ? 
_entity_src_gen.pdbx_gene_src_cell                 ? 
_entity_src_gen.pdbx_gene_src_cellular_location    ? 
_entity_src_gen.host_org_common_name               ? 
_entity_src_gen.pdbx_host_org_scientific_name      'Escherichia coli' 
_entity_src_gen.pdbx_host_org_ncbi_taxonomy_id     562 
_entity_src_gen.host_org_genus                     Escherichia 
_entity_src_gen.pdbx_host_org_gene                 ? 
_entity_src_gen.pdbx_host_org_organ                ? 
_entity_src_gen.host_org_species                   ? 
_entity_src_gen.pdbx_host_org_tissue               ? 
_entity_src_gen.pdbx_host_org_tissue_fraction      ? 
_entity_src_gen.pdbx_host_org_strain               ? 
_entity_src_gen.pdbx_host_org_variant              ? 
_entity_src_gen.pdbx_host_org_cell_line            ? 
_entity_src_gen.pdbx_host_org_atcc                 ? 
_entity_src_gen.pdbx_host_org_culture_collection   ? 
_entity_src_gen.pdbx_host_org_cell                 ? 
_entity_src_gen.pdbx_host_org_organelle            ? 
_entity_src_gen.pdbx_host_org_cellular_location    ? 
_entity_src_gen.pdbx_host_org_vector_type          ? 
_entity_src_gen.pdbx_host_org_vector               ? 
_entity_src_gen.host_org_details                   ? 
_entity_src_gen.expression_system_id               ? 
_entity_src_gen.plasmid_name                       ? 
_entity_src_gen.plasmid_details                    ? 
_entity_src_gen.pdbx_description                   ? 
# 
_struct_ref.id                         1 
_struct_ref.db_name                    UNP 
_struct_ref.db_code                    GST26_SCHJA 
_struct_ref.entity_id                  1 
_struct_ref.pdbx_seq_one_letter_code   
;MSPILGYWKIKGLVQPTRLLLEYLEEKYEEHLYERDEGDKWRNKKFELGLEFPNLPYYIDGDVKLTQSMAIIRYIADKHN
MLGGCPKERAEISMLEGAVLDIRYGVSRIAYSKDFETLKVDFLSKLPEMLKMFEDRLCHKTYLNGDHVTHPDFMLYDALD
VVLYMDPMCLDAFPKLVCFKKRIEAIPQIDKYLKSSKYIAWPLQGWQATFGGGDHPPK
;
_struct_ref.pdbx_align_begin           1 
_struct_ref.pdbx_db_accession          P08515 
_struct_ref.pdbx_db_isoform            ? 
# 
_struct_ref_seq.align_id                      1 
_struct_ref_seq.ref_id                        1 
_struct_ref_seq.pdbx_PDB_id_code              1U87 
_struct_ref_seq.pdbx_strand_id                A 
_struct_ref_seq.seq_align_beg                 1 
_struct_ref_seq.pdbx_seq_align_beg_ins_code   ? 
_struct_ref_seq.seq_align_end                 218 
_struct_ref_seq.pdbx_seq_align_end_ins_code   ? 
_struct_ref_seq.pdbx_db_accession             P08515 
_struct_ref_seq.db_align_beg                  1 
_struct_ref_seq.pdbx_db_align_beg_ins_code    ? 
_struct_ref_seq.db_align_end                  218 
_struct_ref_seq.pdbx_db_align_end_ins_code    ? 
_struct_ref_seq.pdbx_auth_seq_align_beg       1 
_struct_ref_seq.pdbx_auth_seq_align_end       218 
# 
_struct_ref_seq_dif.align_id                     1 
_struct_ref_seq_dif.pdbx_pdb_id_code             1U87 
_struct_ref_seq_dif.mon_id                       PHE 
_struct_ref_seq_dif.pdbx_pdb_strand_id           A 
_struct_ref_seq_dif.seq_num                      7 
_struct_ref_seq_dif.pdbx_pdb_ins_code            ? 
_struct_ref_seq_dif.pdbx_seq_db_name             UNP 
_struct_ref_seq_dif.pdbx_seq_db_accession_code   P08515 
_struct_ref_seq_dif.db_mon_id                    TYR 
_struct_ref_seq_dif.pdbx_seq_db_seq_num          7 
_struct_ref_seq_dif.details                      'engineered mutation' 
_struct_ref_seq_dif.pdbx_auth_seq_num            7 
_struct_ref_seq_dif.pdbx_ordinal                 1 
# 
loop_
_chem_comp.id 
_chem_comp.type 
_chem_comp.mon_nstd_flag 
_chem_comp.name 
_chem_comp.pdbx_synonyms 
_chem_comp.formula 
_chem_comp.formula_weight 
ALA 'L-peptide linking' y ALANINE         ? 'C3 H7 N O2'      89.093  
ARG 'L-peptide linking' y ARGININE        ? 'C6 H15 N4 O2 1'  175.209 
ASN 'L-peptide linking' y ASPARAGINE      ? 'C4 H8 N2 O3'     132.118 
ASP 'L-peptide linking' y 'ASPARTIC ACID' ? 'C4 H7 N O4'      133.103 
CYS 'L-peptide linking' y CYSTEINE        ? 'C3 H7 N O2 S'    121.158 
GLN 'L-peptide linking' y GLUTAMINE       ? 'C5 H10 N2 O3'    146.144 
GLU 'L-peptide linking' y 'GLUTAMIC ACID' ? 'C5 H9 N O4'      147.129 
GLY 'peptide linking'   y GLYCINE         ? 'C2 H5 N O2'      75.067  
GSH non-polymer         . GLUTATHIONE     ? 'C10 H17 N3 O6 S' 307.323 
HIS 'L-peptide linking' y HISTIDINE       ? 'C6 H10 N3 O2 1'  156.162 
ILE 'L-peptide linking' y ISOLEUCINE      ? 'C6 H13 N O2'     131.173 
LEU 'L-peptide linking' y LEUCINE         ? 'C6 H13 N O2'     131.173 
LYS 'L-peptide linking' y LYSINE          ? 'C6 H15 N2 O2 1'  147.195 
MET 'L-peptide linking' y METHIONINE      ? 'C5 H11 N O2 S'   149.211 
PHE 'L-peptide linking' y PHENYLALANINE   ? 'C9 H11 N O2'     165.189 
PRO 'L-peptide linking' y PROLINE         ? 'C5 H9 N O2'      115.130 
SER 'L-peptide linking' y SERINE          ? 'C3 H7 N O3'      105.093 
THR 'L-peptide linking' y THREONINE       ? 'C4 H9 N O3'      119.119 
TRP 'L-peptide linking' y TRYPTOPHAN      ? 'C11 H12 N2 O2'   204.225 
TYR 'L-peptide linking' y TYROSINE        ? 'C9 H11 N O3'     181.189 
VAL 'L-peptide linking' y VALINE          ? 'C5 H11 N O2'     117.146 
# 
_exptl.entry_id          1U87 
_exptl.method            'X-RAY DIFFRACTION' 
_exptl.crystals_number   1 
# 
_exptl_crystal.id                    1 
_exptl_crystal.density_meas          ? 
_exptl_crystal.density_Matthews      3 
_exptl_crystal.density_percent_sol   59 
_exptl_crystal.description           ? 
_exptl_crystal.F_000                 ? 
_exptl_crystal.preparation           ? 
# 
_exptl_crystal_grow.crystal_id      1 
_exptl_crystal_grow.method          'VAPOR DIFFUSION, SITTING DROP' 
_exptl_crystal_grow.temp            297 
_exptl_crystal_grow.temp_details    ? 
_exptl_crystal_grow.pH              5.6 
_exptl_crystal_grow.pdbx_details    
'0.2M sodium citrate, 2M ammonium sulphate, pH 5.6, VAPOR DIFFUSION, SITTING DROP, temperature 297K' 
_exptl_crystal_grow.pdbx_pH_range   . 
# 
_diffrn.id                     1 
_diffrn.ambient_temp           298 
_diffrn.ambient_temp_details   ? 
_diffrn.crystal_id             1 
# 
_diffrn_detector.diffrn_id              1 
_diffrn_detector.detector               'IMAGE PLATE' 
_diffrn_detector.type                   'RIGAKU RAXIS IV' 
_diffrn_detector.pdbx_collection_date   2003-08-23 
_diffrn_detector.details                'Osmic confocal mirror assembly' 
# 
_diffrn_radiation.diffrn_id                        1 
_diffrn_radiation.wavelength_id                    1 
_diffrn_radiation.pdbx_monochromatic_or_laue_m_l   M 
_diffrn_radiation.monochromator                    'Osmic confocal mirror assembly' 
_diffrn_radiation.pdbx_diffrn_protocol             'SINGLE WAVELENGTH' 
_diffrn_radiation.pdbx_scattering_type             x-ray 
# 
_diffrn_radiation_wavelength.id           1 
_diffrn_radiation_wavelength.wavelength   1.54 
_diffrn_radiation_wavelength.wt           1.0 
# 
_diffrn_source.diffrn_id                   1 
_diffrn_source.source                      'ROTATING ANODE' 
_diffrn_source.type                        'RIGAKU RU200HB' 
_diffrn_source.pdbx_synchrotron_site       ? 
_diffrn_source.pdbx_synchrotron_beamline   ? 
_diffrn_source.pdbx_wavelength             ? 
_diffrn_source.pdbx_wavelength_list        1.54 
# 
_reflns.entry_id                     1U87 
_reflns.observed_criterion_sigma_I   0 
_reflns.observed_criterion_sigma_F   0 
_reflns.d_resolution_low             30 
_reflns.d_resolution_high            3.5 
_reflns.number_obs                   6781 
_reflns.number_all                   ? 
_reflns.percent_possible_obs         ? 
_reflns.pdbx_Rmerge_I_obs            0.17 
_reflns.pdbx_Rsym_value              0.16 
_reflns.pdbx_netI_over_sigmaI        4 
_reflns.B_iso_Wilson_estimate        90 
_reflns.pdbx_redundancy              8.7 
_reflns.R_free_details               ? 
_reflns.limit_h_max                  ? 
_reflns.limit_h_min                  ? 
_reflns.limit_k_max                  ? 
_reflns.limit_k_min                  ? 
_reflns.limit_l_max                  ? 
_reflns.limit_l_min                  ? 
_reflns.observed_criterion_F_max     ? 
_reflns.observed_criterion_F_min     ? 
_reflns.pdbx_chi_squared             ? 
_reflns.pdbx_scaling_rejects         ? 
_reflns.pdbx_ordinal                 1 
_reflns.pdbx_diffrn_id               1 
# 
_reflns_shell.d_res_high             3.5 
_reflns_shell.d_res_low              3.69 
_reflns_shell.percent_possible_all   97.9 
_reflns_shell.Rmerge_I_obs           0.59 
_reflns_shell.pdbx_Rsym_value        0.5 
_reflns_shell.meanI_over_sigI_obs    ? 
_reflns_shell.pdbx_redundancy        8.7 
_reflns_shell.percent_possible_obs   ? 
_reflns_shell.number_unique_all      4301 
_reflns_shell.number_measured_all    ? 
_reflns_shell.number_measured_obs    ? 
_reflns_shell.number_unique_obs      ? 
_reflns_shell.pdbx_chi_squared       ? 
_reflns_shell.pdbx_ordinal           1 
_reflns_shell.pdbx_diffrn_id         1 
# 
_refine.entry_id                                 1U87 
_refine.ls_number_reflns_obs                     6094 
_refine.ls_number_reflns_all                     ? 
_refine.pdbx_ls_sigma_I                          ? 
_refine.pdbx_ls_sigma_F                          2.0 
_refine.pdbx_data_cutoff_high_absF               278455.05 
_refine.pdbx_data_cutoff_low_absF                0.000000 
_refine.pdbx_data_cutoff_high_rms_absF           ? 
_refine.ls_d_res_low                             29.56 
_refine.ls_d_res_high                            3.50 
_refine.ls_percent_reflns_obs                    87.3 
_refine.ls_R_factor_obs                          0.199 
_refine.ls_R_factor_all                          0.21 
_refine.ls_R_factor_R_work                       0.199 
_refine.ls_R_factor_R_free                       0.271 
_refine.ls_R_factor_R_free_error                 0.010 
_refine.ls_R_factor_R_free_error_details         ? 
_refine.ls_percent_reflns_R_free                 10.1 
_refine.ls_number_reflns_R_free                  687 
_refine.ls_number_parameters                     ? 
_refine.ls_number_restraints                     ? 
_refine.occupancy_min                            ? 
_refine.occupancy_max                            ? 
_refine.correlation_coeff_Fo_to_Fc               ? 
_refine.correlation_coeff_Fo_to_Fc_free          ? 
_refine.B_iso_mean                               44.0 
_refine.aniso_B[1][1]                            3.19 
_refine.aniso_B[2][2]                            3.19 
_refine.aniso_B[3][3]                            -6.37 
_refine.aniso_B[1][2]                            5.46 
_refine.aniso_B[1][3]                            0.00 
_refine.aniso_B[2][3]                            0.00 
_refine.solvent_model_details                    'FLAT MODEL' 
_refine.solvent_model_param_ksol                 0.240364 
_refine.solvent_model_param_bsol                 10 
_refine.pdbx_solvent_vdw_probe_radii             ? 
_refine.pdbx_solvent_ion_probe_radii             ? 
_refine.pdbx_solvent_shrinkage_radii             ? 
_refine.pdbx_ls_cross_valid_method               THROUGHOUT 
_refine.details                                  'BULK SOLVENT MODEL USED' 
_refine.pdbx_starting_model                      1gta 
_refine.pdbx_method_to_determine_struct          'MOLECULAR REPLACEMENT' 
_refine.pdbx_isotropic_thermal_model             RESTRAINED 
_refine.pdbx_stereochemistry_target_values       'Engh & Huber' 
_refine.pdbx_stereochem_target_val_spec_case     ? 
_refine.pdbx_R_Free_selection_details            RANDOM 
_refine.pdbx_overall_ESU_R                       ? 
_refine.pdbx_overall_ESU_R_Free                  ? 
_refine.overall_SU_ML                            ? 
_refine.overall_SU_B                             ? 
_refine.ls_redundancy_reflns_obs                 ? 
_refine.B_iso_min                                ? 
_refine.B_iso_max                                ? 
_refine.overall_SU_R_Cruickshank_DPI             ? 
_refine.overall_SU_R_free                        ? 
_refine.ls_wR_factor_R_free                      ? 
_refine.ls_wR_factor_R_work                      ? 
_refine.overall_FOM_free_R_set                   ? 
_refine.overall_FOM_work_R_set                   ? 
_refine.pdbx_refine_id                           'X-RAY DIFFRACTION' 
_refine.pdbx_diffrn_id                           1 
_refine.pdbx_TLS_residual_ADP_flag               ? 
_refine.pdbx_overall_phase_error                 ? 
_refine.pdbx_overall_SU_R_free_Cruickshank_DPI   ? 
_refine.pdbx_overall_SU_R_Blow_DPI               ? 
_refine.pdbx_overall_SU_R_free_Blow_DPI          ? 
# 
_refine_analyze.entry_id                        1U87 
_refine_analyze.Luzzati_coordinate_error_obs    0.31 
_refine_analyze.Luzzati_sigma_a_obs             0.34 
_refine_analyze.Luzzati_d_res_low_obs           5.00 
_refine_analyze.Luzzati_coordinate_error_free   0.49 
_refine_analyze.Luzzati_sigma_a_free            0.16 
_refine_analyze.Luzzati_d_res_low_free          ? 
_refine_analyze.number_disordered_residues      ? 
_refine_analyze.occupancy_sum_hydrogen          ? 
_refine_analyze.occupancy_sum_non_hydrogen      ? 
_refine_analyze.pdbx_Luzzati_d_res_high_obs     ? 
_refine_analyze.pdbx_refine_id                  'X-RAY DIFFRACTION' 
# 
_refine_hist.pdbx_refine_id                   'X-RAY DIFFRACTION' 
_refine_hist.cycle_id                         LAST 
_refine_hist.pdbx_number_atoms_protein        1729 
_refine_hist.pdbx_number_atoms_nucleic_acid   0 
_refine_hist.pdbx_number_atoms_ligand         20 
_refine_hist.number_atoms_solvent             0 
_refine_hist.number_atoms_total               1749 
_refine_hist.d_res_high                       3.50 
_refine_hist.d_res_low                        29.56 
# 
loop_
_refine_ls_restr.type 
_refine_ls_restr.dev_ideal 
_refine_ls_restr.dev_ideal_target 
_refine_ls_restr.weight 
_refine_ls_restr.number 
_refine_ls_restr.pdbx_refine_id 
_refine_ls_restr.pdbx_restraint_function 
c_bond_d                0.009 ?    ? ? 'X-RAY DIFFRACTION' ? 
c_bond_d_na             ?     ?    ? ? 'X-RAY DIFFRACTION' ? 
c_bond_d_prot           ?     ?    ? ? 'X-RAY DIFFRACTION' ? 
c_angle_d               ?     ?    ? ? 'X-RAY DIFFRACTION' ? 
c_angle_d_na            ?     ?    ? ? 'X-RAY DIFFRACTION' ? 
c_angle_d_prot          ?     ?    ? ? 'X-RAY DIFFRACTION' ? 
c_angle_deg             1.4   ?    ? ? 'X-RAY DIFFRACTION' ? 
c_angle_deg_na          ?     ?    ? ? 'X-RAY DIFFRACTION' ? 
c_angle_deg_prot        ?     ?    ? ? 'X-RAY DIFFRACTION' ? 
c_dihedral_angle_d      21.5  ?    ? ? 'X-RAY DIFFRACTION' ? 
c_dihedral_angle_d_na   ?     ?    ? ? 'X-RAY DIFFRACTION' ? 
c_dihedral_angle_d_prot ?     ?    ? ? 'X-RAY DIFFRACTION' ? 
c_improper_angle_d      0.94  ?    ? ? 'X-RAY DIFFRACTION' ? 
c_improper_angle_d_na   ?     ?    ? ? 'X-RAY DIFFRACTION' ? 
c_improper_angle_d_prot ?     ?    ? ? 'X-RAY DIFFRACTION' ? 
c_mcbond_it             1.60  1.50 ? ? 'X-RAY DIFFRACTION' ? 
c_mcangle_it            2.90  2.00 ? ? 'X-RAY DIFFRACTION' ? 
c_scbond_it             1.71  2.00 ? ? 'X-RAY DIFFRACTION' ? 
c_scangle_it            2.95  2.50 ? ? 'X-RAY DIFFRACTION' ? 
# 
_refine_ls_shell.pdbx_total_number_of_bins_used   6 
_refine_ls_shell.d_res_high                       3.50 
_refine_ls_shell.d_res_low                        3.72 
_refine_ls_shell.number_reflns_R_work             880 
_refine_ls_shell.R_factor_R_work                  0.21 
_refine_ls_shell.percent_reflns_obs               74.2 
_refine_ls_shell.R_factor_R_free                  0.292 
_refine_ls_shell.R_factor_R_free_error            0.032 
_refine_ls_shell.percent_reflns_R_free            8.8 
_refine_ls_shell.number_reflns_R_free             85 
_refine_ls_shell.number_reflns_obs                ? 
_refine_ls_shell.redundancy_reflns_obs            ? 
_refine_ls_shell.number_reflns_all                ? 
_refine_ls_shell.pdbx_refine_id                   'X-RAY DIFFRACTION' 
_refine_ls_shell.R_factor_all                     ? 
# 
loop_
_pdbx_xplor_file.serial_no 
_pdbx_xplor_file.param_file 
_pdbx_xplor_file.topol_file 
_pdbx_xplor_file.pdbx_refine_id 
1 PROTEIN_REP.PARAM PROTEIN.TOP 'X-RAY DIFFRACTION' 
2 GSH.PARAM         GSH.TOP     'X-RAY DIFFRACTION' 
# 
_struct.entry_id                  1U87 
_struct.title                     
'Crystal Structure Of The 26 Kda Glutathione S-Transferase Y7F mutant From Schistosoma Japonicum Complexed With Glutathione' 
_struct.pdbx_model_details        ? 
_struct.pdbx_CASP_flag            ? 
_struct.pdbx_model_type_details   ? 
# 
_struct_keywords.entry_id        1U87 
_struct_keywords.pdbx_keywords   TRANSFERASE 
_struct_keywords.text            TRANSFERASE 
# 
loop_
_struct_asym.id 
_struct_asym.pdbx_blank_PDB_chainid_flag 
_struct_asym.pdbx_modified 
_struct_asym.entity_id 
_struct_asym.details 
A N N 1 ? 
B N N 2 ? 
# 
_struct_biol.id   1 
# 
loop_
_struct_conf.conf_type_id 
_struct_conf.id 
_struct_conf.pdbx_PDB_helix_id 
_struct_conf.beg_label_comp_id 
_struct_conf.beg_label_asym_id 
_struct_conf.beg_label_seq_id 
_struct_conf.pdbx_beg_PDB_ins_code 
_struct_conf.end_label_comp_id 
_struct_conf.end_label_asym_id 
_struct_conf.end_label_seq_id 
_struct_conf.pdbx_end_PDB_ins_code 
_struct_conf.beg_auth_comp_id 
_struct_conf.beg_auth_asym_id 
_struct_conf.beg_auth_seq_id 
_struct_conf.end_auth_comp_id 
_struct_conf.end_auth_asym_id 
_struct_conf.end_auth_seq_id 
_struct_conf.pdbx_PDB_helix_class 
_struct_conf.details 
_struct_conf.pdbx_PDB_helix_length 
HELX_P HELX_P1  1  VAL A 14  ? LEU A 24  ? VAL A 14  LEU A 24  1 ? 11 
HELX_P HELX_P2  2  GLU A 37  ? LEU A 48  ? GLU A 37  LEU A 48  1 ? 12 
HELX_P HELX_P3  3  GLN A 67  ? LYS A 78  ? GLN A 67  LYS A 78  1 ? 12 
HELX_P HELX_P4  4  CYS A 85  ? TYR A 111 ? CYS A 85  TYR A 111 1 ? 27 
HELX_P HELX_P5  5  ASP A 114 ? SER A 124 ? ASP A 114 SER A 124 1 ? 11 
HELX_P HELX_P6  6  LYS A 125 ? LEU A 137 ? LYS A 125 LEU A 137 1 ? 13 
HELX_P HELX_P7  7  CYS A 138 ? LYS A 140 ? CYS A 138 LYS A 140 5 ? 3  
HELX_P HELX_P8  8  THR A 149 ? ASP A 166 ? THR A 149 ASP A 166 1 ? 18 
HELX_P HELX_P9  9  PHE A 173 ? ALA A 185 ? PHE A 173 ALA A 185 1 ? 13 
HELX_P HELX_P10 10 ILE A 186 ? LYS A 194 ? ILE A 186 LYS A 194 1 ? 9  
# 
_struct_conf_type.id          HELX_P 
_struct_conf_type.criteria    ? 
_struct_conf_type.reference   ? 
# 
loop_
_struct_mon_prot_cis.pdbx_id 
_struct_mon_prot_cis.label_comp_id 
_struct_mon_prot_cis.label_seq_id 
_struct_mon_prot_cis.label_asym_id 
_struct_mon_prot_cis.label_alt_id 
_struct_mon_prot_cis.pdbx_PDB_ins_code 
_struct_mon_prot_cis.auth_comp_id 
_struct_mon_prot_cis.auth_seq_id 
_struct_mon_prot_cis.auth_asym_id 
_struct_mon_prot_cis.pdbx_label_comp_id_2 
_struct_mon_prot_cis.pdbx_label_seq_id_2 
_struct_mon_prot_cis.pdbx_label_asym_id_2 
_struct_mon_prot_cis.pdbx_PDB_ins_code_2 
_struct_mon_prot_cis.pdbx_auth_comp_id_2 
_struct_mon_prot_cis.pdbx_auth_seq_id_2 
_struct_mon_prot_cis.pdbx_auth_asym_id_2 
_struct_mon_prot_cis.pdbx_PDB_model_num 
_struct_mon_prot_cis.pdbx_omega_angle 
1 LEU 55  A . ? LEU 55  A PRO 56  A ? PRO 56  A 1 0.12  
2 TRP 201 A . ? TRP 201 A PRO 202 A ? PRO 202 A 1 -0.14 
# 
_struct_sheet.id               A 
_struct_sheet.type             ? 
_struct_sheet.number_strands   4 
_struct_sheet.details          ? 
# 
loop_
_struct_sheet_order.sheet_id 
_struct_sheet_order.range_id_1 
_struct_sheet_order.range_id_2 
_struct_sheet_order.offset 
_struct_sheet_order.sense 
A 1 2 ? parallel      
A 2 3 ? anti-parallel 
A 3 4 ? anti-parallel 
# 
loop_
_struct_sheet_range.sheet_id 
_struct_sheet_range.id 
_struct_sheet_range.beg_label_comp_id 
_struct_sheet_range.beg_label_asym_id 
_struct_sheet_range.beg_label_seq_id 
_struct_sheet_range.pdbx_beg_PDB_ins_code 
_struct_sheet_range.end_label_comp_id 
_struct_sheet_range.end_label_asym_id 
_struct_sheet_range.end_label_seq_id 
_struct_sheet_range.pdbx_end_PDB_ins_code 
_struct_sheet_range.beg_auth_comp_id 
_struct_sheet_range.beg_auth_asym_id 
_struct_sheet_range.beg_auth_seq_id 
_struct_sheet_range.end_auth_comp_id 
_struct_sheet_range.end_auth_asym_id 
_struct_sheet_range.end_auth_seq_id 
A 1 GLU A 29 ? TYR A 33 ? GLU A 29 TYR A 33 
A 2 ILE A 4  ? TRP A 8  ? ILE A 4  TRP A 8  
A 3 TYR A 57 ? ILE A 59 ? TYR A 57 ILE A 59 
A 4 LYS A 64 ? LEU A 65 ? LYS A 64 LEU A 65 
# 
loop_
_pdbx_struct_sheet_hbond.sheet_id 
_pdbx_struct_sheet_hbond.range_id_1 
_pdbx_struct_sheet_hbond.range_id_2 
_pdbx_struct_sheet_hbond.range_1_label_atom_id 
_pdbx_struct_sheet_hbond.range_1_label_comp_id 
_pdbx_struct_sheet_hbond.range_1_label_asym_id 
_pdbx_struct_sheet_hbond.range_1_label_seq_id 
_pdbx_struct_sheet_hbond.range_1_PDB_ins_code 
_pdbx_struct_sheet_hbond.range_1_auth_atom_id 
_pdbx_struct_sheet_hbond.range_1_auth_comp_id 
_pdbx_struct_sheet_hbond.range_1_auth_asym_id 
_pdbx_struct_sheet_hbond.range_1_auth_seq_id 
_pdbx_struct_sheet_hbond.range_2_label_atom_id 
_pdbx_struct_sheet_hbond.range_2_label_comp_id 
_pdbx_struct_sheet_hbond.range_2_label_asym_id 
_pdbx_struct_sheet_hbond.range_2_label_seq_id 
_pdbx_struct_sheet_hbond.range_2_PDB_ins_code 
_pdbx_struct_sheet_hbond.range_2_auth_atom_id 
_pdbx_struct_sheet_hbond.range_2_auth_comp_id 
_pdbx_struct_sheet_hbond.range_2_auth_asym_id 
_pdbx_struct_sheet_hbond.range_2_auth_seq_id 
A 1 2 O HIS A 31 ? O HIS A 31 N LEU A 5  ? N LEU A 5  
A 2 3 N GLY A 6  ? N GLY A 6  O TYR A 57 ? O TYR A 57 
A 3 4 N TYR A 58 ? N TYR A 58 O LEU A 65 ? O LEU A 65 
# 
_struct_site.id                   AC1 
_struct_site.pdbx_evidence_code   Software 
_struct_site.pdbx_auth_asym_id    A 
_struct_site.pdbx_auth_comp_id    GSH 
_struct_site.pdbx_auth_seq_id     500 
_struct_site.pdbx_auth_ins_code   ? 
_struct_site.pdbx_num_residues    7 
_struct_site.details              'BINDING SITE FOR RESIDUE GSH A 500' 
# 
loop_
_struct_site_gen.id 
_struct_site_gen.site_id 
_struct_site_gen.pdbx_num_res 
_struct_site_gen.label_comp_id 
_struct_site_gen.label_asym_id 
_struct_site_gen.label_seq_id 
_struct_site_gen.pdbx_auth_ins_code 
_struct_site_gen.auth_comp_id 
_struct_site_gen.auth_asym_id 
_struct_site_gen.auth_seq_id 
_struct_site_gen.label_atom_id 
_struct_site_gen.label_alt_id 
_struct_site_gen.symmetry 
_struct_site_gen.details 
1 AC1 7 TRP A 8   ? TRP A 8   . ? 1_555 ? 
2 AC1 7 LYS A 45  ? LYS A 45  . ? 1_555 ? 
3 AC1 7 ASN A 54  ? ASN A 54  . ? 1_555 ? 
4 AC1 7 LEU A 55  ? LEU A 55  . ? 1_555 ? 
5 AC1 7 GLN A 67  ? GLN A 67  . ? 1_555 ? 
6 AC1 7 SER A 68  ? SER A 68  . ? 1_555 ? 
7 AC1 7 ASP A 101 ? ASP A 101 . ? 7_644 ? 
# 
_atom_sites.entry_id                    1U87 
_atom_sites.fract_transf_matrix[1][1]   -0.00917371 
_atom_sites.fract_transf_matrix[1][2]   0.00146885 
_atom_sites.fract_transf_matrix[1][3]   0.00132231 
_atom_sites.fract_transf_matrix[2][1]   -0.00452422 
_atom_sites.fract_transf_matrix[2][2]   0.00638357 
_atom_sites.fract_transf_matrix[2][3]   -0.00518082 
_atom_sites.fract_transf_matrix[3][1]   -0.00290253 
_atom_sites.fract_transf_matrix[3][2]   -0.00967633 
_atom_sites.fract_transf_matrix[3][3]   -0.00938806 
_atom_sites.fract_transf_vector[1]      0.588056 
_atom_sites.fract_transf_vector[2]      -0.301768 
_atom_sites.fract_transf_vector[3]      -0.461350 
# 
loop_
_atom_type.symbol 
C 
N 
O 
S 
# 
loop_
_atom_site.group_PDB 
_atom_site.id 
_atom_site.type_symbol 
_atom_site.label_atom_id 
_atom_site.label_alt_id 
_atom_site.label_comp_id 
_atom_site.label_asym_id 
_atom_site.label_entity_id 
_atom_site.label_seq_id 
_atom_site.pdbx_PDB_ins_code 
_atom_site.Cartn_x 
_atom_site.Cartn_y 
_atom_site.Cartn_z 
_atom_site.occupancy 
_atom_site.B_iso_or_equiv 
_atom_site.pdbx_formal_charge 
_atom_site.auth_seq_id 
_atom_site.auth_comp_id 
_atom_site.auth_asym_id 
_atom_site.auth_atom_id 
_atom_site.pdbx_PDB_model_num 
ATOM   1    N N   . MET A 1 1   ? -6.197  24.587  3.750   1.00 83.57 ? 1   MET A N   1 
ATOM   2    C CA  . MET A 1 1   ? -5.051  24.393  2.813   1.00 83.38 ? 1   MET A CA  1 
ATOM   3    C C   . MET A 1 1   ? -5.227  23.104  2.024   1.00 81.51 ? 1   MET A C   1 
ATOM   4    O O   . MET A 1 1   ? -6.304  22.496  2.027   1.00 81.35 ? 1   MET A O   1 
ATOM   5    C CB  . MET A 1 1   ? -3.723  24.322  3.585   1.00 85.98 ? 1   MET A CB  1 
ATOM   6    C CG  . MET A 1 1   ? -3.282  25.621  4.272   1.00 88.31 ? 1   MET A CG  1 
ATOM   7    S SD  . MET A 1 1   ? -1.749  25.427  5.250   1.00 90.06 ? 1   MET A SD  1 
ATOM   8    C CE  . MET A 1 1   ? -0.499  25.281  3.917   1.00 87.04 ? 1   MET A CE  1 
ATOM   9    N N   . SER A 1 2   ? -4.150  22.695  1.357   1.00 78.95 ? 2   SER A N   1 
ATOM   10   C CA  . SER A 1 2   ? -4.129  21.473  0.553   1.00 75.13 ? 2   SER A CA  1 
ATOM   11   C C   . SER A 1 2   ? -3.375  20.339  1.261   1.00 71.48 ? 2   SER A C   1 
ATOM   12   O O   . SER A 1 2   ? -2.182  20.459  1.554   1.00 70.66 ? 2   SER A O   1 
ATOM   13   C CB  . SER A 1 2   ? -3.501  21.765  -0.819  1.00 75.32 ? 2   SER A CB  1 
ATOM   14   O OG  . SER A 1 2   ? -2.585  22.847  -0.756  1.00 75.31 ? 2   SER A OG  1 
ATOM   15   N N   . PRO A 1 3   ? -4.074  19.218  1.533   1.00 68.53 ? 3   PRO A N   1 
ATOM   16   C CA  . PRO A 1 3   ? -3.587  18.007  2.201   1.00 65.42 ? 3   PRO A CA  1 
ATOM   17   C C   . PRO A 1 3   ? -2.079  17.858  2.379   1.00 61.78 ? 3   PRO A C   1 
ATOM   18   O O   . PRO A 1 3   ? -1.289  18.187  1.495   1.00 61.11 ? 3   PRO A O   1 
ATOM   19   C CB  . PRO A 1 3   ? -4.205  16.902  1.360   1.00 66.04 ? 3   PRO A CB  1 
ATOM   20   C CG  . PRO A 1 3   ? -5.589  17.439  1.171   1.00 67.24 ? 3   PRO A CG  1 
ATOM   21   C CD  . PRO A 1 3   ? -5.377  18.941  0.896   1.00 68.11 ? 3   PRO A CD  1 
ATOM   22   N N   . ILE A 1 4   ? -1.697  17.345  3.542   1.00 57.28 ? 4   ILE A N   1 
ATOM   23   C CA  . ILE A 1 4   ? -0.298  17.163  3.869   1.00 53.33 ? 4   ILE A CA  1 
ATOM   24   C C   . ILE A 1 4   ? -0.046  15.781  4.452   1.00 50.96 ? 4   ILE A C   1 
ATOM   25   O O   . ILE A 1 4   ? -0.417  15.500  5.594   1.00 50.16 ? 4   ILE A O   1 
ATOM   26   C CB  . ILE A 1 4   ? 0.124   18.210  4.874   1.00 53.76 ? 4   ILE A CB  1 
ATOM   27   C CG1 . ILE A 1 4   ? -0.355  19.576  4.385   1.00 55.23 ? 4   ILE A CG1 1 
ATOM   28   C CG2 . ILE A 1 4   ? 1.632   18.207  5.032   1.00 54.43 ? 4   ILE A CG2 1 
ATOM   29   C CD1 . ILE A 1 4   ? -0.738  20.539  5.496   1.00 57.29 ? 4   ILE A CD1 1 
ATOM   30   N N   . LEU A 1 5   ? 0.583   14.922  3.652   1.00 48.01 ? 5   LEU A N   1 
ATOM   31   C CA  . LEU A 1 5   ? 0.898   13.559  4.066   1.00 43.89 ? 5   LEU A CA  1 
ATOM   32   C C   . LEU A 1 5   ? 2.363   13.419  4.426   1.00 40.78 ? 5   LEU A C   1 
ATOM   33   O O   . LEU A 1 5   ? 3.245   13.957  3.750   1.00 38.56 ? 5   LEU A O   1 
ATOM   34   C CB  . LEU A 1 5   ? 0.568   12.553  2.957   1.00 44.60 ? 5   LEU A CB  1 
ATOM   35   C CG  . LEU A 1 5   ? 1.122   11.136  3.169   1.00 44.48 ? 5   LEU A CG  1 
ATOM   36   C CD1 . LEU A 1 5   ? 0.553   10.571  4.448   1.00 45.11 ? 5   LEU A CD1 1 
ATOM   37   C CD2 . LEU A 1 5   ? 0.769   10.238  1.996   1.00 44.24 ? 5   LEU A CD2 1 
ATOM   38   N N   . GLY A 1 6   ? 2.606   12.676  5.497   1.00 38.01 ? 6   GLY A N   1 
ATOM   39   C CA  . GLY A 1 6   ? 3.953   12.460  5.958   1.00 34.39 ? 6   GLY A CA  1 
ATOM   40   C C   . GLY A 1 6   ? 4.170   11.024  6.357   1.00 32.53 ? 6   GLY A C   1 
ATOM   41   O O   . GLY A 1 6   ? 3.263   10.302  6.762   1.00 30.47 ? 6   GLY A O   1 
ATOM   42   N N   . PHE A 1 7   ? 5.420   10.631  6.238   1.00 35.22 ? 7   PHE A N   1 
ATOM   43   C CA  . PHE A 1 7   ? 5.898   9.291   6.548   1.00 35.02 ? 7   PHE A CA  1 
ATOM   44   C C   . PHE A 1 7   ? 7.376   9.288   6.204   1.00 33.97 ? 7   PHE A C   1 
ATOM   45   O O   . PHE A 1 7   ? 7.880   10.264  5.659   1.00 35.02 ? 7   PHE A O   1 
ATOM   46   C CB  . PHE A 1 7   ? 5.177   8.268   5.669   1.00 33.18 ? 7   PHE A CB  1 
ATOM   47   C CG  . PHE A 1 7   ? 5.586   6.847   5.926   1.00 31.77 ? 7   PHE A CG  1 
ATOM   48   C CD1 . PHE A 1 7   ? 5.184   6.194   7.090   1.00 31.83 ? 7   PHE A CD1 1 
ATOM   49   C CD2 . PHE A 1 7   ? 6.390   6.168   5.014   1.00 31.77 ? 7   PHE A CD2 1 
ATOM   50   C CE1 . PHE A 1 7   ? 5.578   4.882   7.340   1.00 31.26 ? 7   PHE A CE1 1 
ATOM   51   C CE2 . PHE A 1 7   ? 6.792   4.863   5.251   1.00 31.53 ? 7   PHE A CE2 1 
ATOM   52   C CZ  . PHE A 1 7   ? 6.387   4.213   6.416   1.00 34.87 ? 7   PHE A CZ  1 
ATOM   53   N N   . TRP A 1 8   ? 8.098   8.200   6.463   1.00 38.73 ? 8   TRP A N   1 
ATOM   54   C CA  . TRP A 1 8   ? 9.515   8.145   6.072   1.00 38.44 ? 8   TRP A CA  1 
ATOM   55   C C   . TRP A 1 8   ? 9.589   8.314   4.557   1.00 38.49 ? 8   TRP A C   1 
ATOM   56   O O   . TRP A 1 8   ? 8.602   8.683   3.909   1.00 38.41 ? 8   TRP A O   1 
ATOM   57   C CB  . TRP A 1 8   ? 10.118  6.787   6.366   1.00 39.65 ? 8   TRP A CB  1 
ATOM   58   C CG  . TRP A 1 8   ? 10.306  6.495   7.763   1.00 43.54 ? 8   TRP A CG  1 
ATOM   59   C CD1 . TRP A 1 8   ? 9.791   5.441   8.455   1.00 45.49 ? 8   TRP A CD1 1 
ATOM   60   C CD2 . TRP A 1 8   ? 11.158  7.192   8.662   1.00 46.00 ? 8   TRP A CD2 1 
ATOM   61   N NE1 . TRP A 1 8   ? 10.280  5.429   9.736   1.00 47.68 ? 8   TRP A NE1 1 
ATOM   62   C CE2 . TRP A 1 8   ? 11.125  6.496   9.892   1.00 47.43 ? 8   TRP A CE2 1 
ATOM   63   C CE3 . TRP A 1 8   ? 11.953  8.338   8.550   1.00 46.34 ? 8   TRP A CE3 1 
ATOM   64   C CZ2 . TRP A 1 8   ? 11.858  6.908   11.003  1.00 47.05 ? 8   TRP A CZ2 1 
ATOM   65   C CZ3 . TRP A 1 8   ? 12.680  8.747   9.649   1.00 46.42 ? 8   TRP A CZ3 1 
ATOM   66   C CH2 . TRP A 1 8   ? 12.629  8.032   10.863  1.00 47.67 ? 8   TRP A CH2 1 
ATOM   67   N N   . LYS A 1 9   ? 10.758  8.007   3.993   1.00 37.42 ? 9   LYS A N   1 
ATOM   68   C CA  . LYS A 1 9   ? 10.956  8.091   2.546   1.00 35.80 ? 9   LYS A CA  1 
ATOM   69   C C   . LYS A 1 9   ? 11.270  6.712   1.985   1.00 34.19 ? 9   LYS A C   1 
ATOM   70   O O   . LYS A 1 9   ? 12.413  6.405   1.635   1.00 33.60 ? 9   LYS A O   1 
ATOM   71   C CB  . LYS A 1 9   ? 12.087  9.056   2.187   1.00 36.51 ? 9   LYS A CB  1 
ATOM   72   C CG  . LYS A 1 9   ? 12.359  9.151   0.686   1.00 36.14 ? 9   LYS A CG  1 
ATOM   73   C CD  . LYS A 1 9   ? 13.258  10.330  0.378   1.00 36.98 ? 9   LYS A CD  1 
ATOM   74   C CE  . LYS A 1 9   ? 13.568  10.445  -1.099  1.00 37.34 ? 9   LYS A CE  1 
ATOM   75   N NZ  . LYS A 1 9   ? 14.265  11.727  -1.412  1.00 38.78 ? 9   LYS A NZ  1 
ATOM   76   N N   . ILE A 1 10  ? 10.226  5.890   1.925   1.00 32.30 ? 10  ILE A N   1 
ATOM   77   C CA  . ILE A 1 10  ? 10.293  4.527   1.406   1.00 28.04 ? 10  ILE A CA  1 
ATOM   78   C C   . ILE A 1 10  ? 8.895   4.109   0.909   1.00 26.69 ? 10  ILE A C   1 
ATOM   79   O O   . ILE A 1 10  ? 8.115   4.938   0.442   1.00 24.32 ? 10  ILE A O   1 
ATOM   80   C CB  . ILE A 1 10  ? 10.771  3.545   2.498   1.00 25.10 ? 10  ILE A CB  1 
ATOM   81   C CG1 . ILE A 1 10  ? 9.931   3.721   3.761   1.00 23.25 ? 10  ILE A CG1 1 
ATOM   82   C CG2 . ILE A 1 10  ? 12.219  3.785   2.807   1.00 20.34 ? 10  ILE A CG2 1 
ATOM   83   C CD1 . ILE A 1 10  ? 10.222  2.686   4.811   1.00 23.18 ? 10  ILE A CD1 1 
ATOM   84   N N   . LYS A 1 11  ? 8.583   2.827   1.004   1.00 25.38 ? 11  LYS A N   1 
ATOM   85   C CA  . LYS A 1 11  ? 7.282   2.360   0.567   1.00 25.68 ? 11  LYS A CA  1 
ATOM   86   C C   . LYS A 1 11  ? 6.445   1.901   1.751   1.00 25.37 ? 11  LYS A C   1 
ATOM   87   O O   . LYS A 1 11  ? 5.307   2.344   1.942   1.00 23.14 ? 11  LYS A O   1 
ATOM   88   C CB  . LYS A 1 11  ? 7.457   1.235   -0.447  1.00 25.52 ? 11  LYS A CB  1 
ATOM   89   C CG  . LYS A 1 11  ? 8.131   1.715   -1.711  1.00 25.25 ? 11  LYS A CG  1 
ATOM   90   C CD  . LYS A 1 11  ? 8.000   0.712   -2.826  1.00 25.54 ? 11  LYS A CD  1 
ATOM   91   C CE  . LYS A 1 11  ? 8.521   1.283   -4.126  1.00 25.98 ? 11  LYS A CE  1 
ATOM   92   N NZ  . LYS A 1 11  ? 8.393   0.293   -5.225  1.00 28.07 ? 11  LYS A NZ  1 
ATOM   93   N N   . GLY A 1 12  ? 7.028   1.013   2.547   1.00 26.12 ? 12  GLY A N   1 
ATOM   94   C CA  . GLY A 1 12  ? 6.349   0.505   3.722   1.00 26.92 ? 12  GLY A CA  1 
ATOM   95   C C   . GLY A 1 12  ? 4.856   0.351   3.535   1.00 27.15 ? 12  GLY A C   1 
ATOM   96   O O   . GLY A 1 12  ? 4.408   -0.490  2.744   1.00 28.01 ? 12  GLY A O   1 
ATOM   97   N N   . LEU A 1 13  ? 4.079   1.174   4.239   1.00 25.55 ? 13  LEU A N   1 
ATOM   98   C CA  . LEU A 1 13  ? 2.629   1.076   4.162   1.00 23.75 ? 13  LEU A CA  1 
ATOM   99   C C   . LEU A 1 13  ? 1.946   2.323   3.652   1.00 22.72 ? 13  LEU A C   1 
ATOM   100  O O   . LEU A 1 13  ? 0.714   2.407   3.601   1.00 22.52 ? 13  LEU A O   1 
ATOM   101  C CB  . LEU A 1 13  ? 2.070   0.685   5.526   1.00 22.60 ? 13  LEU A CB  1 
ATOM   102  C CG  . LEU A 1 13  ? 2.844   1.158   6.752   1.00 22.25 ? 13  LEU A CG  1 
ATOM   103  C CD1 . LEU A 1 13  ? 2.070   0.703   7.978   1.00 22.71 ? 13  LEU A CD1 1 
ATOM   104  C CD2 . LEU A 1 13  ? 4.266   0.586   6.776   1.00 21.05 ? 13  LEU A CD2 1 
ATOM   105  N N   . VAL A 1 14  ? 2.750   3.283   3.235   1.00 21.16 ? 14  VAL A N   1 
ATOM   106  C CA  . VAL A 1 14  ? 2.195   4.516   2.732   1.00 20.81 ? 14  VAL A CA  1 
ATOM   107  C C   . VAL A 1 14  ? 1.941   4.467   1.218   1.00 20.02 ? 14  VAL A C   1 
ATOM   108  O O   . VAL A 1 14  ? 1.007   5.098   0.715   1.00 20.48 ? 14  VAL A O   1 
ATOM   109  C CB  . VAL A 1 14  ? 3.132   5.675   3.088   1.00 20.20 ? 14  VAL A CB  1 
ATOM   110  C CG1 . VAL A 1 14  ? 4.487   5.455   2.461   1.00 20.36 ? 14  VAL A CG1 1 
ATOM   111  C CG2 . VAL A 1 14  ? 2.533   6.976   2.646   1.00 23.13 ? 14  VAL A CG2 1 
ATOM   112  N N   . GLN A 1 15  ? 2.760   3.693   0.507   1.00 19.12 ? 15  GLN A N   1 
ATOM   113  C CA  . GLN A 1 15  ? 2.669   3.559   -0.953  1.00 17.61 ? 15  GLN A CA  1 
ATOM   114  C C   . GLN A 1 15  ? 1.255   3.309   -1.466  1.00 16.63 ? 15  GLN A C   1 
ATOM   115  O O   . GLN A 1 15  ? 0.775   4.020   -2.345  1.00 15.03 ? 15  GLN A O   1 
ATOM   116  C CB  . GLN A 1 15  ? 3.593   2.437   -1.433  1.00 16.56 ? 15  GLN A CB  1 
ATOM   117  C CG  . GLN A 1 15  ? 3.840   2.398   -2.934  1.00 16.44 ? 15  GLN A CG  1 
ATOM   118  C CD  . GLN A 1 15  ? 4.773   3.495   -3.409  1.00 15.70 ? 15  GLN A CD  1 
ATOM   119  O OE1 . GLN A 1 15  ? 5.808   3.746   -2.807  1.00 15.03 ? 15  GLN A OE1 1 
ATOM   120  N NE2 . GLN A 1 15  ? 4.417   4.138   -4.507  1.00 17.18 ? 15  GLN A NE2 1 
ATOM   121  N N   . PRO A 1 16  ? 0.574   2.282   -0.939  1.00 16.81 ? 16  PRO A N   1 
ATOM   122  C CA  . PRO A 1 16  ? -0.786  2.025   -1.408  1.00 17.41 ? 16  PRO A CA  1 
ATOM   123  C C   . PRO A 1 16  ? -1.588  3.314   -1.350  1.00 17.27 ? 16  PRO A C   1 
ATOM   124  O O   . PRO A 1 16  ? -2.427  3.587   -2.203  1.00 16.55 ? 16  PRO A O   1 
ATOM   125  C CB  . PRO A 1 16  ? -1.293  0.981   -0.417  1.00 17.09 ? 16  PRO A CB  1 
ATOM   126  C CG  . PRO A 1 16  ? -0.055  0.196   -0.107  1.00 16.68 ? 16  PRO A CG  1 
ATOM   127  C CD  . PRO A 1 16  ? 0.959   1.305   0.095   1.00 17.23 ? 16  PRO A CD  1 
ATOM   128  N N   . THR A 1 17  ? -1.299  4.113   -0.331  1.00 17.78 ? 17  THR A N   1 
ATOM   129  C CA  . THR A 1 17  ? -1.982  5.378   -0.130  1.00 16.64 ? 17  THR A CA  1 
ATOM   130  C C   . THR A 1 17  ? -1.493  6.364   -1.175  1.00 15.03 ? 17  THR A C   1 
ATOM   131  O O   . THR A 1 17  ? -2.272  7.105   -1.752  1.00 15.03 ? 17  THR A O   1 
ATOM   132  C CB  . THR A 1 17  ? -1.713  5.917   1.281   1.00 17.36 ? 17  THR A CB  1 
ATOM   133  O OG1 . THR A 1 17  ? -1.539  4.811   2.185   1.00 15.03 ? 17  THR A OG1 1 
ATOM   134  C CG2 . THR A 1 17  ? -2.895  6.771   1.750   1.00 16.01 ? 17  THR A CG2 1 
ATOM   135  N N   . ARG A 1 18  ? -0.196  6.361   -1.431  1.00 15.03 ? 18  ARG A N   1 
ATOM   136  C CA  . ARG A 1 18  ? 0.345   7.256   -2.438  1.00 16.50 ? 18  ARG A CA  1 
ATOM   137  C C   . ARG A 1 18  ? -0.383  7.040   -3.756  1.00 15.89 ? 18  ARG A C   1 
ATOM   138  O O   . ARG A 1 18  ? -0.996  7.961   -4.302  1.00 15.03 ? 18  ARG A O   1 
ATOM   139  C CB  . ARG A 1 18  ? 1.846   7.008   -2.617  1.00 17.21 ? 18  ARG A CB  1 
ATOM   140  C CG  . ARG A 1 18  ? 2.711   7.834   -1.682  1.00 18.14 ? 18  ARG A CG  1 
ATOM   141  C CD  . ARG A 1 18  ? 4.020   7.164   -1.390  1.00 20.06 ? 18  ARG A CD  1 
ATOM   142  N NE  . ARG A 1 18  ? 4.850   7.958   -0.493  1.00 23.65 ? 18  ARG A NE  1 
ATOM   143  C CZ  . ARG A 1 18  ? 5.869   7.470   0.210   1.00 26.87 ? 18  ARG A CZ  1 
ATOM   144  N NH1 . ARG A 1 18  ? 6.185   6.185   0.120   1.00 25.74 ? 18  ARG A NH1 1 
ATOM   145  N NH2 . ARG A 1 18  ? 6.576   8.263   1.007   1.00 29.15 ? 18  ARG A NH2 1 
ATOM   146  N N   . LEU A 1 19  ? -0.320  5.802   -4.242  1.00 16.37 ? 19  LEU A N   1 
ATOM   147  C CA  . LEU A 1 19  ? -0.945  5.408   -5.498  1.00 15.29 ? 19  LEU A CA  1 
ATOM   148  C C   . LEU A 1 19  ? -2.378  5.876   -5.572  1.00 15.24 ? 19  LEU A C   1 
ATOM   149  O O   . LEU A 1 19  ? -2.755  6.556   -6.513  1.00 15.87 ? 19  LEU A O   1 
ATOM   150  C CB  . LEU A 1 19  ? -0.877  3.892   -5.667  1.00 15.60 ? 19  LEU A CB  1 
ATOM   151  C CG  . LEU A 1 19  ? 0.560   3.351   -5.715  1.00 16.40 ? 19  LEU A CG  1 
ATOM   152  C CD1 . LEU A 1 19  ? 0.557   1.852   -5.837  1.00 17.99 ? 19  LEU A CD1 1 
ATOM   153  C CD2 . LEU A 1 19  ? 1.293   3.949   -6.888  1.00 16.57 ? 19  LEU A CD2 1 
ATOM   154  N N   . LEU A 1 20  ? -3.178  5.527   -4.576  1.00 16.04 ? 20  LEU A N   1 
ATOM   155  C CA  . LEU A 1 20  ? -4.571  5.952   -4.576  1.00 17.15 ? 20  LEU A CA  1 
ATOM   156  C C   . LEU A 1 20  ? -4.717  7.457   -4.783  1.00 18.83 ? 20  LEU A C   1 
ATOM   157  O O   . LEU A 1 20  ? -5.361  7.886   -5.741  1.00 20.22 ? 20  LEU A O   1 
ATOM   158  C CB  . LEU A 1 20  ? -5.258  5.560   -3.271  1.00 15.49 ? 20  LEU A CB  1 
ATOM   159  C CG  . LEU A 1 20  ? -6.663  6.131   -3.103  1.00 15.03 ? 20  LEU A CG  1 
ATOM   160  C CD1 . LEU A 1 20  ? -7.525  5.776   -4.292  1.00 15.03 ? 20  LEU A CD1 1 
ATOM   161  C CD2 . LEU A 1 20  ? -7.264  5.594   -1.841  1.00 15.03 ? 20  LEU A CD2 1 
ATOM   162  N N   . LEU A 1 21  ? -4.126  8.253   -3.889  1.00 20.13 ? 21  LEU A N   1 
ATOM   163  C CA  . LEU A 1 21  ? -4.207  9.711   -3.992  1.00 19.27 ? 21  LEU A CA  1 
ATOM   164  C C   . LEU A 1 21  ? -3.925  10.095  -5.433  1.00 20.49 ? 21  LEU A C   1 
ATOM   165  O O   . LEU A 1 21  ? -4.754  10.738  -6.073  1.00 19.78 ? 21  LEU A O   1 
ATOM   166  C CB  . LEU A 1 21  ? -3.196  10.407  -3.051  1.00 18.24 ? 21  LEU A CB  1 
ATOM   167  C CG  . LEU A 1 21  ? -3.422  10.483  -1.522  1.00 16.71 ? 21  LEU A CG  1 
ATOM   168  C CD1 . LEU A 1 21  ? -2.235  11.142  -0.856  1.00 15.84 ? 21  LEU A CD1 1 
ATOM   169  C CD2 . LEU A 1 21  ? -4.670  11.275  -1.199  1.00 15.03 ? 21  LEU A CD2 1 
ATOM   170  N N   . GLU A 1 22  ? -2.767  9.666   -5.938  1.00 21.83 ? 22  GLU A N   1 
ATOM   171  C CA  . GLU A 1 22  ? -2.338  9.947   -7.312  1.00 22.88 ? 22  GLU A CA  1 
ATOM   172  C C   . GLU A 1 22  ? -3.400  9.615   -8.337  1.00 22.73 ? 22  GLU A C   1 
ATOM   173  O O   . GLU A 1 22  ? -3.643  10.382  -9.266  1.00 21.41 ? 22  GLU A O   1 
ATOM   174  C CB  . GLU A 1 22  ? -1.085  9.147   -7.641  1.00 25.16 ? 22  GLU A CB  1 
ATOM   175  C CG  . GLU A 1 22  ? 0.216   9.779   -7.183  1.00 31.09 ? 22  GLU A CG  1 
ATOM   176  C CD  . GLU A 1 22  ? 0.535   11.082  -7.912  1.00 33.44 ? 22  GLU A CD  1 
ATOM   177  O OE1 . GLU A 1 22  ? 0.251   11.164  -9.129  1.00 35.54 ? 22  GLU A OE1 1 
ATOM   178  O OE2 . GLU A 1 22  ? 1.083   12.013  -7.274  1.00 33.66 ? 22  GLU A OE2 1 
ATOM   179  N N   . TYR A 1 23  ? -4.010  8.449   -8.153  1.00 25.07 ? 23  TYR A N   1 
ATOM   180  C CA  . TYR A 1 23  ? -5.062  7.932   -9.018  1.00 26.81 ? 23  TYR A CA  1 
ATOM   181  C C   . TYR A 1 23  ? -6.246  8.889   -9.120  1.00 29.03 ? 23  TYR A C   1 
ATOM   182  O O   . TYR A 1 23  ? -6.861  9.020   -10.179 1.00 27.93 ? 23  TYR A O   1 
ATOM   183  C CB  . TYR A 1 23  ? -5.538  6.575   -8.486  1.00 25.13 ? 23  TYR A CB  1 
ATOM   184  C CG  . TYR A 1 23  ? -6.883  6.158   -9.021  1.00 26.25 ? 23  TYR A CG  1 
ATOM   185  C CD1 . TYR A 1 23  ? -7.054  5.836   -10.369 1.00 26.08 ? 23  TYR A CD1 1 
ATOM   186  C CD2 . TYR A 1 23  ? -8.005  6.141   -8.196  1.00 26.93 ? 23  TYR A CD2 1 
ATOM   187  C CE1 . TYR A 1 23  ? -8.310  5.515   -10.883 1.00 24.68 ? 23  TYR A CE1 1 
ATOM   188  C CE2 . TYR A 1 23  ? -9.265  5.820   -8.702  1.00 27.07 ? 23  TYR A CE2 1 
ATOM   189  C CZ  . TYR A 1 23  ? -9.404  5.512   -10.045 1.00 25.30 ? 23  TYR A CZ  1 
ATOM   190  O OH  . TYR A 1 23  ? -10.643 5.213   -10.546 1.00 26.19 ? 23  TYR A OH  1 
ATOM   191  N N   . LEU A 1 24  ? -6.560  9.553   -8.011  1.00 32.89 ? 24  LEU A N   1 
ATOM   192  C CA  . LEU A 1 24  ? -7.674  10.500  -7.955  1.00 36.29 ? 24  LEU A CA  1 
ATOM   193  C C   . LEU A 1 24  ? -7.240  11.931  -8.308  1.00 39.70 ? 24  LEU A C   1 
ATOM   194  O O   . LEU A 1 24  ? -7.997  12.884  -8.106  1.00 39.67 ? 24  LEU A O   1 
ATOM   195  C CB  . LEU A 1 24  ? -8.291  10.478  -6.556  1.00 33.66 ? 24  LEU A CB  1 
ATOM   196  C CG  . LEU A 1 24  ? -8.704  9.091   -6.071  1.00 31.92 ? 24  LEU A CG  1 
ATOM   197  C CD1 . LEU A 1 24  ? -8.872  9.126   -4.583  1.00 33.10 ? 24  LEU A CD1 1 
ATOM   198  C CD2 . LEU A 1 24  ? -9.981  8.642   -6.747  1.00 30.18 ? 24  LEU A CD2 1 
ATOM   199  N N   . GLU A 1 25  ? -6.030  12.073  -8.850  1.00 43.98 ? 25  GLU A N   1 
ATOM   200  C CA  . GLU A 1 25  ? -5.504  13.384  -9.209  1.00 47.44 ? 25  GLU A CA  1 
ATOM   201  C C   . GLU A 1 25  ? -5.818  14.337  -8.067  1.00 49.61 ? 25  GLU A C   1 
ATOM   202  O O   . GLU A 1 25  ? -6.515  15.335  -8.247  1.00 49.10 ? 25  GLU A O   1 
ATOM   203  C CB  . GLU A 1 25  ? -6.157  13.901  -10.489 1.00 48.71 ? 25  GLU A CB  1 
ATOM   204  C CG  . GLU A 1 25  ? -5.825  13.123  -11.748 1.00 49.95 ? 25  GLU A CG  1 
ATOM   205  C CD  . GLU A 1 25  ? -6.673  13.579  -12.928 1.00 51.35 ? 25  GLU A CD  1 
ATOM   206  O OE1 . GLU A 1 25  ? -7.922  13.514  -12.821 1.00 51.45 ? 25  GLU A OE1 1 
ATOM   207  O OE2 . GLU A 1 25  ? -6.093  14.005  -13.953 1.00 50.47 ? 25  GLU A OE2 1 
ATOM   208  N N   . GLU A 1 26  ? -5.325  14.000  -6.881  1.00 52.35 ? 26  GLU A N   1 
ATOM   209  C CA  . GLU A 1 26  ? -5.542  14.823  -5.704  1.00 55.28 ? 26  GLU A CA  1 
ATOM   210  C C   . GLU A 1 26  ? -4.350  15.716  -5.462  1.00 57.19 ? 26  GLU A C   1 
ATOM   211  O O   . GLU A 1 26  ? -3.248  15.448  -5.935  1.00 57.01 ? 26  GLU A O   1 
ATOM   212  C CB  . GLU A 1 26  ? -5.776  13.962  -4.465  1.00 56.65 ? 26  GLU A CB  1 
ATOM   213  C CG  . GLU A 1 26  ? -7.233  13.640  -4.204  1.00 59.18 ? 26  GLU A CG  1 
ATOM   214  C CD  . GLU A 1 26  ? -8.057  14.874  -3.913  1.00 59.76 ? 26  GLU A CD  1 
ATOM   215  O OE1 . GLU A 1 26  ? -9.286  14.734  -3.743  1.00 61.04 ? 26  GLU A OE1 1 
ATOM   216  O OE2 . GLU A 1 26  ? -7.478  15.979  -3.853  1.00 60.41 ? 26  GLU A OE2 1 
ATOM   217  N N   . LYS A 1 27  ? -4.580  16.782  -4.712  1.00 59.67 ? 27  LYS A N   1 
ATOM   218  C CA  . LYS A 1 27  ? -3.526  17.720  -4.410  1.00 61.56 ? 27  LYS A CA  1 
ATOM   219  C C   . LYS A 1 27  ? -2.977  17.422  -3.016  1.00 61.98 ? 27  LYS A C   1 
ATOM   220  O O   . LYS A 1 27  ? -3.739  17.305  -2.055  1.00 61.30 ? 27  LYS A O   1 
ATOM   221  C CB  . LYS A 1 27  ? -4.085  19.140  -4.498  1.00 62.73 ? 27  LYS A CB  1 
ATOM   222  C CG  . LYS A 1 27  ? -3.035  20.163  -4.848  1.00 66.75 ? 27  LYS A CG  1 
ATOM   223  C CD  . LYS A 1 27  ? -3.644  21.488  -5.248  1.00 69.60 ? 27  LYS A CD  1 
ATOM   224  C CE  . LYS A 1 27  ? -2.548  22.483  -5.616  1.00 71.34 ? 27  LYS A CE  1 
ATOM   225  N NZ  . LYS A 1 27  ? -1.663  21.950  -6.697  1.00 71.86 ? 27  LYS A NZ  1 
ATOM   226  N N   . TYR A 1 28  ? -1.657  17.275  -2.912  1.00 62.96 ? 28  TYR A N   1 
ATOM   227  C CA  . TYR A 1 28  ? -1.034  16.994  -1.623  1.00 63.98 ? 28  TYR A CA  1 
ATOM   228  C C   . TYR A 1 28  ? 0.483   17.218  -1.604  1.00 65.40 ? 28  TYR A C   1 
ATOM   229  O O   . TYR A 1 28  ? 1.167   17.002  -2.603  1.00 65.41 ? 28  TYR A O   1 
ATOM   230  C CB  . TYR A 1 28  ? -1.344  15.559  -1.210  1.00 63.47 ? 28  TYR A CB  1 
ATOM   231  C CG  . TYR A 1 28  ? -0.472  14.521  -1.870  1.00 62.86 ? 28  TYR A CG  1 
ATOM   232  C CD1 . TYR A 1 28  ? -0.379  14.429  -3.256  1.00 63.54 ? 28  TYR A CD1 1 
ATOM   233  C CD2 . TYR A 1 28  ? 0.264   13.625  -1.101  1.00 63.16 ? 28  TYR A CD2 1 
ATOM   234  C CE1 . TYR A 1 28  ? 0.435   13.461  -3.864  1.00 64.37 ? 28  TYR A CE1 1 
ATOM   235  C CE2 . TYR A 1 28  ? 1.076   12.659  -1.690  1.00 63.94 ? 28  TYR A CE2 1 
ATOM   236  C CZ  . TYR A 1 28  ? 1.163   12.577  -3.070  1.00 64.35 ? 28  TYR A CZ  1 
ATOM   237  O OH  . TYR A 1 28  ? 1.977   11.613  -3.637  1.00 63.25 ? 28  TYR A OH  1 
ATOM   238  N N   . GLU A 1 29  ? 0.992   17.656  -0.455  1.00 67.27 ? 29  GLU A N   1 
ATOM   239  C CA  . GLU A 1 29  ? 2.421   17.907  -0.261  1.00 69.38 ? 29  GLU A CA  1 
ATOM   240  C C   . GLU A 1 29  ? 2.989   16.799  0.619   1.00 69.38 ? 29  GLU A C   1 
ATOM   241  O O   . GLU A 1 29  ? 2.299   16.290  1.502   1.00 68.87 ? 29  GLU A O   1 
ATOM   242  C CB  . GLU A 1 29  ? 2.639   19.262  0.419   1.00 72.56 ? 29  GLU A CB  1 
ATOM   243  C CG  . GLU A 1 29  ? 2.547   20.479  -0.503  1.00 76.82 ? 29  GLU A CG  1 
ATOM   244  C CD  . GLU A 1 29  ? 3.897   20.875  -1.092  1.00 79.22 ? 29  GLU A CD  1 
ATOM   245  O OE1 . GLU A 1 29  ? 4.836   21.123  -0.303  1.00 80.27 ? 29  GLU A OE1 1 
ATOM   246  O OE2 . GLU A 1 29  ? 4.017   20.944  -2.336  1.00 79.80 ? 29  GLU A OE2 1 
ATOM   247  N N   . GLU A 1 30  ? 4.250   16.441  0.398   1.00 70.05 ? 30  GLU A N   1 
ATOM   248  C CA  . GLU A 1 30  ? 4.868   15.359  1.159   1.00 71.16 ? 30  GLU A CA  1 
ATOM   249  C C   . GLU A 1 30  ? 6.009   15.728  2.115   1.00 71.96 ? 30  GLU A C   1 
ATOM   250  O O   . GLU A 1 30  ? 6.932   16.459  1.761   1.00 72.31 ? 30  GLU A O   1 
ATOM   251  C CB  . GLU A 1 30  ? 5.365   14.280  0.189   1.00 70.62 ? 30  GLU A CB  1 
ATOM   252  C CG  . GLU A 1 30  ? 4.636   12.946  0.279   1.00 68.78 ? 30  GLU A CG  1 
ATOM   253  C CD  . GLU A 1 30  ? 5.221   11.898  -0.652  1.00 68.16 ? 30  GLU A CD  1 
ATOM   254  O OE1 . GLU A 1 30  ? 5.219   12.116  -1.884  1.00 68.42 ? 30  GLU A OE1 1 
ATOM   255  O OE2 . GLU A 1 30  ? 5.686   10.854  -0.151  1.00 66.80 ? 30  GLU A OE2 1 
ATOM   256  N N   . HIS A 1 31  ? 5.931   15.201  3.332   1.00 72.92 ? 31  HIS A N   1 
ATOM   257  C CA  . HIS A 1 31  ? 6.953   15.415  4.352   1.00 74.01 ? 31  HIS A CA  1 
ATOM   258  C C   . HIS A 1 31  ? 7.772   14.140  4.378   1.00 72.74 ? 31  HIS A C   1 
ATOM   259  O O   . HIS A 1 31  ? 7.310   13.140  4.915   1.00 72.19 ? 31  HIS A O   1 
ATOM   260  C CB  . HIS A 1 31  ? 6.322   15.580  5.734   1.00 77.64 ? 31  HIS A CB  1 
ATOM   261  C CG  . HIS A 1 31  ? 6.317   16.985  6.249   1.00 81.19 ? 31  HIS A CG  1 
ATOM   262  N ND1 . HIS A 1 31  ? 5.271   17.857  6.028   1.00 82.51 ? 31  HIS A ND1 1 
ATOM   263  C CD2 . HIS A 1 31  ? 7.216   17.660  7.005   1.00 82.59 ? 31  HIS A CD2 1 
ATOM   264  C CE1 . HIS A 1 31  ? 5.526   19.007  6.628   1.00 83.82 ? 31  HIS A CE1 1 
ATOM   265  N NE2 . HIS A 1 31  ? 6.699   18.914  7.228   1.00 84.14 ? 31  HIS A NE2 1 
ATOM   266  N N   . LEU A 1 32  ? 8.974   14.159  3.817   1.00 72.12 ? 32  LEU A N   1 
ATOM   267  C CA  . LEU A 1 32  ? 9.795   12.950  3.808   1.00 71.97 ? 32  LEU A CA  1 
ATOM   268  C C   . LEU A 1 32  ? 11.074  13.054  4.630   1.00 71.13 ? 32  LEU A C   1 
ATOM   269  O O   . LEU A 1 32  ? 11.870  13.979  4.452   1.00 71.31 ? 32  LEU A O   1 
ATOM   270  C CB  . LEU A 1 32  ? 10.151  12.550  2.370   1.00 73.56 ? 32  LEU A CB  1 
ATOM   271  C CG  . LEU A 1 32  ? 9.017   12.217  1.393   1.00 73.68 ? 32  LEU A CG  1 
ATOM   272  C CD1 . LEU A 1 32  ? 8.256   13.489  1.062   1.00 73.38 ? 32  LEU A CD1 1 
ATOM   273  C CD2 . LEU A 1 32  ? 9.587   11.590  0.124   1.00 73.31 ? 32  LEU A CD2 1 
ATOM   274  N N   . TYR A 1 33  ? 11.270  12.082  5.516   1.00 69.93 ? 33  TYR A N   1 
ATOM   275  C CA  . TYR A 1 33  ? 12.438  12.038  6.388   1.00 69.56 ? 33  TYR A CA  1 
ATOM   276  C C   . TYR A 1 33  ? 13.453  11.047  5.820   1.00 70.50 ? 33  TYR A C   1 
ATOM   277  O O   . TYR A 1 33  ? 13.079  9.962   5.383   1.00 71.20 ? 33  TYR A O   1 
ATOM   278  C CB  . TYR A 1 33  ? 12.002  11.616  7.791   1.00 67.08 ? 33  TYR A CB  1 
ATOM   279  C CG  . TYR A 1 33  ? 10.865  12.446  8.357   1.00 64.96 ? 33  TYR A CG  1 
ATOM   280  C CD1 . TYR A 1 33  ? 9.668   12.593  7.660   1.00 64.48 ? 33  TYR A CD1 1 
ATOM   281  C CD2 . TYR A 1 33  ? 10.970  13.055  9.604   1.00 64.16 ? 33  TYR A CD2 1 
ATOM   282  C CE1 . TYR A 1 33  ? 8.604   13.317  8.192   1.00 63.81 ? 33  TYR A CE1 1 
ATOM   283  C CE2 . TYR A 1 33  ? 9.907   13.782  10.145  1.00 63.08 ? 33  TYR A CE2 1 
ATOM   284  C CZ  . TYR A 1 33  ? 8.729   13.903  9.432   1.00 63.04 ? 33  TYR A CZ  1 
ATOM   285  O OH  . TYR A 1 33  ? 7.663   14.586  9.962   1.00 63.06 ? 33  TYR A OH  1 
ATOM   286  N N   . GLU A 1 34  ? 14.733  11.413  5.834   1.00 71.60 ? 34  GLU A N   1 
ATOM   287  C CA  . GLU A 1 34  ? 15.785  10.557  5.281   1.00 72.86 ? 34  GLU A CA  1 
ATOM   288  C C   . GLU A 1 34  ? 16.244  9.420   6.209   1.00 73.72 ? 34  GLU A C   1 
ATOM   289  O O   . GLU A 1 34  ? 15.638  9.170   7.248   1.00 73.82 ? 34  GLU A O   1 
ATOM   290  C CB  . GLU A 1 34  ? 16.999  11.410  4.887   1.00 73.29 ? 34  GLU A CB  1 
ATOM   291  C CG  . GLU A 1 34  ? 16.688  12.739  4.171   1.00 73.42 ? 34  GLU A CG  1 
ATOM   292  C CD  . GLU A 1 34  ? 16.046  12.577  2.798   1.00 72.75 ? 34  GLU A CD  1 
ATOM   293  O OE1 . GLU A 1 34  ? 16.638  11.907  1.924   1.00 71.70 ? 34  GLU A OE1 1 
ATOM   294  O OE2 . GLU A 1 34  ? 14.947  13.136  2.590   1.00 72.34 ? 34  GLU A OE2 1 
ATOM   295  N N   . ARG A 1 35  ? 17.319  8.739   5.813   1.00 75.05 ? 35  ARG A N   1 
ATOM   296  C CA  . ARG A 1 35  ? 17.896  7.619   6.570   1.00 76.74 ? 35  ARG A CA  1 
ATOM   297  C C   . ARG A 1 35  ? 18.607  8.128   7.827   1.00 78.28 ? 35  ARG A C   1 
ATOM   298  O O   . ARG A 1 35  ? 18.815  7.382   8.788   1.00 78.52 ? 35  ARG A O   1 
ATOM   299  C CB  . ARG A 1 35  ? 18.902  6.867   5.680   1.00 76.11 ? 35  ARG A CB  1 
ATOM   300  C CG  . ARG A 1 35  ? 19.506  5.570   6.250   1.00 75.84 ? 35  ARG A CG  1 
ATOM   301  C CD  . ARG A 1 35  ? 20.609  5.073   5.303   1.00 75.86 ? 35  ARG A CD  1 
ATOM   302  N NE  . ARG A 1 35  ? 20.952  3.654   5.445   1.00 76.49 ? 35  ARG A NE  1 
ATOM   303  C CZ  . ARG A 1 35  ? 21.680  2.973   4.556   1.00 76.50 ? 35  ARG A CZ  1 
ATOM   304  N NH1 . ARG A 1 35  ? 22.140  3.578   3.465   1.00 75.85 ? 35  ARG A NH1 1 
ATOM   305  N NH2 . ARG A 1 35  ? 21.949  1.685   4.743   1.00 75.80 ? 35  ARG A NH2 1 
ATOM   306  N N   . ASP A 1 36  ? 18.973  9.405   7.801   1.00 79.43 ? 36  ASP A N   1 
ATOM   307  C CA  . ASP A 1 36  ? 19.670  10.040  8.912   1.00 80.28 ? 36  ASP A CA  1 
ATOM   308  C C   . ASP A 1 36  ? 18.794  11.009  9.719   1.00 80.65 ? 36  ASP A C   1 
ATOM   309  O O   . ASP A 1 36  ? 19.103  11.310  10.875  1.00 80.54 ? 36  ASP A O   1 
ATOM   310  C CB  . ASP A 1 36  ? 20.910  10.781  8.389   1.00 81.32 ? 36  ASP A CB  1 
ATOM   311  C CG  . ASP A 1 36  ? 20.600  11.697  7.200   1.00 81.86 ? 36  ASP A CG  1 
ATOM   312  O OD1 . ASP A 1 36  ? 19.583  12.423  7.237   1.00 82.55 ? 36  ASP A OD1 1 
ATOM   313  O OD2 . ASP A 1 36  ? 21.386  11.702  6.228   1.00 82.09 ? 36  ASP A OD2 1 
ATOM   314  N N   . GLU A 1 37  ? 17.704  11.484  9.116   1.00 80.60 ? 37  GLU A N   1 
ATOM   315  C CA  . GLU A 1 37  ? 16.801  12.433  9.774   1.00 80.31 ? 37  GLU A CA  1 
ATOM   316  C C   . GLU A 1 37  ? 15.885  11.765  10.806  1.00 80.34 ? 37  GLU A C   1 
ATOM   317  O O   . GLU A 1 37  ? 14.854  12.320  11.197  1.00 79.32 ? 37  GLU A O   1 
ATOM   318  C CB  . GLU A 1 37  ? 15.968  13.171  8.714   1.00 79.95 ? 37  GLU A CB  1 
ATOM   319  C CG  . GLU A 1 37  ? 16.787  13.588  7.487   1.00 80.54 ? 37  GLU A CG  1 
ATOM   320  C CD  . GLU A 1 37  ? 16.114  14.646  6.621   1.00 80.96 ? 37  GLU A CD  1 
ATOM   321  O OE1 . GLU A 1 37  ? 14.919  14.489  6.294   1.00 80.84 ? 37  GLU A OE1 1 
ATOM   322  O OE2 . GLU A 1 37  ? 16.792  15.632  6.255   1.00 80.70 ? 37  GLU A OE2 1 
ATOM   323  N N   . GLY A 1 38  ? 16.292  10.578  11.256  1.00 80.47 ? 38  GLY A N   1 
ATOM   324  C CA  . GLY A 1 38  ? 15.525  9.824   12.233  1.00 80.86 ? 38  GLY A CA  1 
ATOM   325  C C   . GLY A 1 38  ? 15.246  10.535  13.545  1.00 81.31 ? 38  GLY A C   1 
ATOM   326  O O   . GLY A 1 38  ? 14.594  9.985   14.431  1.00 80.29 ? 38  GLY A O   1 
ATOM   327  N N   . ASP A 1 39  ? 15.751  11.754  13.679  1.00 82.86 ? 39  ASP A N   1 
ATOM   328  C CA  . ASP A 1 39  ? 15.540  12.541  14.886  1.00 84.39 ? 39  ASP A CA  1 
ATOM   329  C C   . ASP A 1 39  ? 14.745  13.779  14.516  1.00 84.21 ? 39  ASP A C   1 
ATOM   330  O O   . ASP A 1 39  ? 14.023  14.344  15.341  1.00 84.33 ? 39  ASP A O   1 
ATOM   331  C CB  . ASP A 1 39  ? 16.882  12.933  15.518  1.00 85.81 ? 39  ASP A CB  1 
ATOM   332  C CG  . ASP A 1 39  ? 18.012  12.977  14.509  1.00 86.77 ? 39  ASP A CG  1 
ATOM   333  O OD1 . ASP A 1 39  ? 17.894  13.722  13.510  1.00 86.29 ? 39  ASP A OD1 1 
ATOM   334  O OD2 . ASP A 1 39  ? 19.016  12.260  14.719  1.00 87.59 ? 39  ASP A OD2 1 
ATOM   335  N N   . LYS A 1 40  ? 14.882  14.197  13.264  1.00 83.77 ? 40  LYS A N   1 
ATOM   336  C CA  . LYS A 1 40  ? 14.153  15.352  12.776  1.00 83.63 ? 40  LYS A CA  1 
ATOM   337  C C   . LYS A 1 40  ? 12.700  15.018  13.081  1.00 83.38 ? 40  LYS A C   1 
ATOM   338  O O   . LYS A 1 40  ? 11.873  15.902  13.303  1.00 83.30 ? 40  LYS A O   1 
ATOM   339  C CB  . LYS A 1 40  ? 14.374  15.496  11.272  1.00 84.44 ? 40  LYS A CB  1 
ATOM   340  C CG  . LYS A 1 40  ? 13.777  16.736  10.641  1.00 84.96 ? 40  LYS A CG  1 
ATOM   341  C CD  . LYS A 1 40  ? 14.192  16.809  9.177   1.00 86.51 ? 40  LYS A CD  1 
ATOM   342  C CE  . LYS A 1 40  ? 13.567  17.996  8.461   1.00 87.71 ? 40  LYS A CE  1 
ATOM   343  N NZ  . LYS A 1 40  ? 13.968  18.050  7.022   1.00 88.20 ? 40  LYS A NZ  1 
ATOM   344  N N   . TRP A 1 41  ? 12.422  13.715  13.101  1.00 83.04 ? 41  TRP A N   1 
ATOM   345  C CA  . TRP A 1 41  ? 11.096  13.174  13.393  1.00 82.57 ? 41  TRP A CA  1 
ATOM   346  C C   . TRP A 1 41  ? 10.827  13.275  14.884  1.00 83.84 ? 41  TRP A C   1 
ATOM   347  O O   . TRP A 1 41  ? 9.965   14.031  15.333  1.00 83.38 ? 41  TRP A O   1 
ATOM   348  C CB  . TRP A 1 41  ? 11.031  11.699  12.973  1.00 79.66 ? 41  TRP A CB  1 
ATOM   349  C CG  . TRP A 1 41  ? 9.889   10.911  13.585  1.00 76.30 ? 41  TRP A CG  1 
ATOM   350  C CD1 . TRP A 1 41  ? 9.984   9.768   14.334  1.00 75.17 ? 41  TRP A CD1 1 
ATOM   351  C CD2 . TRP A 1 41  ? 8.492   11.201  13.475  1.00 74.31 ? 41  TRP A CD2 1 
ATOM   352  N NE1 . TRP A 1 41  ? 8.733   9.330   14.695  1.00 73.80 ? 41  TRP A NE1 1 
ATOM   353  C CE2 . TRP A 1 41  ? 7.800   10.191  14.182  1.00 73.27 ? 41  TRP A CE2 1 
ATOM   354  C CE3 . TRP A 1 41  ? 7.756   12.215  12.848  1.00 73.38 ? 41  TRP A CE3 1 
ATOM   355  C CZ2 . TRP A 1 41  ? 6.410   10.168  14.278  1.00 72.47 ? 41  TRP A CZ2 1 
ATOM   356  C CZ3 . TRP A 1 41  ? 6.376   12.191  12.942  1.00 72.45 ? 41  TRP A CZ3 1 
ATOM   357  C CH2 . TRP A 1 41  ? 5.717   11.173  13.653  1.00 72.59 ? 41  TRP A CH2 1 
ATOM   358  N N   . ARG A 1 42  ? 11.589  12.488  15.637  1.00 85.69 ? 42  ARG A N   1 
ATOM   359  C CA  . ARG A 1 42  ? 11.497  12.418  17.087  1.00 87.44 ? 42  ARG A CA  1 
ATOM   360  C C   . ARG A 1 42  ? 11.107  13.751  17.723  1.00 86.94 ? 42  ARG A C   1 
ATOM   361  O O   . ARG A 1 42  ? 10.503  13.776  18.797  1.00 87.14 ? 42  ARG A O   1 
ATOM   362  C CB  . ARG A 1 42  ? 12.840  11.930  17.655  1.00 90.06 ? 42  ARG A CB  1 
ATOM   363  C CG  . ARG A 1 42  ? 13.294  10.563  17.109  1.00 92.82 ? 42  ARG A CG  1 
ATOM   364  C CD  . ARG A 1 42  ? 14.767  10.279  17.421  1.00 95.41 ? 42  ARG A CD  1 
ATOM   365  N NE  . ARG A 1 42  ? 15.210  8.979   16.913  1.00 97.15 ? 42  ARG A NE  1 
ATOM   366  C CZ  . ARG A 1 42  ? 16.469  8.544   16.947  1.00 98.11 ? 42  ARG A CZ  1 
ATOM   367  N NH1 . ARG A 1 42  ? 17.428  9.302   17.465  1.00 98.07 ? 42  ARG A NH1 1 
ATOM   368  N NH2 . ARG A 1 42  ? 16.770  7.341   16.468  1.00 97.94 ? 42  ARG A NH2 1 
ATOM   369  N N   . ASN A 1 43  ? 11.442  14.855  17.060  1.00 86.14 ? 43  ASN A N   1 
ATOM   370  C CA  . ASN A 1 43  ? 11.114  16.174  17.585  1.00 85.64 ? 43  ASN A CA  1 
ATOM   371  C C   . ASN A 1 43  ? 9.647   16.535  17.382  1.00 84.24 ? 43  ASN A C   1 
ATOM   372  O O   . ASN A 1 43  ? 8.899   16.679  18.353  1.00 84.69 ? 43  ASN A O   1 
ATOM   373  C CB  . ASN A 1 43  ? 11.992  17.250  16.938  1.00 87.11 ? 43  ASN A CB  1 
ATOM   374  C CG  . ASN A 1 43  ? 11.766  18.634  17.546  1.00 88.45 ? 43  ASN A CG  1 
ATOM   375  O OD1 . ASN A 1 43  ? 10.669  19.198  17.461  1.00 88.80 ? 43  ASN A OD1 1 
ATOM   376  N ND2 . ASN A 1 43  ? 12.805  19.183  18.168  1.00 88.60 ? 43  ASN A ND2 1 
ATOM   377  N N   . LYS A 1 44  ? 9.238   16.685  16.125  1.00 81.92 ? 44  LYS A N   1 
ATOM   378  C CA  . LYS A 1 44  ? 7.857   17.045  15.811  1.00 79.26 ? 44  LYS A CA  1 
ATOM   379  C C   . LYS A 1 44  ? 6.858   15.936  16.154  1.00 77.39 ? 44  LYS A C   1 
ATOM   380  O O   . LYS A 1 44  ? 5.642   16.146  16.098  1.00 76.54 ? 44  LYS A O   1 
ATOM   381  C CB  . LYS A 1 44  ? 7.727   17.398  14.325  1.00 78.67 ? 44  LYS A CB  1 
ATOM   382  C CG  . LYS A 1 44  ? 8.597   18.557  13.877  1.00 77.57 ? 44  LYS A CG  1 
ATOM   383  C CD  . LYS A 1 44  ? 8.277   18.960  12.452  1.00 76.11 ? 44  LYS A CD  1 
ATOM   384  C CE  . LYS A 1 44  ? 9.088   20.168  12.040  1.00 75.70 ? 44  LYS A CE  1 
ATOM   385  N NZ  . LYS A 1 44  ? 8.629   20.676  10.727  1.00 76.27 ? 44  LYS A NZ  1 
ATOM   386  N N   . LYS A 1 45  ? 7.375   14.764  16.521  1.00 74.91 ? 45  LYS A N   1 
ATOM   387  C CA  . LYS A 1 45  ? 6.525   13.630  16.849  1.00 72.04 ? 45  LYS A CA  1 
ATOM   388  C C   . LYS A 1 45  ? 5.339   14.004  17.717  1.00 71.62 ? 45  LYS A C   1 
ATOM   389  O O   . LYS A 1 45  ? 4.349   13.284  17.753  1.00 72.82 ? 45  LYS A O   1 
ATOM   390  C CB  . LYS A 1 45  ? 7.316   12.524  17.544  1.00 69.57 ? 45  LYS A CB  1 
ATOM   391  C CG  . LYS A 1 45  ? 6.488   11.269  17.701  1.00 67.86 ? 45  LYS A CG  1 
ATOM   392  C CD  . LYS A 1 45  ? 7.155   10.223  18.553  1.00 68.15 ? 45  LYS A CD  1 
ATOM   393  C CE  . LYS A 1 45  ? 6.227   9.030   18.731  1.00 68.40 ? 45  LYS A CE  1 
ATOM   394  N NZ  . LYS A 1 45  ? 6.771   8.009   19.666  1.00 68.47 ? 45  LYS A NZ  1 
ATOM   395  N N   . PHE A 1 46  ? 5.431   15.122  18.425  1.00 71.03 ? 46  PHE A N   1 
ATOM   396  C CA  . PHE A 1 46  ? 4.331   15.556  19.274  1.00 70.42 ? 46  PHE A CA  1 
ATOM   397  C C   . PHE A 1 46  ? 3.842   16.935  18.858  1.00 69.64 ? 46  PHE A C   1 
ATOM   398  O O   . PHE A 1 46  ? 2.639   17.206  18.853  1.00 69.52 ? 46  PHE A O   1 
ATOM   399  C CB  . PHE A 1 46  ? 4.770   15.585  20.742  1.00 70.63 ? 46  PHE A CB  1 
ATOM   400  C CG  . PHE A 1 46  ? 4.998   14.224  21.337  1.00 71.20 ? 46  PHE A CG  1 
ATOM   401  C CD1 . PHE A 1 46  ? 6.016   13.401  20.861  1.00 71.26 ? 46  PHE A CD1 1 
ATOM   402  C CD2 . PHE A 1 46  ? 4.189   13.762  22.374  1.00 71.96 ? 46  PHE A CD2 1 
ATOM   403  C CE1 . PHE A 1 46  ? 6.226   12.135  21.412  1.00 71.84 ? 46  PHE A CE1 1 
ATOM   404  C CE2 . PHE A 1 46  ? 4.389   12.497  22.934  1.00 72.42 ? 46  PHE A CE2 1 
ATOM   405  C CZ  . PHE A 1 46  ? 5.410   11.682  22.452  1.00 72.40 ? 46  PHE A CZ  1 
ATOM   406  N N   . GLU A 1 47  ? 4.793   17.794  18.499  1.00 68.61 ? 47  GLU A N   1 
ATOM   407  C CA  . GLU A 1 47  ? 4.517   19.167  18.086  1.00 67.06 ? 47  GLU A CA  1 
ATOM   408  C C   . GLU A 1 47  ? 3.314   19.281  17.148  1.00 63.91 ? 47  GLU A C   1 
ATOM   409  O O   . GLU A 1 47  ? 2.657   20.324  17.100  1.00 63.55 ? 47  GLU A O   1 
ATOM   410  C CB  . GLU A 1 47  ? 5.743   19.761  17.372  1.00 69.68 ? 47  GLU A CB  1 
ATOM   411  C CG  . GLU A 1 47  ? 7.082   19.680  18.125  1.00 73.39 ? 47  GLU A CG  1 
ATOM   412  C CD  . GLU A 1 47  ? 7.461   20.974  18.847  1.00 75.66 ? 47  GLU A CD  1 
ATOM   413  O OE1 . GLU A 1 47  ? 6.940   22.049  18.468  1.00 76.63 ? 47  GLU A OE1 1 
ATOM   414  O OE2 . GLU A 1 47  ? 8.297   20.913  19.782  1.00 76.29 ? 47  GLU A OE2 1 
ATOM   415  N N   . LEU A 1 48  ? 3.030   18.199  16.421  1.00 59.89 ? 48  LEU A N   1 
ATOM   416  C CA  . LEU A 1 48  ? 1.949   18.162  15.426  1.00 55.62 ? 48  LEU A CA  1 
ATOM   417  C C   . LEU A 1 48  ? 0.484   18.184  15.879  1.00 52.75 ? 48  LEU A C   1 
ATOM   418  O O   . LEU A 1 48  ? -0.368  18.761  15.195  1.00 51.67 ? 48  LEU A O   1 
ATOM   419  C CB  . LEU A 1 48  ? 2.179   16.973  14.486  1.00 54.44 ? 48  LEU A CB  1 
ATOM   420  C CG  . LEU A 1 48  ? 3.337   17.143  13.495  1.00 51.90 ? 48  LEU A CG  1 
ATOM   421  C CD1 . LEU A 1 48  ? 3.739   15.790  12.925  1.00 50.51 ? 48  LEU A CD1 1 
ATOM   422  C CD2 . LEU A 1 48  ? 2.924   18.126  12.399  1.00 48.95 ? 48  LEU A CD2 1 
ATOM   423  N N   . GLY A 1 49  ? 0.175   17.557  17.005  1.00 49.83 ? 49  GLY A N   1 
ATOM   424  C CA  . GLY A 1 49  ? -1.201  17.577  17.465  1.00 46.71 ? 49  GLY A CA  1 
ATOM   425  C C   . GLY A 1 49  ? -1.944  16.303  17.134  1.00 44.73 ? 49  GLY A C   1 
ATOM   426  O O   . GLY A 1 49  ? -3.168  16.295  16.969  1.00 45.17 ? 49  GLY A O   1 
ATOM   427  N N   . LEU A 1 50  ? -1.194  15.215  17.037  1.00 41.71 ? 50  LEU A N   1 
ATOM   428  C CA  . LEU A 1 50  ? -1.771  13.917  16.739  1.00 38.11 ? 50  LEU A CA  1 
ATOM   429  C C   . LEU A 1 50  ? -2.088  13.279  18.081  1.00 35.92 ? 50  LEU A C   1 
ATOM   430  O O   . LEU A 1 50  ? -1.253  13.279  18.976  1.00 34.53 ? 50  LEU A O   1 
ATOM   431  C CB  . LEU A 1 50  ? -0.748  13.085  15.981  1.00 36.99 ? 50  LEU A CB  1 
ATOM   432  C CG  . LEU A 1 50  ? -0.047  13.909  14.899  1.00 34.77 ? 50  LEU A CG  1 
ATOM   433  C CD1 . LEU A 1 50  ? 1.258   13.263  14.519  1.00 34.37 ? 50  LEU A CD1 1 
ATOM   434  C CD2 . LEU A 1 50  ? -0.957  14.056  13.699  1.00 34.04 ? 50  LEU A CD2 1 
ATOM   435  N N   . GLU A 1 51  ? -3.293  12.761  18.247  1.00 34.45 ? 51  GLU A N   1 
ATOM   436  C CA  . GLU A 1 51  ? -3.613  12.145  19.517  1.00 35.49 ? 51  GLU A CA  1 
ATOM   437  C C   . GLU A 1 51  ? -2.962  10.783  19.565  1.00 34.83 ? 51  GLU A C   1 
ATOM   438  O O   . GLU A 1 51  ? -3.009  10.102  20.580  1.00 35.32 ? 51  GLU A O   1 
ATOM   439  C CB  . GLU A 1 51  ? -5.111  11.977  19.691  1.00 38.82 ? 51  GLU A CB  1 
ATOM   440  C CG  . GLU A 1 51  ? -5.920  13.236  19.557  1.00 44.06 ? 51  GLU A CG  1 
ATOM   441  C CD  . GLU A 1 51  ? -7.375  12.998  19.914  1.00 47.66 ? 51  GLU A CD  1 
ATOM   442  O OE1 . GLU A 1 51  ? -7.649  12.718  21.105  1.00 49.73 ? 51  GLU A OE1 1 
ATOM   443  O OE2 . GLU A 1 51  ? -8.237  13.077  19.007  1.00 49.47 ? 51  GLU A OE2 1 
ATOM   444  N N   . PHE A 1 52  ? -2.370  10.367  18.456  1.00 33.86 ? 52  PHE A N   1 
ATOM   445  C CA  . PHE A 1 52  ? -1.713  9.071   18.421  1.00 33.21 ? 52  PHE A CA  1 
ATOM   446  C C   . PHE A 1 52  ? -0.496  9.087   17.504  1.00 34.37 ? 52  PHE A C   1 
ATOM   447  O O   . PHE A 1 52  ? -0.381  8.268   16.591  1.00 34.13 ? 52  PHE A O   1 
ATOM   448  C CB  . PHE A 1 52  ? -2.686  7.985   17.965  1.00 30.30 ? 52  PHE A CB  1 
ATOM   449  C CG  . PHE A 1 52  ? -3.688  7.581   19.009  1.00 26.10 ? 52  PHE A CG  1 
ATOM   450  C CD1 . PHE A 1 52  ? -4.982  8.083   18.986  1.00 24.49 ? 52  PHE A CD1 1 
ATOM   451  C CD2 . PHE A 1 52  ? -3.350  6.655   19.990  1.00 24.17 ? 52  PHE A CD2 1 
ATOM   452  C CE1 . PHE A 1 52  ? -5.929  7.664   19.919  1.00 23.07 ? 52  PHE A CE1 1 
ATOM   453  C CE2 . PHE A 1 52  ? -4.292  6.229   20.929  1.00 22.59 ? 52  PHE A CE2 1 
ATOM   454  C CZ  . PHE A 1 52  ? -5.581  6.733   20.891  1.00 22.36 ? 52  PHE A CZ  1 
ATOM   455  N N   . PRO A 1 53  ? 0.438   10.020  17.751  1.00 35.70 ? 53  PRO A N   1 
ATOM   456  C CA  . PRO A 1 53  ? 1.659   10.162  16.959  1.00 35.98 ? 53  PRO A CA  1 
ATOM   457  C C   . PRO A 1 53  ? 2.273   8.844   16.504  1.00 36.32 ? 53  PRO A C   1 
ATOM   458  O O   . PRO A 1 53  ? 2.432   7.898   17.285  1.00 36.37 ? 53  PRO A O   1 
ATOM   459  C CB  . PRO A 1 53  ? 2.568   10.950  17.892  1.00 35.88 ? 53  PRO A CB  1 
ATOM   460  C CG  . PRO A 1 53  ? 1.606   11.892  18.517  1.00 34.90 ? 53  PRO A CG  1 
ATOM   461  C CD  . PRO A 1 53  ? 0.450   10.975  18.875  1.00 36.21 ? 53  PRO A CD  1 
ATOM   462  N N   . ASN A 1 54  ? 2.614   8.802   15.223  1.00 35.77 ? 54  ASN A N   1 
ATOM   463  C CA  . ASN A 1 54  ? 3.202   7.623   14.629  1.00 35.52 ? 54  ASN A CA  1 
ATOM   464  C C   . ASN A 1 54  ? 3.401   7.907   13.149  1.00 34.99 ? 54  ASN A C   1 
ATOM   465  O O   . ASN A 1 54  ? 3.196   9.038   12.701  1.00 34.52 ? 54  ASN A O   1 
ATOM   466  C CB  . ASN A 1 54  ? 2.261   6.440   14.801  1.00 37.89 ? 54  ASN A CB  1 
ATOM   467  C CG  . ASN A 1 54  ? 2.983   5.127   14.757  1.00 39.70 ? 54  ASN A CG  1 
ATOM   468  O OD1 . ASN A 1 54  ? 3.881   4.935   13.936  1.00 39.36 ? 54  ASN A OD1 1 
ATOM   469  N ND2 . ASN A 1 54  ? 2.596   4.205   15.641  1.00 42.16 ? 54  ASN A ND2 1 
ATOM   470  N N   . LEU A 1 55  ? 3.788   6.885   12.388  1.00 32.92 ? 55  LEU A N   1 
ATOM   471  C CA  . LEU A 1 55  ? 4.002   7.047   10.953  1.00 30.84 ? 55  LEU A CA  1 
ATOM   472  C C   . LEU A 1 55  ? 3.305   5.989   10.095  1.00 29.12 ? 55  LEU A C   1 
ATOM   473  O O   . LEU A 1 55  ? 3.368   4.801   10.379  1.00 27.71 ? 55  LEU A O   1 
ATOM   474  C CB  . LEU A 1 55  ? 5.497   7.054   10.651  1.00 31.57 ? 55  LEU A CB  1 
ATOM   475  C CG  . LEU A 1 55  ? 6.201   8.400   10.800  1.00 30.93 ? 55  LEU A CG  1 
ATOM   476  C CD1 . LEU A 1 55  ? 7.681   8.251   10.444  1.00 30.82 ? 55  LEU A CD1 1 
ATOM   477  C CD2 . LEU A 1 55  ? 5.522   9.424   9.891   1.00 29.91 ? 55  LEU A CD2 1 
ATOM   478  N N   . PRO A 1 56  ? 2.656   6.414   9.004   1.00 28.81 ? 56  PRO A N   1 
ATOM   479  C CA  . PRO A 1 56  ? 2.515   7.782   8.497   1.00 29.03 ? 56  PRO A CA  1 
ATOM   480  C C   . PRO A 1 56  ? 1.388   8.588   9.135   1.00 30.15 ? 56  PRO A C   1 
ATOM   481  O O   . PRO A 1 56  ? 0.505   8.048   9.818   1.00 28.48 ? 56  PRO A O   1 
ATOM   482  C CB  . PRO A 1 56  ? 2.261   7.562   7.022   1.00 28.72 ? 56  PRO A CB  1 
ATOM   483  C CG  . PRO A 1 56  ? 1.352   6.386   7.058   1.00 29.04 ? 56  PRO A CG  1 
ATOM   484  C CD  . PRO A 1 56  ? 2.028   5.462   8.077   1.00 29.00 ? 56  PRO A CD  1 
ATOM   485  N N   . TYR A 1 57  ? 1.428   9.893   8.889   1.00 30.70 ? 57  TYR A N   1 
ATOM   486  C CA  . TYR A 1 57  ? 0.419   10.796  9.412   1.00 30.96 ? 57  TYR A CA  1 
ATOM   487  C C   . TYR A 1 57  ? -0.170  11.629  8.287   1.00 30.32 ? 57  TYR A C   1 
ATOM   488  O O   . TYR A 1 57  ? 0.429   11.791  7.223   1.00 27.96 ? 57  TYR A O   1 
ATOM   489  C CB  . TYR A 1 57  ? 1.002   11.683  10.536  1.00 32.43 ? 57  TYR A CB  1 
ATOM   490  C CG  . TYR A 1 57  ? 2.093   12.678  10.163  1.00 31.94 ? 57  TYR A CG  1 
ATOM   491  C CD1 . TYR A 1 57  ? 1.797   13.827  9.429   1.00 32.84 ? 57  TYR A CD1 1 
ATOM   492  C CD2 . TYR A 1 57  ? 3.408   12.501  10.605  1.00 31.63 ? 57  TYR A CD2 1 
ATOM   493  C CE1 . TYR A 1 57  ? 2.778   14.779  9.150   1.00 33.68 ? 57  TYR A CE1 1 
ATOM   494  C CE2 . TYR A 1 57  ? 4.401   13.447  10.332  1.00 33.02 ? 57  TYR A CE2 1 
ATOM   495  C CZ  . TYR A 1 57  ? 4.076   14.587  9.605   1.00 34.45 ? 57  TYR A CZ  1 
ATOM   496  O OH  . TYR A 1 57  ? 5.034   15.549  9.346   1.00 35.43 ? 57  TYR A OH  1 
ATOM   497  N N   . TYR A 1 58  ? -1.354  12.160  8.532   1.00 30.98 ? 58  TYR A N   1 
ATOM   498  C CA  . TYR A 1 58  ? -2.040  12.932  7.521   1.00 32.33 ? 58  TYR A CA  1 
ATOM   499  C C   . TYR A 1 58  ? -2.809  14.058  8.194   1.00 34.48 ? 58  TYR A C   1 
ATOM   500  O O   . TYR A 1 58  ? -3.565  13.819  9.142   1.00 34.30 ? 58  TYR A O   1 
ATOM   501  C CB  . TYR A 1 58  ? -2.996  11.991  6.777   1.00 28.96 ? 58  TYR A CB  1 
ATOM   502  C CG  . TYR A 1 58  ? -3.720  12.550  5.573   1.00 23.92 ? 58  TYR A CG  1 
ATOM   503  C CD1 . TYR A 1 58  ? -3.071  12.710  4.353   1.00 22.57 ? 58  TYR A CD1 1 
ATOM   504  C CD2 . TYR A 1 58  ? -5.074  12.854  5.642   1.00 22.30 ? 58  TYR A CD2 1 
ATOM   505  C CE1 . TYR A 1 58  ? -3.763  13.156  3.223   1.00 23.34 ? 58  TYR A CE1 1 
ATOM   506  C CE2 . TYR A 1 58  ? -5.777  13.299  4.529   1.00 23.47 ? 58  TYR A CE2 1 
ATOM   507  C CZ  . TYR A 1 58  ? -5.122  13.448  3.319   1.00 24.49 ? 58  TYR A CZ  1 
ATOM   508  O OH  . TYR A 1 58  ? -5.837  13.876  2.211   1.00 25.72 ? 58  TYR A OH  1 
ATOM   509  N N   . ILE A 1 59  ? -2.594  15.283  7.718   1.00 36.73 ? 59  ILE A N   1 
ATOM   510  C CA  . ILE A 1 59  ? -3.303  16.449  8.242   1.00 38.40 ? 59  ILE A CA  1 
ATOM   511  C C   . ILE A 1 59  ? -4.114  17.107  7.111   1.00 40.44 ? 59  ILE A C   1 
ATOM   512  O O   . ILE A 1 59  ? -3.582  17.550  6.085   1.00 38.06 ? 59  ILE A O   1 
ATOM   513  C CB  . ILE A 1 59  ? -2.328  17.447  8.928   1.00 37.33 ? 59  ILE A CB  1 
ATOM   514  C CG1 . ILE A 1 59  ? -0.916  17.286  8.375   1.00 37.17 ? 59  ILE A CG1 1 
ATOM   515  C CG2 . ILE A 1 59  ? -2.284  17.181  10.424  1.00 35.48 ? 59  ILE A CG2 1 
ATOM   516  C CD1 . ILE A 1 59  ? 0.113   18.083  9.147   1.00 37.20 ? 59  ILE A CD1 1 
ATOM   517  N N   . ASP A 1 60  ? -5.426  17.125  7.325   1.00 43.82 ? 60  ASP A N   1 
ATOM   518  C CA  . ASP A 1 60  ? -6.402  17.637  6.371   1.00 47.76 ? 60  ASP A CA  1 
ATOM   519  C C   . ASP A 1 60  ? -6.846  19.031  6.766   1.00 49.36 ? 60  ASP A C   1 
ATOM   520  O O   . ASP A 1 60  ? -7.581  19.685  6.025   1.00 49.00 ? 60  ASP A O   1 
ATOM   521  C CB  . ASP A 1 60  ? -7.628  16.698  6.368   1.00 50.87 ? 60  ASP A CB  1 
ATOM   522  C CG  . ASP A 1 60  ? -8.403  16.705  5.043   1.00 54.55 ? 60  ASP A CG  1 
ATOM   523  O OD1 . ASP A 1 60  ? -7.791  16.425  3.987   1.00 55.89 ? 60  ASP A OD1 1 
ATOM   524  O OD2 . ASP A 1 60  ? -9.632  16.964  5.061   1.00 55.77 ? 60  ASP A OD2 1 
ATOM   525  N N   . GLY A 1 61  ? -6.409  19.492  7.935   1.00 51.45 ? 61  GLY A N   1 
ATOM   526  C CA  . GLY A 1 61  ? -6.842  20.803  8.385   1.00 53.33 ? 61  GLY A CA  1 
ATOM   527  C C   . GLY A 1 61  ? -8.304  20.623  8.757   1.00 54.70 ? 61  GLY A C   1 
ATOM   528  O O   . GLY A 1 61  ? -9.001  21.549  9.172   1.00 55.12 ? 61  GLY A O   1 
ATOM   529  N N   . ASP A 1 62  ? -8.758  19.390  8.576   1.00 55.91 ? 62  ASP A N   1 
ATOM   530  C CA  . ASP A 1 62  ? -10.111 18.968  8.892   1.00 56.43 ? 62  ASP A CA  1 
ATOM   531  C C   . ASP A 1 62  ? -9.912  17.820  9.865   1.00 55.35 ? 62  ASP A C   1 
ATOM   532  O O   . ASP A 1 62  ? -10.767 17.549  10.703  1.00 56.10 ? 62  ASP A O   1 
ATOM   533  C CB  . ASP A 1 62  ? -10.833 18.455  7.642   1.00 58.53 ? 62  ASP A CB  1 
ATOM   534  C CG  . ASP A 1 62  ? -11.860 19.440  7.109   1.00 60.76 ? 62  ASP A CG  1 
ATOM   535  O OD1 . ASP A 1 62  ? -12.789 19.802  7.866   1.00 61.51 ? 62  ASP A OD1 1 
ATOM   536  O OD2 . ASP A 1 62  ? -11.746 19.846  5.931   1.00 61.83 ? 62  ASP A OD2 1 
ATOM   537  N N   . VAL A 1 63  ? -8.763  17.156  9.738   1.00 53.45 ? 63  VAL A N   1 
ATOM   538  C CA  . VAL A 1 63  ? -8.417  16.024  10.590  1.00 50.85 ? 63  VAL A CA  1 
ATOM   539  C C   . VAL A 1 63  ? -6.913  15.851  10.745  1.00 48.15 ? 63  VAL A C   1 
ATOM   540  O O   . VAL A 1 63  ? -6.124  16.382  9.959   1.00 45.58 ? 63  VAL A O   1 
ATOM   541  C CB  . VAL A 1 63  ? -8.985  14.691  10.028  1.00 51.41 ? 63  VAL A CB  1 
ATOM   542  C CG1 . VAL A 1 63  ? -10.495 14.716  10.037  1.00 51.33 ? 63  VAL A CG1 1 
ATOM   543  C CG2 . VAL A 1 63  ? -8.481  14.467  8.617   1.00 50.30 ? 63  VAL A CG2 1 
ATOM   544  N N   . LYS A 1 64  ? -6.537  15.089  11.767  1.00 46.07 ? 64  LYS A N   1 
ATOM   545  C CA  . LYS A 1 64  ? -5.141  14.788  12.055  1.00 44.73 ? 64  LYS A CA  1 
ATOM   546  C C   . LYS A 1 64  ? -5.087  13.291  12.338  1.00 42.12 ? 64  LYS A C   1 
ATOM   547  O O   . LYS A 1 64  ? -5.383  12.851  13.444  1.00 41.66 ? 64  LYS A O   1 
ATOM   548  C CB  . LYS A 1 64  ? -4.659  15.576  13.278  1.00 46.94 ? 64  LYS A CB  1 
ATOM   549  C CG  . LYS A 1 64  ? -4.878  17.087  13.189  1.00 50.26 ? 64  LYS A CG  1 
ATOM   550  C CD  . LYS A 1 64  ? -3.703  17.872  13.789  1.00 52.71 ? 64  LYS A CD  1 
ATOM   551  C CE  . LYS A 1 64  ? -4.005  19.377  13.930  1.00 53.71 ? 64  LYS A CE  1 
ATOM   552  N NZ  . LYS A 1 64  ? -4.376  20.053  12.649  1.00 54.17 ? 64  LYS A NZ  1 
ATOM   553  N N   . LEU A 1 65  ? -4.690  12.512  11.340  1.00 40.17 ? 65  LEU A N   1 
ATOM   554  C CA  . LEU A 1 65  ? -4.674  11.061  11.478  1.00 37.59 ? 65  LEU A CA  1 
ATOM   555  C C   . LEU A 1 65  ? -3.346  10.352  11.557  1.00 35.19 ? 65  LEU A C   1 
ATOM   556  O O   . LEU A 1 65  ? -2.350  10.789  10.989  1.00 35.65 ? 65  LEU A O   1 
ATOM   557  C CB  . LEU A 1 65  ? -5.443  10.438  10.317  1.00 37.99 ? 65  LEU A CB  1 
ATOM   558  C CG  . LEU A 1 65  ? -6.902  10.837  10.130  1.00 38.02 ? 65  LEU A CG  1 
ATOM   559  C CD1 . LEU A 1 65  ? -7.425  10.297  8.811   1.00 36.76 ? 65  LEU A CD1 1 
ATOM   560  C CD2 . LEU A 1 65  ? -7.713  10.305  11.302  1.00 38.34 ? 65  LEU A CD2 1 
ATOM   561  N N   . THR A 1 66  ? -3.356  9.239   12.276  1.00 32.09 ? 66  THR A N   1 
ATOM   562  C CA  . THR A 1 66  ? -2.194  8.380   12.379  1.00 30.62 ? 66  THR A CA  1 
ATOM   563  C C   . THR A 1 66  ? -2.814  7.052   12.008  1.00 30.35 ? 66  THR A C   1 
ATOM   564  O O   . THR A 1 66  ? -4.034  6.978   11.834  1.00 29.57 ? 66  THR A O   1 
ATOM   565  C CB  . THR A 1 66  ? -1.616  8.261   13.792  1.00 29.79 ? 66  THR A CB  1 
ATOM   566  O OG1 . THR A 1 66  ? -2.368  9.066   14.702  1.00 31.37 ? 66  THR A OG1 1 
ATOM   567  C CG2 . THR A 1 66  ? -0.165  8.695   13.791  1.00 28.43 ? 66  THR A CG2 1 
ATOM   568  N N   . GLN A 1 67  ? -1.990  6.014   11.900  1.00 29.54 ? 67  GLN A N   1 
ATOM   569  C CA  . GLN A 1 67  ? -2.466  4.692   11.516  1.00 27.09 ? 67  GLN A CA  1 
ATOM   570  C C   . GLN A 1 67  ? -2.705  4.728   10.019  1.00 25.69 ? 67  GLN A C   1 
ATOM   571  O O   . GLN A 1 67  ? -3.661  5.342   9.528   1.00 22.04 ? 67  GLN A O   1 
ATOM   572  C CB  . GLN A 1 67  ? -3.760  4.331   12.248  1.00 28.50 ? 67  GLN A CB  1 
ATOM   573  C CG  . GLN A 1 67  ? -3.592  4.038   13.733  1.00 28.65 ? 67  GLN A CG  1 
ATOM   574  C CD  . GLN A 1 67  ? -2.679  2.856   13.999  1.00 28.42 ? 67  GLN A CD  1 
ATOM   575  O OE1 . GLN A 1 67  ? -2.776  1.818   13.345  1.00 28.71 ? 67  GLN A OE1 1 
ATOM   576  N NE2 . GLN A 1 67  ? -1.795  3.006   14.973  1.00 28.81 ? 67  GLN A NE2 1 
ATOM   577  N N   . SER A 1 68  ? -1.806  4.061   9.306   1.00 25.97 ? 68  SER A N   1 
ATOM   578  C CA  . SER A 1 68  ? -1.832  4.001   7.853   1.00 24.46 ? 68  SER A CA  1 
ATOM   579  C C   . SER A 1 68  ? -3.152  3.550   7.264   1.00 23.28 ? 68  SER A C   1 
ATOM   580  O O   . SER A 1 68  ? -3.659  4.183   6.341   1.00 23.03 ? 68  SER A O   1 
ATOM   581  C CB  . SER A 1 68  ? -0.694  3.111   7.354   1.00 24.23 ? 68  SER A CB  1 
ATOM   582  O OG  . SER A 1 68  ? -0.249  2.234   8.376   1.00 24.77 ? 68  SER A OG  1 
ATOM   583  N N   . MET A 1 69  ? -3.727  2.473   7.789   1.00 21.70 ? 69  MET A N   1 
ATOM   584  C CA  . MET A 1 69  ? -4.979  2.014   7.221   1.00 20.64 ? 69  MET A CA  1 
ATOM   585  C C   . MET A 1 69  ? -6.061  3.040   7.349   1.00 18.37 ? 69  MET A C   1 
ATOM   586  O O   . MET A 1 69  ? -6.858  3.213   6.441   1.00 18.20 ? 69  MET A O   1 
ATOM   587  C CB  . MET A 1 69  ? -5.434  0.701   7.843   1.00 23.32 ? 69  MET A CB  1 
ATOM   588  C CG  . MET A 1 69  ? -4.787  -0.504  7.177   1.00 27.28 ? 69  MET A CG  1 
ATOM   589  S SD  . MET A 1 69  ? -4.680  -0.288  5.384   1.00 28.87 ? 69  MET A SD  1 
ATOM   590  C CE  . MET A 1 69  ? -6.336  -0.633  4.942   1.00 29.49 ? 69  MET A CE  1 
ATOM   591  N N   . ALA A 1 70  ? -6.080  3.742   8.466   1.00 17.16 ? 70  ALA A N   1 
ATOM   592  C CA  . ALA A 1 70  ? -7.096  4.751   8.680   1.00 16.75 ? 70  ALA A CA  1 
ATOM   593  C C   . ALA A 1 70  ? -6.945  5.905   7.698   1.00 16.07 ? 70  ALA A C   1 
ATOM   594  O O   . ALA A 1 70  ? -7.933  6.509   7.276   1.00 15.03 ? 70  ALA A O   1 
ATOM   595  C CB  . ALA A 1 70  ? -7.018  5.249   10.101  1.00 17.75 ? 70  ALA A CB  1 
ATOM   596  N N   . ILE A 1 71  ? -5.707  6.202   7.327   1.00 15.63 ? 71  ILE A N   1 
ATOM   597  C CA  . ILE A 1 71  ? -5.449  7.294   6.398   1.00 17.71 ? 71  ILE A CA  1 
ATOM   598  C C   . ILE A 1 71  ? -5.991  7.048   5.008   1.00 19.45 ? 71  ILE A C   1 
ATOM   599  O O   . ILE A 1 71  ? -6.591  7.934   4.403   1.00 20.09 ? 71  ILE A O   1 
ATOM   600  C CB  . ILE A 1 71  ? -3.947  7.573   6.225   1.00 17.61 ? 71  ILE A CB  1 
ATOM   601  C CG1 . ILE A 1 71  ? -3.376  8.168   7.506   1.00 17.90 ? 71  ILE A CG1 1 
ATOM   602  C CG2 . ILE A 1 71  ? -3.728  8.514   5.044   1.00 15.03 ? 71  ILE A CG2 1 
ATOM   603  C CD1 . ILE A 1 71  ? -1.933  8.592   7.399   1.00 17.59 ? 71  ILE A CD1 1 
ATOM   604  N N   . ILE A 1 72  ? -5.752  5.846   4.500   1.00 20.83 ? 72  ILE A N   1 
ATOM   605  C CA  . ILE A 1 72  ? -6.177  5.483   3.157   1.00 20.43 ? 72  ILE A CA  1 
ATOM   606  C C   . ILE A 1 72  ? -7.681  5.329   3.044   1.00 19.87 ? 72  ILE A C   1 
ATOM   607  O O   . ILE A 1 72  ? -8.273  5.669   2.022   1.00 17.42 ? 72  ILE A O   1 
ATOM   608  C CB  . ILE A 1 72  ? -5.469  4.181   2.692   1.00 20.65 ? 72  ILE A CB  1 
ATOM   609  C CG1 . ILE A 1 72  ? -5.583  4.044   1.179   1.00 20.59 ? 72  ILE A CG1 1 
ATOM   610  C CG2 . ILE A 1 72  ? -6.073  2.959   3.378   1.00 18.79 ? 72  ILE A CG2 1 
ATOM   611  C CD1 . ILE A 1 72  ? -4.609  3.055   0.609   1.00 21.56 ? 72  ILE A CD1 1 
ATOM   612  N N   . ARG A 1 73  ? -8.300  4.825   4.099   1.00 20.94 ? 73  ARG A N   1 
ATOM   613  C CA  . ARG A 1 73  ? -9.738  4.638   4.084   1.00 24.97 ? 73  ARG A CA  1 
ATOM   614  C C   . ARG A 1 73  ? -10.382 6.007   4.018   1.00 25.07 ? 73  ARG A C   1 
ATOM   615  O O   . ARG A 1 73  ? -11.349 6.235   3.289   1.00 24.13 ? 73  ARG A O   1 
ATOM   616  C CB  . ARG A 1 73  ? -10.200 3.900   5.343   1.00 29.27 ? 73  ARG A CB  1 
ATOM   617  C CG  . ARG A 1 73  ? -9.537  2.549   5.538   1.00 33.64 ? 73  ARG A CG  1 
ATOM   618  C CD  . ARG A 1 73  ? -10.242 1.707   6.578   1.00 37.42 ? 73  ARG A CD  1 
ATOM   619  N NE  . ARG A 1 73  ? -11.567 1.319   6.118   1.00 41.65 ? 73  ARG A NE  1 
ATOM   620  C CZ  . ARG A 1 73  ? -12.135 0.151   6.401   1.00 45.33 ? 73  ARG A CZ  1 
ATOM   621  N NH1 . ARG A 1 73  ? -11.483 -0.747  7.145   1.00 44.80 ? 73  ARG A NH1 1 
ATOM   622  N NH2 . ARG A 1 73  ? -13.355 -0.120  5.938   1.00 46.29 ? 73  ARG A NH2 1 
ATOM   623  N N   . TYR A 1 74  ? -9.829  6.924   4.794   1.00 25.90 ? 74  TYR A N   1 
ATOM   624  C CA  . TYR A 1 74  ? -10.333 8.284   4.822   1.00 25.39 ? 74  TYR A CA  1 
ATOM   625  C C   . TYR A 1 74  ? -10.322 8.826   3.389   1.00 23.05 ? 74  TYR A C   1 
ATOM   626  O O   . TYR A 1 74  ? -11.373 9.153   2.837   1.00 23.16 ? 74  TYR A O   1 
ATOM   627  C CB  . TYR A 1 74  ? -9.446  9.138   5.749   1.00 26.94 ? 74  TYR A CB  1 
ATOM   628  C CG  . TYR A 1 74  ? -9.845  10.594  5.872   1.00 26.76 ? 74  TYR A CG  1 
ATOM   629  C CD1 . TYR A 1 74  ? -11.132 10.955  6.266   1.00 26.03 ? 74  TYR A CD1 1 
ATOM   630  C CD2 . TYR A 1 74  ? -8.929  11.607  5.589   1.00 26.92 ? 74  TYR A CD2 1 
ATOM   631  C CE1 . TYR A 1 74  ? -11.494 12.287  6.371   1.00 29.01 ? 74  TYR A CE1 1 
ATOM   632  C CE2 . TYR A 1 74  ? -9.277  12.938  5.692   1.00 29.20 ? 74  TYR A CE2 1 
ATOM   633  C CZ  . TYR A 1 74  ? -10.561 13.277  6.082   1.00 30.38 ? 74  TYR A CZ  1 
ATOM   634  O OH  . TYR A 1 74  ? -10.911 14.607  6.172   1.00 34.18 ? 74  TYR A OH  1 
ATOM   635  N N   . ILE A 1 75  ? -9.138  8.892   2.784   1.00 19.89 ? 75  ILE A N   1 
ATOM   636  C CA  . ILE A 1 75  ? -9.008  9.404   1.429   1.00 16.77 ? 75  ILE A CA  1 
ATOM   637  C C   . ILE A 1 75  ? -10.044 8.766   0.527   1.00 16.34 ? 75  ILE A C   1 
ATOM   638  O O   . ILE A 1 75  ? -10.594 9.407   -0.359  1.00 15.03 ? 75  ILE A O   1 
ATOM   639  C CB  . ILE A 1 75  ? -7.612  9.140   0.874   1.00 15.64 ? 75  ILE A CB  1 
ATOM   640  C CG1 . ILE A 1 75  ? -6.565  9.824   1.761   1.00 15.70 ? 75  ILE A CG1 1 
ATOM   641  C CG2 . ILE A 1 75  ? -7.521  9.675   -0.535  1.00 15.03 ? 75  ILE A CG2 1 
ATOM   642  C CD1 . ILE A 1 75  ? -5.123  9.497   1.410   1.00 15.03 ? 75  ILE A CD1 1 
ATOM   643  N N   . ALA A 1 76  ? -10.319 7.497   0.782   1.00 17.65 ? 76  ALA A N   1 
ATOM   644  C CA  . ALA A 1 76  ? -11.301 6.743   0.017   1.00 17.80 ? 76  ALA A CA  1 
ATOM   645  C C   . ALA A 1 76  ? -12.702 7.237   0.317   1.00 18.22 ? 76  ALA A C   1 
ATOM   646  O O   . ALA A 1 76  ? -13.418 7.664   -0.575  1.00 17.58 ? 76  ALA A O   1 
ATOM   647  C CB  . ALA A 1 76  ? -11.195 5.277   0.367   1.00 17.61 ? 76  ALA A CB  1 
ATOM   648  N N   . ASP A 1 77  ? -13.073 7.169   1.591   1.00 21.00 ? 77  ASP A N   1 
ATOM   649  C CA  . ASP A 1 77  ? -14.384 7.586   2.072   1.00 23.29 ? 77  ASP A CA  1 
ATOM   650  C C   . ASP A 1 77  ? -14.774 8.964   1.549   1.00 26.46 ? 77  ASP A C   1 
ATOM   651  O O   . ASP A 1 77  ? -15.954 9.289   1.435   1.00 24.82 ? 77  ASP A O   1 
ATOM   652  C CB  . ASP A 1 77  ? -14.382 7.601   3.602   1.00 20.72 ? 77  ASP A CB  1 
ATOM   653  C CG  . ASP A 1 77  ? -15.763 7.410   4.184   1.00 18.94 ? 77  ASP A CG  1 
ATOM   654  O OD1 . ASP A 1 77  ? -16.735 7.818   3.521   1.00 18.38 ? 77  ASP A OD1 1 
ATOM   655  O OD2 . ASP A 1 77  ? -15.877 6.865   5.303   1.00 17.83 ? 77  ASP A OD2 1 
ATOM   656  N N   . LYS A 1 78  ? -13.771 9.776   1.241   1.00 33.03 ? 78  LYS A N   1 
ATOM   657  C CA  . LYS A 1 78  ? -14.011 11.118  0.730   1.00 39.92 ? 78  LYS A CA  1 
ATOM   658  C C   . LYS A 1 78  ? -14.219 11.077  -0.782  1.00 42.36 ? 78  LYS A C   1 
ATOM   659  O O   . LYS A 1 78  ? -13.936 12.052  -1.479  1.00 43.43 ? 78  LYS A O   1 
ATOM   660  C CB  . LYS A 1 78  ? -12.829 12.042  1.069   1.00 42.69 ? 78  LYS A CB  1 
ATOM   661  C CG  . LYS A 1 78  ? -12.679 12.386  2.563   1.00 46.94 ? 78  LYS A CG  1 
ATOM   662  C CD  . LYS A 1 78  ? -12.865 13.899  2.868   1.00 51.64 ? 78  LYS A CD  1 
ATOM   663  C CE  . LYS A 1 78  ? -14.342 14.365  2.794   1.00 54.36 ? 78  LYS A CE  1 
ATOM   664  N NZ  . LYS A 1 78  ? -14.552 15.813  3.157   1.00 53.93 ? 78  LYS A NZ  1 
ATOM   665  N N   . HIS A 1 79  ? -14.725 9.946   -1.273  1.00 44.41 ? 79  HIS A N   1 
ATOM   666  C CA  . HIS A 1 79  ? -14.981 9.746   -2.698  1.00 45.73 ? 79  HIS A CA  1 
ATOM   667  C C   . HIS A 1 79  ? -16.011 8.639   -2.932  1.00 46.44 ? 79  HIS A C   1 
ATOM   668  O O   . HIS A 1 79  ? -16.035 8.025   -3.991  1.00 47.05 ? 79  HIS A O   1 
ATOM   669  C CB  . HIS A 1 79  ? -13.686 9.362   -3.416  1.00 46.67 ? 79  HIS A CB  1 
ATOM   670  C CG  . HIS A 1 79  ? -12.623 10.412  -3.363  1.00 49.24 ? 79  HIS A CG  1 
ATOM   671  N ND1 . HIS A 1 79  ? -12.658 11.545  -4.146  1.00 51.34 ? 79  HIS A ND1 1 
ATOM   672  C CD2 . HIS A 1 79  ? -11.491 10.498  -2.626  1.00 49.83 ? 79  HIS A CD2 1 
ATOM   673  C CE1 . HIS A 1 79  ? -11.590 12.283  -3.896  1.00 51.66 ? 79  HIS A CE1 1 
ATOM   674  N NE2 . HIS A 1 79  ? -10.866 11.669  -2.976  1.00 50.73 ? 79  HIS A NE2 1 
ATOM   675  N N   . ASN A 1 80  ? -16.858 8.381   -1.942  1.00 48.32 ? 80  ASN A N   1 
ATOM   676  C CA  . ASN A 1 80  ? -17.874 7.335   -2.050  1.00 49.48 ? 80  ASN A CA  1 
ATOM   677  C C   . ASN A 1 80  ? -17.284 5.928   -2.188  1.00 48.55 ? 80  ASN A C   1 
ATOM   678  O O   . ASN A 1 80  ? -17.989 4.942   -2.000  1.00 49.11 ? 80  ASN A O   1 
ATOM   679  C CB  . ASN A 1 80  ? -18.804 7.596   -3.249  1.00 52.48 ? 80  ASN A CB  1 
ATOM   680  C CG  . ASN A 1 80  ? -19.847 8.672   -2.971  1.00 56.41 ? 80  ASN A CG  1 
ATOM   681  O OD1 . ASN A 1 80  ? -20.563 8.622   -1.965  1.00 57.82 ? 80  ASN A OD1 1 
ATOM   682  N ND2 . ASN A 1 80  ? -19.949 9.646   -3.876  1.00 58.36 ? 80  ASN A ND2 1 
ATOM   683  N N   . MET A 1 81  ? -15.997 5.839   -2.502  1.00 46.79 ? 81  MET A N   1 
ATOM   684  C CA  . MET A 1 81  ? -15.335 4.555   -2.709  1.00 44.92 ? 81  MET A CA  1 
ATOM   685  C C   . MET A 1 81  ? -15.261 3.578   -1.546  1.00 43.95 ? 81  MET A C   1 
ATOM   686  O O   . MET A 1 81  ? -14.662 2.520   -1.695  1.00 44.46 ? 81  MET A O   1 
ATOM   687  C CB  . MET A 1 81  ? -13.908 4.767   -3.196  1.00 45.34 ? 81  MET A CB  1 
ATOM   688  C CG  . MET A 1 81  ? -13.751 5.776   -4.284  1.00 47.30 ? 81  MET A CG  1 
ATOM   689  S SD  . MET A 1 81  ? -12.055 5.785   -4.873  1.00 50.78 ? 81  MET A SD  1 
ATOM   690  C CE  . MET A 1 81  ? -12.283 4.988   -6.531  1.00 49.91 ? 81  MET A CE  1 
ATOM   691  N N   . LEU A 1 82  ? -15.838 3.893   -0.395  1.00 42.58 ? 82  LEU A N   1 
ATOM   692  C CA  . LEU A 1 82  ? -15.738 2.949   0.712   1.00 40.94 ? 82  LEU A CA  1 
ATOM   693  C C   . LEU A 1 82  ? -16.818 1.867   0.668   1.00 40.91 ? 82  LEU A C   1 
ATOM   694  O O   . LEU A 1 82  ? -16.593 0.729   1.067   1.00 38.24 ? 82  LEU A O   1 
ATOM   695  C CB  . LEU A 1 82  ? -15.797 3.693   2.042   1.00 40.67 ? 82  LEU A CB  1 
ATOM   696  C CG  . LEU A 1 82  ? -14.868 3.172   3.141   1.00 40.14 ? 82  LEU A CG  1 
ATOM   697  C CD1 . LEU A 1 82  ? -15.156 3.923   4.423   1.00 40.97 ? 82  LEU A CD1 1 
ATOM   698  C CD2 . LEU A 1 82  ? -15.067 1.681   3.354   1.00 41.32 ? 82  LEU A CD2 1 
ATOM   699  N N   . GLY A 1 83  ? -17.996 2.228   0.184   1.00 42.56 ? 83  GLY A N   1 
ATOM   700  C CA  . GLY A 1 83  ? -19.069 1.260   0.102   1.00 44.87 ? 83  GLY A CA  1 
ATOM   701  C C   . GLY A 1 83  ? -20.407 1.850   -0.303  1.00 46.63 ? 83  GLY A C   1 
ATOM   702  O O   . GLY A 1 83  ? -20.492 2.931   -0.888  1.00 47.63 ? 83  GLY A O   1 
ATOM   703  N N   . GLY A 1 84  ? -21.463 1.111   -0.003  1.00 47.10 ? 84  GLY A N   1 
ATOM   704  C CA  . GLY A 1 84  ? -22.799 1.562   -0.316  1.00 47.71 ? 84  GLY A CA  1 
ATOM   705  C C   . GLY A 1 84  ? -23.652 1.126   0.849   1.00 48.23 ? 84  GLY A C   1 
ATOM   706  O O   . GLY A 1 84  ? -24.565 1.826   1.281   1.00 48.61 ? 84  GLY A O   1 
ATOM   707  N N   . CYS A 1 85  ? -23.321 -0.040  1.384   1.00 48.98 ? 85  CYS A N   1 
ATOM   708  C CA  . CYS A 1 85  ? -24.059 -0.587  2.501   1.00 50.69 ? 85  CYS A CA  1 
ATOM   709  C C   . CYS A 1 85  ? -23.225 -1.630  3.225   1.00 50.42 ? 85  CYS A C   1 
ATOM   710  O O   . CYS A 1 85  ? -22.275 -2.174  2.673   1.00 50.28 ? 85  CYS A O   1 
ATOM   711  C CB  . CYS A 1 85  ? -25.345 -1.233  1.997   1.00 52.52 ? 85  CYS A CB  1 
ATOM   712  S SG  . CYS A 1 85  ? -25.056 -2.718  1.019   1.00 56.02 ? 85  CYS A SG  1 
ATOM   713  N N   . PRO A 1 86  ? -23.589 -1.937  4.473   1.00 50.92 ? 86  PRO A N   1 
ATOM   714  C CA  . PRO A 1 86  ? -22.890 -2.917  5.301   1.00 51.64 ? 86  PRO A CA  1 
ATOM   715  C C   . PRO A 1 86  ? -22.243 -4.058  4.533   1.00 52.31 ? 86  PRO A C   1 
ATOM   716  O O   . PRO A 1 86  ? -21.049 -4.313  4.674   1.00 53.17 ? 86  PRO A O   1 
ATOM   717  C CB  . PRO A 1 86  ? -23.986 -3.407  6.229   1.00 52.22 ? 86  PRO A CB  1 
ATOM   718  C CG  . PRO A 1 86  ? -24.747 -2.150  6.487   1.00 53.11 ? 86  PRO A CG  1 
ATOM   719  C CD  . PRO A 1 86  ? -24.841 -1.506  5.121   1.00 51.93 ? 86  PRO A CD  1 
ATOM   720  N N   . LYS A 1 87  ? -23.028 -4.744  3.716   1.00 53.16 ? 87  LYS A N   1 
ATOM   721  C CA  . LYS A 1 87  ? -22.500 -5.868  2.968   1.00 53.92 ? 87  LYS A CA  1 
ATOM   722  C C   . LYS A 1 87  ? -21.299 -5.535  2.084   1.00 52.96 ? 87  LYS A C   1 
ATOM   723  O O   . LYS A 1 87  ? -20.279 -6.217  2.159   1.00 52.04 ? 87  LYS A O   1 
ATOM   724  C CB  . LYS A 1 87  ? -23.611 -6.521  2.142   1.00 56.37 ? 87  LYS A CB  1 
ATOM   725  C CG  . LYS A 1 87  ? -23.126 -7.693  1.297   1.00 60.88 ? 87  LYS A CG  1 
ATOM   726  C CD  . LYS A 1 87  ? -24.266 -8.592  0.818   1.00 63.68 ? 87  LYS A CD  1 
ATOM   727  C CE  . LYS A 1 87  ? -23.750 -9.685  -0.126  1.00 65.69 ? 87  LYS A CE  1 
ATOM   728  N NZ  . LYS A 1 87  ? -22.581 -10.445 0.430   1.00 67.75 ? 87  LYS A NZ  1 
ATOM   729  N N   . GLU A 1 88  ? -21.395 -4.496  1.255   1.00 52.40 ? 88  GLU A N   1 
ATOM   730  C CA  . GLU A 1 88  ? -20.274 -4.151  0.379   1.00 51.49 ? 88  GLU A CA  1 
ATOM   731  C C   . GLU A 1 88  ? -19.044 -3.643  1.129   1.00 49.94 ? 88  GLU A C   1 
ATOM   732  O O   . GLU A 1 88  ? -17.932 -4.090  0.852   1.00 50.94 ? 88  GLU A O   1 
ATOM   733  C CB  . GLU A 1 88  ? -20.681 -3.122  -0.699  1.00 52.91 ? 88  GLU A CB  1 
ATOM   734  C CG  . GLU A 1 88  ? -19.490 -2.693  -1.602  1.00 55.31 ? 88  GLU A CG  1 
ATOM   735  C CD  . GLU A 1 88  ? -19.881 -2.036  -2.941  1.00 55.77 ? 88  GLU A CD  1 
ATOM   736  O OE1 . GLU A 1 88  ? -20.665 -1.058  -2.943  1.00 55.93 ? 88  GLU A OE1 1 
ATOM   737  O OE2 . GLU A 1 88  ? -19.377 -2.497  -3.996  1.00 55.31 ? 88  GLU A OE2 1 
ATOM   738  N N   . ARG A 1 89  ? -19.237 -2.724  2.074   1.00 47.31 ? 89  ARG A N   1 
ATOM   739  C CA  . ARG A 1 89  ? -18.119 -2.169  2.841   1.00 44.40 ? 89  ARG A CA  1 
ATOM   740  C C   . ARG A 1 89  ? -17.316 -3.230  3.572   1.00 42.50 ? 89  ARG A C   1 
ATOM   741  O O   . ARG A 1 89  ? -16.088 -3.168  3.635   1.00 41.10 ? 89  ARG A O   1 
ATOM   742  C CB  . ARG A 1 89  ? -18.615 -1.120  3.841   1.00 44.45 ? 89  ARG A CB  1 
ATOM   743  C CG  . ARG A 1 89  ? -18.800 0.264   3.228   1.00 44.28 ? 89  ARG A CG  1 
ATOM   744  C CD  . ARG A 1 89  ? -19.352 1.259   4.231   1.00 43.17 ? 89  ARG A CD  1 
ATOM   745  N NE  . ARG A 1 89  ? -20.670 0.862   4.703   1.00 42.92 ? 89  ARG A NE  1 
ATOM   746  C CZ  . ARG A 1 89  ? -21.503 1.669   5.345   1.00 43.31 ? 89  ARG A CZ  1 
ATOM   747  N NH1 . ARG A 1 89  ? -21.148 2.924   5.594   1.00 43.85 ? 89  ARG A NH1 1 
ATOM   748  N NH2 . ARG A 1 89  ? -22.694 1.225   5.727   1.00 42.35 ? 89  ARG A NH2 1 
ATOM   749  N N   . ALA A 1 90  ? -18.008 -4.209  4.132   1.00 41.35 ? 90  ALA A N   1 
ATOM   750  C CA  . ALA A 1 90  ? -17.321 -5.270  4.834   1.00 40.68 ? 90  ALA A CA  1 
ATOM   751  C C   . ALA A 1 90  ? -16.641 -6.166  3.810   1.00 39.72 ? 90  ALA A C   1 
ATOM   752  O O   . ALA A 1 90  ? -15.816 -7.001  4.166   1.00 39.48 ? 90  ALA A O   1 
ATOM   753  C CB  . ALA A 1 90  ? -18.306 -6.074  5.670   1.00 41.89 ? 90  ALA A CB  1 
ATOM   754  N N   . GLU A 1 91  ? -16.984 -5.988  2.535   1.00 39.42 ? 91  GLU A N   1 
ATOM   755  C CA  . GLU A 1 91  ? -16.401 -6.806  1.468   1.00 38.49 ? 91  GLU A CA  1 
ATOM   756  C C   . GLU A 1 91  ? -15.040 -6.256  1.055   1.00 35.55 ? 91  GLU A C   1 
ATOM   757  O O   . GLU A 1 91  ? -14.109 -7.008  0.743   1.00 35.09 ? 91  GLU A O   1 
ATOM   758  C CB  . GLU A 1 91  ? -17.345 -6.870  0.257   1.00 40.68 ? 91  GLU A CB  1 
ATOM   759  C CG  . GLU A 1 91  ? -17.047 -8.039  -0.680  1.00 46.32 ? 91  GLU A CG  1 
ATOM   760  C CD  . GLU A 1 91  ? -18.169 -8.323  -1.675  1.00 50.05 ? 91  GLU A CD  1 
ATOM   761  O OE1 . GLU A 1 91  ? -18.454 -7.445  -2.525  1.00 52.53 ? 91  GLU A OE1 1 
ATOM   762  O OE2 . GLU A 1 91  ? -18.765 -9.428  -1.607  1.00 50.68 ? 91  GLU A OE2 1 
ATOM   763  N N   . ILE A 1 92  ? -14.926 -4.936  1.056   1.00 31.86 ? 92  ILE A N   1 
ATOM   764  C CA  . ILE A 1 92  ? -13.671 -4.307  0.710   1.00 28.05 ? 92  ILE A CA  1 
ATOM   765  C C   . ILE A 1 92  ? -12.749 -4.540  1.888   1.00 27.41 ? 92  ILE A C   1 
ATOM   766  O O   . ILE A 1 92  ? -11.560 -4.779  1.719   1.00 27.55 ? 92  ILE A O   1 
ATOM   767  C CB  . ILE A 1 92  ? -13.849 -2.814  0.478   1.00 25.38 ? 92  ILE A CB  1 
ATOM   768  C CG1 . ILE A 1 92  ? -14.761 -2.603  -0.715  1.00 23.72 ? 92  ILE A CG1 1 
ATOM   769  C CG2 . ILE A 1 92  ? -12.522 -2.163  0.215   1.00 23.60 ? 92  ILE A CG2 1 
ATOM   770  C CD1 . ILE A 1 92  ? -14.940 -1.178  -1.063  1.00 25.35 ? 92  ILE A CD1 1 
ATOM   771  N N   . SER A 1 93  ? -13.309 -4.482  3.089   1.00 26.58 ? 93  SER A N   1 
ATOM   772  C CA  . SER A 1 93  ? -12.514 -4.709  4.283   1.00 26.15 ? 93  SER A CA  1 
ATOM   773  C C   . SER A 1 93  ? -11.895 -6.087  4.141   1.00 25.00 ? 93  SER A C   1 
ATOM   774  O O   . SER A 1 93  ? -10.693 -6.259  4.337   1.00 25.40 ? 93  SER A O   1 
ATOM   775  C CB  . SER A 1 93  ? -13.393 -4.668  5.532   1.00 28.37 ? 93  SER A CB  1 
ATOM   776  O OG  . SER A 1 93  ? -14.061 -3.425  5.652   1.00 33.15 ? 93  SER A OG  1 
ATOM   777  N N   . MET A 1 94  ? -12.727 -7.067  3.793   1.00 23.33 ? 94  MET A N   1 
ATOM   778  C CA  . MET A 1 94  ? -12.272 -8.434  3.611   1.00 20.24 ? 94  MET A CA  1 
ATOM   779  C C   . MET A 1 94  ? -11.145 -8.422  2.596   1.00 17.78 ? 94  MET A C   1 
ATOM   780  O O   . MET A 1 94  ? -10.084 -8.979  2.838   1.00 16.35 ? 94  MET A O   1 
ATOM   781  C CB  . MET A 1 94  ? -13.423 -9.314  3.124   1.00 23.56 ? 94  MET A CB  1 
ATOM   782  C CG  . MET A 1 94  ? -13.018 -10.745 2.795   1.00 27.17 ? 94  MET A CG  1 
ATOM   783  S SD  . MET A 1 94  ? -14.375 -11.761 2.183   1.00 26.27 ? 94  MET A SD  1 
ATOM   784  C CE  . MET A 1 94  ? -15.210 -10.617 1.129   1.00 25.07 ? 94  MET A CE  1 
ATOM   785  N N   . LEU A 1 95  ? -11.373 -7.789  1.455   1.00 15.17 ? 95  LEU A N   1 
ATOM   786  C CA  . LEU A 1 95  ? -10.333 -7.697  0.442   1.00 15.03 ? 95  LEU A CA  1 
ATOM   787  C C   . LEU A 1 95  ? -9.109  -7.026  1.060   1.00 15.39 ? 95  LEU A C   1 
ATOM   788  O O   . LEU A 1 95  ? -7.971  -7.416  0.817   1.00 15.74 ? 95  LEU A O   1 
ATOM   789  C CB  . LEU A 1 95  ? -10.813 -6.845  -0.717  1.00 15.03 ? 95  LEU A CB  1 
ATOM   790  C CG  . LEU A 1 95  ? -11.851 -7.429  -1.652  1.00 15.03 ? 95  LEU A CG  1 
ATOM   791  C CD1 . LEU A 1 95  ? -12.806 -6.346  -2.079  1.00 15.03 ? 95  LEU A CD1 1 
ATOM   792  C CD2 . LEU A 1 95  ? -11.151 -8.025  -2.847  1.00 15.03 ? 95  LEU A CD2 1 
ATOM   793  N N   . GLU A 1 96  ? -9.376  -5.999  1.858   1.00 16.11 ? 96  GLU A N   1 
ATOM   794  C CA  . GLU A 1 96  ? -8.360  -5.217  2.547   1.00 15.68 ? 96  GLU A CA  1 
ATOM   795  C C   . GLU A 1 96  ? -7.512  -6.138  3.393   1.00 15.03 ? 96  GLU A C   1 
ATOM   796  O O   . GLU A 1 96  ? -6.358  -6.399  3.092   1.00 15.03 ? 96  GLU A O   1 
ATOM   797  C CB  . GLU A 1 96  ? -9.058  -4.202  3.445   1.00 17.66 ? 96  GLU A CB  1 
ATOM   798  C CG  . GLU A 1 96  ? -8.336  -2.894  3.681   1.00 19.54 ? 96  GLU A CG  1 
ATOM   799  C CD  . GLU A 1 96  ? -9.243  -1.889  4.389   1.00 20.66 ? 96  GLU A CD  1 
ATOM   800  O OE1 . GLU A 1 96  ? -9.614  -2.153  5.565   1.00 20.37 ? 96  GLU A OE1 1 
ATOM   801  O OE2 . GLU A 1 96  ? -9.595  -0.854  3.762   1.00 18.49 ? 96  GLU A OE2 1 
ATOM   802  N N   . GLY A 1 97  ? -8.108  -6.636  4.465   1.00 15.32 ? 97  GLY A N   1 
ATOM   803  C CA  . GLY A 1 97  ? -7.391  -7.525  5.351   1.00 16.79 ? 97  GLY A CA  1 
ATOM   804  C C   . GLY A 1 97  ? -6.774  -8.720  4.651   1.00 17.51 ? 97  GLY A C   1 
ATOM   805  O O   . GLY A 1 97  ? -5.922  -9.396  5.225   1.00 17.88 ? 97  GLY A O   1 
ATOM   806  N N   . ALA A 1 98  ? -7.204  -8.987  3.419   1.00 18.10 ? 98  ALA A N   1 
ATOM   807  C CA  . ALA A 1 98  ? -6.686  -10.120 2.649   1.00 18.18 ? 98  ALA A CA  1 
ATOM   808  C C   . ALA A 1 98  ? -5.336  -9.780  2.033   1.00 17.16 ? 98  ALA A C   1 
ATOM   809  O O   . ALA A 1 98  ? -4.399  -10.580 2.072   1.00 16.80 ? 98  ALA A O   1 
ATOM   810  C CB  . ALA A 1 98  ? -7.675  -10.507 1.558   1.00 16.64 ? 98  ALA A CB  1 
ATOM   811  N N   . VAL A 1 99  ? -5.257  -8.588  1.456   1.00 15.77 ? 99  VAL A N   1 
ATOM   812  C CA  . VAL A 1 99  ? -4.034  -8.105  0.845   1.00 15.34 ? 99  VAL A CA  1 
ATOM   813  C C   . VAL A 1 99  ? -3.036  -7.933  1.983   1.00 15.42 ? 99  VAL A C   1 
ATOM   814  O O   . VAL A 1 99  ? -1.833  -8.132  1.822   1.00 15.03 ? 99  VAL A O   1 
ATOM   815  C CB  . VAL A 1 99  ? -4.287  -6.753  0.124   1.00 15.03 ? 99  VAL A CB  1 
ATOM   816  C CG1 . VAL A 1 99  ? -2.999  -6.169  -0.423  1.00 15.03 ? 99  VAL A CG1 1 
ATOM   817  C CG2 . VAL A 1 99  ? -5.267  -6.962  -0.997  1.00 15.03 ? 99  VAL A CG2 1 
ATOM   818  N N   . LEU A 1 100 ? -3.546  -7.584  3.152   1.00 15.03 ? 100 LEU A N   1 
ATOM   819  C CA  . LEU A 1 100 ? -2.667  -7.388  4.279   1.00 16.11 ? 100 LEU A CA  1 
ATOM   820  C C   . LEU A 1 100 ? -1.878  -8.631  4.588   1.00 17.37 ? 100 LEU A C   1 
ATOM   821  O O   . LEU A 1 100 ? -0.652  -8.574  4.664   1.00 17.45 ? 100 LEU A O   1 
ATOM   822  C CB  . LEU A 1 100 ? -3.460  -6.932  5.493   1.00 15.03 ? 100 LEU A CB  1 
ATOM   823  C CG  . LEU A 1 100 ? -3.722  -5.434  5.366   1.00 16.80 ? 100 LEU A CG  1 
ATOM   824  C CD1 . LEU A 1 100 ? -4.577  -4.979  6.501   1.00 19.24 ? 100 LEU A CD1 1 
ATOM   825  C CD2 . LEU A 1 100 ? -2.406  -4.665  5.365   1.00 17.83 ? 100 LEU A CD2 1 
ATOM   826  N N   . ASP A 1 101 ? -2.576  -9.754  4.742   1.00 18.44 ? 101 ASP A N   1 
ATOM   827  C CA  . ASP A 1 101 ? -1.940  -11.031 5.045   1.00 18.86 ? 101 ASP A CA  1 
ATOM   828  C C   . ASP A 1 101 ? -0.642  -11.237 4.289   1.00 18.47 ? 101 ASP A C   1 
ATOM   829  O O   . ASP A 1 101 ? 0.347   -11.718 4.846   1.00 19.14 ? 101 ASP A O   1 
ATOM   830  C CB  . ASP A 1 101 ? -2.885  -12.177 4.726   1.00 20.86 ? 101 ASP A CB  1 
ATOM   831  C CG  . ASP A 1 101 ? -3.990  -12.299 5.728   1.00 23.94 ? 101 ASP A CG  1 
ATOM   832  O OD1 . ASP A 1 101 ? -3.690  -12.279 6.945   1.00 25.53 ? 101 ASP A OD1 1 
ATOM   833  O OD2 . ASP A 1 101 ? -5.153  -12.420 5.296   1.00 24.85 ? 101 ASP A OD2 1 
ATOM   834  N N   . ILE A 1 102 ? -0.648  -10.888 3.011   1.00 17.07 ? 102 ILE A N   1 
ATOM   835  C CA  . ILE A 1 102 ? 0.551   -11.029 2.223   1.00 16.71 ? 102 ILE A CA  1 
ATOM   836  C C   . ILE A 1 102 ? 1.602   -10.051 2.756   1.00 18.68 ? 102 ILE A C   1 
ATOM   837  O O   . ILE A 1 102 ? 2.603   -10.447 3.359   1.00 17.66 ? 102 ILE A O   1 
ATOM   838  C CB  . ILE A 1 102 ? 0.267   -10.717 0.752   1.00 15.03 ? 102 ILE A CB  1 
ATOM   839  C CG1 . ILE A 1 102 ? -0.807  -11.667 0.229   1.00 16.18 ? 102 ILE A CG1 1 
ATOM   840  C CG2 . ILE A 1 102 ? 1.539   -10.852 -0.063  1.00 15.03 ? 102 ILE A CG2 1 
ATOM   841  C CD1 . ILE A 1 102 ? -1.190  -11.455 -1.237  1.00 15.03 ? 102 ILE A CD1 1 
ATOM   842  N N   . ARG A 1 103 ? 1.335   -8.765  2.556   1.00 21.26 ? 103 ARG A N   1 
ATOM   843  C CA  . ARG A 1 103 ? 2.242   -7.700  2.955   1.00 22.72 ? 103 ARG A CA  1 
ATOM   844  C C   . ARG A 1 103 ? 2.836   -7.828  4.339   1.00 24.78 ? 103 ARG A C   1 
ATOM   845  O O   . ARG A 1 103 ? 4.046   -7.886  4.485   1.00 26.46 ? 103 ARG A O   1 
ATOM   846  C CB  . ARG A 1 103 ? 1.557   -6.349  2.840   1.00 21.64 ? 103 ARG A CB  1 
ATOM   847  C CG  . ARG A 1 103 ? 2.545   -5.226  2.647   1.00 21.63 ? 103 ARG A CG  1 
ATOM   848  C CD  . ARG A 1 103 ? 3.253   -5.389  1.336   1.00 22.51 ? 103 ARG A CD  1 
ATOM   849  N NE  . ARG A 1 103 ? 4.155   -4.283  1.025   1.00 23.93 ? 103 ARG A NE  1 
ATOM   850  C CZ  . ARG A 1 103 ? 5.345   -4.094  1.585   1.00 24.67 ? 103 ARG A CZ  1 
ATOM   851  N NH1 . ARG A 1 103 ? 5.800   -4.938  2.510   1.00 22.46 ? 103 ARG A NH1 1 
ATOM   852  N NH2 . ARG A 1 103 ? 6.097   -3.074  1.185   1.00 23.13 ? 103 ARG A NH2 1 
ATOM   853  N N   . TYR A 1 104 ? 2.007   -7.850  5.369   1.00 27.38 ? 104 TYR A N   1 
ATOM   854  C CA  . TYR A 1 104 ? 2.570   -7.977  6.699   1.00 30.64 ? 104 TYR A CA  1 
ATOM   855  C C   . TYR A 1 104 ? 3.406   -9.243  6.764   1.00 31.38 ? 104 TYR A C   1 
ATOM   856  O O   . TYR A 1 104 ? 4.483   -9.247  7.351   1.00 31.38 ? 104 TYR A O   1 
ATOM   857  C CB  . TYR A 1 104 ? 1.473   -7.988  7.772   1.00 34.08 ? 104 TYR A CB  1 
ATOM   858  C CG  . TYR A 1 104 ? 0.880   -6.619  8.016   1.00 37.39 ? 104 TYR A CG  1 
ATOM   859  C CD1 . TYR A 1 104 ? 1.686   -5.479  7.965   1.00 38.87 ? 104 TYR A CD1 1 
ATOM   860  C CD2 . TYR A 1 104 ? -0.476  -6.456  8.301   1.00 38.59 ? 104 TYR A CD2 1 
ATOM   861  C CE1 . TYR A 1 104 ? 1.165   -4.208  8.187   1.00 40.52 ? 104 TYR A CE1 1 
ATOM   862  C CE2 . TYR A 1 104 ? -1.014  -5.182  8.529   1.00 40.84 ? 104 TYR A CE2 1 
ATOM   863  C CZ  . TYR A 1 104 ? -0.182  -4.061  8.470   1.00 41.54 ? 104 TYR A CZ  1 
ATOM   864  O OH  . TYR A 1 104 ? -0.681  -2.796  8.710   1.00 42.36 ? 104 TYR A OH  1 
ATOM   865  N N   . GLY A 1 105 ? 2.924   -10.309 6.136   1.00 32.61 ? 105 GLY A N   1 
ATOM   866  C CA  . GLY A 1 105 ? 3.673   -11.551 6.143   1.00 34.55 ? 105 GLY A CA  1 
ATOM   867  C C   . GLY A 1 105 ? 5.067   -11.322 5.585   1.00 35.39 ? 105 GLY A C   1 
ATOM   868  O O   . GLY A 1 105 ? 6.016   -12.043 5.906   1.00 35.85 ? 105 GLY A O   1 
ATOM   869  N N   . VAL A 1 106 ? 5.185   -10.295 4.753   1.00 35.17 ? 106 VAL A N   1 
ATOM   870  C CA  . VAL A 1 106 ? 6.449   -9.950  4.127   1.00 35.61 ? 106 VAL A CA  1 
ATOM   871  C C   . VAL A 1 106 ? 7.410   -9.230  5.059   1.00 37.23 ? 106 VAL A C   1 
ATOM   872  O O   . VAL A 1 106 ? 8.614   -9.238  4.827   1.00 38.61 ? 106 VAL A O   1 
ATOM   873  C CB  . VAL A 1 106 ? 6.214   -9.069  2.898   1.00 34.98 ? 106 VAL A CB  1 
ATOM   874  C CG1 . VAL A 1 106 ? 7.532   -8.677  2.270   1.00 33.04 ? 106 VAL A CG1 1 
ATOM   875  C CG2 . VAL A 1 106 ? 5.338   -9.809  1.911   1.00 35.10 ? 106 VAL A CG2 1 
ATOM   876  N N   . SER A 1 107 ? 6.899   -8.597  6.106   1.00 38.81 ? 107 SER A N   1 
ATOM   877  C CA  . SER A 1 107 ? 7.794   -7.900  7.015   1.00 40.48 ? 107 SER A CA  1 
ATOM   878  C C   . SER A 1 107 ? 7.937   -8.594  8.364   1.00 42.38 ? 107 SER A C   1 
ATOM   879  O O   . SER A 1 107 ? 8.967   -8.447  9.020   1.00 43.00 ? 107 SER A O   1 
ATOM   880  C CB  . SER A 1 107 ? 7.364   -6.436  7.192   1.00 39.82 ? 107 SER A CB  1 
ATOM   881  O OG  . SER A 1 107 ? 6.030   -6.322  7.639   1.00 40.57 ? 107 SER A OG  1 
ATOM   882  N N   . ARG A 1 108 ? 6.930   -9.357  8.783   1.00 44.73 ? 108 ARG A N   1 
ATOM   883  C CA  . ARG A 1 108 ? 7.024   -10.072 10.057  1.00 47.59 ? 108 ARG A CA  1 
ATOM   884  C C   . ARG A 1 108 ? 8.338   -10.839 10.046  1.00 48.44 ? 108 ARG A C   1 
ATOM   885  O O   . ARG A 1 108 ? 8.759   -11.397 11.059  1.00 48.57 ? 108 ARG A O   1 
ATOM   886  C CB  . ARG A 1 108 ? 5.864   -11.063 10.226  1.00 49.95 ? 108 ARG A CB  1 
ATOM   887  C CG  . ARG A 1 108 ? 4.617   -10.478 10.884  1.00 54.04 ? 108 ARG A CG  1 
ATOM   888  C CD  . ARG A 1 108 ? 3.440   -11.470 10.884  1.00 57.74 ? 108 ARG A CD  1 
ATOM   889  N NE  . ARG A 1 108 ? 2.304   -11.008 11.690  1.00 61.10 ? 108 ARG A NE  1 
ATOM   890  C CZ  . ARG A 1 108 ? 1.643   -9.861  11.506  1.00 61.29 ? 108 ARG A CZ  1 
ATOM   891  N NH1 . ARG A 1 108 ? 1.989   -9.026  10.531  1.00 60.03 ? 108 ARG A NH1 1 
ATOM   892  N NH2 . ARG A 1 108 ? 0.631   -9.544  12.307  1.00 61.61 ? 108 ARG A NH2 1 
ATOM   893  N N   . ILE A 1 109 ? 8.974   -10.845 8.879   1.00 49.39 ? 109 ILE A N   1 
ATOM   894  C CA  . ILE A 1 109 ? 10.237  -11.530 8.665   1.00 50.40 ? 109 ILE A CA  1 
ATOM   895  C C   . ILE A 1 109 ? 11.345  -10.601 8.165   1.00 51.26 ? 109 ILE A C   1 
ATOM   896  O O   . ILE A 1 109 ? 12.342  -10.398 8.855   1.00 51.52 ? 109 ILE A O   1 
ATOM   897  C CB  . ILE A 1 109 ? 10.064  -12.672 7.647   1.00 49.48 ? 109 ILE A CB  1 
ATOM   898  C CG1 . ILE A 1 109 ? 9.420   -12.133 6.370   1.00 48.77 ? 109 ILE A CG1 1 
ATOM   899  C CG2 . ILE A 1 109 ? 9.194   -13.764 8.237   1.00 49.61 ? 109 ILE A CG2 1 
ATOM   900  C CD1 . ILE A 1 109 ? 9.363   -13.130 5.249   1.00 48.33 ? 109 ILE A CD1 1 
ATOM   901  N N   . ALA A 1 110 ? 11.157  -10.049 6.969   1.00 52.28 ? 110 ALA A N   1 
ATOM   902  C CA  . ALA A 1 110 ? 12.119  -9.156  6.318   1.00 54.24 ? 110 ALA A CA  1 
ATOM   903  C C   . ALA A 1 110 ? 13.105  -8.407  7.220   1.00 56.20 ? 110 ALA A C   1 
ATOM   904  O O   . ALA A 1 110 ? 14.229  -8.115  6.808   1.00 56.68 ? 110 ALA A O   1 
ATOM   905  C CB  . ALA A 1 110 ? 11.372  -8.163  5.439   1.00 53.15 ? 110 ALA A CB  1 
ATOM   906  N N   . TYR A 1 111 ? 12.691  -8.081  8.439   1.00 58.27 ? 111 TYR A N   1 
ATOM   907  C CA  . TYR A 1 111 ? 13.567  -7.374  9.361   1.00 59.78 ? 111 TYR A CA  1 
ATOM   908  C C   . TYR A 1 111 ? 14.445  -8.339  10.148  1.00 60.61 ? 111 TYR A C   1 
ATOM   909  O O   . TYR A 1 111 ? 15.607  -8.049  10.403  1.00 60.77 ? 111 TYR A O   1 
ATOM   910  C CB  . TYR A 1 111 ? 12.749  -6.525  10.340  1.00 61.64 ? 111 TYR A CB  1 
ATOM   911  C CG  . TYR A 1 111 ? 12.128  -5.266  9.762   1.00 63.54 ? 111 TYR A CG  1 
ATOM   912  C CD1 . TYR A 1 111 ? 12.909  -4.300  9.121   1.00 64.43 ? 111 TYR A CD1 1 
ATOM   913  C CD2 . TYR A 1 111 ? 10.761  -5.018  9.900   1.00 64.64 ? 111 TYR A CD2 1 
ATOM   914  C CE1 . TYR A 1 111 ? 12.342  -3.116  8.630   1.00 65.29 ? 111 TYR A CE1 1 
ATOM   915  C CE2 . TYR A 1 111 ? 10.183  -3.840  9.416   1.00 66.45 ? 111 TYR A CE2 1 
ATOM   916  C CZ  . TYR A 1 111 ? 10.978  -2.895  8.783   1.00 66.50 ? 111 TYR A CZ  1 
ATOM   917  O OH  . TYR A 1 111 ? 10.398  -1.742  8.303   1.00 67.37 ? 111 TYR A OH  1 
ATOM   918  N N   . SER A 1 112 ? 13.887  -9.484  10.530  1.00 62.02 ? 112 SER A N   1 
ATOM   919  C CA  . SER A 1 112 ? 14.621  -10.484 11.302  1.00 64.30 ? 112 SER A CA  1 
ATOM   920  C C   . SER A 1 112 ? 15.921  -10.934 10.644  1.00 67.15 ? 112 SER A C   1 
ATOM   921  O O   . SER A 1 112 ? 16.392  -10.315 9.695   1.00 66.81 ? 112 SER A O   1 
ATOM   922  C CB  . SER A 1 112 ? 13.741  -11.703 11.560  1.00 63.52 ? 112 SER A CB  1 
ATOM   923  O OG  . SER A 1 112 ? 14.444  -12.680 12.306  1.00 61.93 ? 112 SER A OG  1 
ATOM   924  N N   . LYS A 1 113 ? 16.491  -12.023 11.152  1.00 71.35 ? 113 LYS A N   1 
ATOM   925  C CA  . LYS A 1 113 ? 17.754  -12.550 10.634  1.00 76.19 ? 113 LYS A CA  1 
ATOM   926  C C   . LYS A 1 113 ? 17.639  -13.814 9.766   1.00 77.69 ? 113 LYS A C   1 
ATOM   927  O O   . LYS A 1 113 ? 18.370  -13.965 8.782   1.00 77.47 ? 113 LYS A O   1 
ATOM   928  C CB  . LYS A 1 113 ? 18.710  -12.816 11.803  1.00 78.31 ? 113 LYS A CB  1 
ATOM   929  C CG  . LYS A 1 113 ? 19.993  -11.981 11.784  1.00 81.19 ? 113 LYS A CG  1 
ATOM   930  C CD  . LYS A 1 113 ? 20.935  -12.385 10.641  1.00 83.15 ? 113 LYS A CD  1 
ATOM   931  C CE  . LYS A 1 113 ? 22.279  -11.653 10.741  1.00 84.39 ? 113 LYS A CE  1 
ATOM   932  N NZ  . LYS A 1 113 ? 23.290  -12.138 9.755   1.00 85.25 ? 113 LYS A NZ  1 
ATOM   933  N N   . ASP A 1 114 ? 16.733  -14.718 10.133  1.00 79.50 ? 114 ASP A N   1 
ATOM   934  C CA  . ASP A 1 114 ? 16.540  -15.963 9.384   1.00 80.79 ? 114 ASP A CA  1 
ATOM   935  C C   . ASP A 1 114 ? 15.651  -15.778 8.148   1.00 80.37 ? 114 ASP A C   1 
ATOM   936  O O   . ASP A 1 114 ? 14.837  -16.645 7.822   1.00 79.79 ? 114 ASP A O   1 
ATOM   937  C CB  . ASP A 1 114 ? 15.925  -17.046 10.285  1.00 82.98 ? 114 ASP A CB  1 
ATOM   938  C CG  . ASP A 1 114 ? 16.738  -17.300 11.542  1.00 85.06 ? 114 ASP A CG  1 
ATOM   939  O OD1 . ASP A 1 114 ? 17.982  -17.386 11.440  1.00 86.42 ? 114 ASP A OD1 1 
ATOM   940  O OD2 . ASP A 1 114 ? 16.131  -17.424 12.631  1.00 85.81 ? 114 ASP A OD2 1 
ATOM   941  N N   . PHE A 1 115 ? 15.803  -14.645 7.468   1.00 79.71 ? 115 PHE A N   1 
ATOM   942  C CA  . PHE A 1 115 ? 15.018  -14.372 6.268   1.00 78.29 ? 115 PHE A CA  1 
ATOM   943  C C   . PHE A 1 115 ? 15.172  -15.556 5.339   1.00 77.40 ? 115 PHE A C   1 
ATOM   944  O O   . PHE A 1 115 ? 14.266  -16.372 5.193   1.00 76.56 ? 115 PHE A O   1 
ATOM   945  C CB  . PHE A 1 115 ? 15.531  -13.116 5.551   1.00 77.86 ? 115 PHE A CB  1 
ATOM   946  C CG  . PHE A 1 115 ? 14.911  -12.893 4.193   1.00 75.69 ? 115 PHE A CG  1 
ATOM   947  C CD1 . PHE A 1 115 ? 13.641  -12.343 4.073   1.00 74.35 ? 115 PHE A CD1 1 
ATOM   948  C CD2 . PHE A 1 115 ? 15.589  -13.264 3.036   1.00 74.36 ? 115 PHE A CD2 1 
ATOM   949  C CE1 . PHE A 1 115 ? 13.061  -12.168 2.831   1.00 72.98 ? 115 PHE A CE1 1 
ATOM   950  C CE2 . PHE A 1 115 ? 15.013  -13.093 1.789   1.00 72.79 ? 115 PHE A CE2 1 
ATOM   951  C CZ  . PHE A 1 115 ? 13.748  -12.545 1.686   1.00 72.88 ? 115 PHE A CZ  1 
ATOM   952  N N   . GLU A 1 116 ? 16.345  -15.629 4.722   1.00 76.92 ? 116 GLU A N   1 
ATOM   953  C CA  . GLU A 1 116 ? 16.684  -16.689 3.792   1.00 76.77 ? 116 GLU A CA  1 
ATOM   954  C C   . GLU A 1 116 ? 16.208  -18.038 4.319   1.00 76.38 ? 116 GLU A C   1 
ATOM   955  O O   . GLU A 1 116 ? 16.108  -19.003 3.567   1.00 77.27 ? 116 GLU A O   1 
ATOM   956  C CB  . GLU A 1 116 ? 18.199  -16.718 3.584   1.00 77.13 ? 116 GLU A CB  1 
ATOM   957  C CG  . GLU A 1 116 ? 18.805  -15.392 3.139   1.00 78.55 ? 116 GLU A CG  1 
ATOM   958  C CD  . GLU A 1 116 ? 18.617  -15.123 1.656   1.00 79.09 ? 116 GLU A CD  1 
ATOM   959  O OE1 . GLU A 1 116 ? 19.160  -15.897 0.840   1.00 78.97 ? 116 GLU A OE1 1 
ATOM   960  O OE2 . GLU A 1 116 ? 17.930  -14.139 1.305   1.00 80.02 ? 116 GLU A OE2 1 
ATOM   961  N N   . THR A 1 117 ? 15.903  -18.101 5.611   1.00 75.68 ? 117 THR A N   1 
ATOM   962  C CA  . THR A 1 117 ? 15.446  -19.342 6.225   1.00 74.91 ? 117 THR A CA  1 
ATOM   963  C C   . THR A 1 117 ? 13.941  -19.358 6.491   1.00 73.35 ? 117 THR A C   1 
ATOM   964  O O   . THR A 1 117 ? 13.314  -20.419 6.494   1.00 72.72 ? 117 THR A O   1 
ATOM   965  C CB  . THR A 1 117 ? 16.187  -19.592 7.551   1.00 76.25 ? 117 THR A CB  1 
ATOM   966  O OG1 . THR A 1 117 ? 17.601  -19.528 7.319   1.00 76.63 ? 117 THR A OG1 1 
ATOM   967  C CG2 . THR A 1 117 ? 15.826  -20.964 8.121   1.00 76.24 ? 117 THR A CG2 1 
ATOM   968  N N   . LEU A 1 118 ? 13.364  -18.183 6.715   1.00 71.60 ? 118 LEU A N   1 
ATOM   969  C CA  . LEU A 1 118 ? 11.935  -18.081 6.981   1.00 70.27 ? 118 LEU A CA  1 
ATOM   970  C C   . LEU A 1 118 ? 11.109  -17.807 5.726   1.00 69.00 ? 118 LEU A C   1 
ATOM   971  O O   . LEU A 1 118 ? 9.917   -18.123 5.682   1.00 68.32 ? 118 LEU A O   1 
ATOM   972  C CB  . LEU A 1 118 ? 11.669  -16.989 8.023   1.00 70.41 ? 118 LEU A CB  1 
ATOM   973  C CG  . LEU A 1 118 ? 11.859  -17.350 9.499   1.00 69.81 ? 118 LEU A CG  1 
ATOM   974  C CD1 . LEU A 1 118 ? 11.714  -16.099 10.346  1.00 69.57 ? 118 LEU A CD1 1 
ATOM   975  C CD2 . LEU A 1 118 ? 10.831  -18.398 9.917   1.00 69.85 ? 118 LEU A CD2 1 
ATOM   976  N N   . LYS A 1 119 ? 11.740  -17.222 4.708   1.00 67.18 ? 119 LYS A N   1 
ATOM   977  C CA  . LYS A 1 119 ? 11.036  -16.910 3.470   1.00 64.84 ? 119 LYS A CA  1 
ATOM   978  C C   . LYS A 1 119 ? 10.552  -18.194 2.829   1.00 64.03 ? 119 LYS A C   1 
ATOM   979  O O   . LYS A 1 119 ? 9.467   -18.251 2.256   1.00 63.14 ? 119 LYS A O   1 
ATOM   980  C CB  . LYS A 1 119 ? 11.944  -16.150 2.495   1.00 63.95 ? 119 LYS A CB  1 
ATOM   981  C CG  . LYS A 1 119 ? 12.995  -16.986 1.779   1.00 62.32 ? 119 LYS A CG  1 
ATOM   982  C CD  . LYS A 1 119 ? 13.719  -16.145 0.736   1.00 60.64 ? 119 LYS A CD  1 
ATOM   983  C CE  . LYS A 1 119 ? 14.804  -16.925 0.020   1.00 59.07 ? 119 LYS A CE  1 
ATOM   984  N NZ  . LYS A 1 119 ? 15.533  -16.056 -0.945  1.00 58.36 ? 119 LYS A NZ  1 
ATOM   985  N N   . VAL A 1 120 ? 11.372  -19.226 2.930   1.00 64.28 ? 120 VAL A N   1 
ATOM   986  C CA  . VAL A 1 120 ? 11.020  -20.515 2.373   1.00 64.98 ? 120 VAL A CA  1 
ATOM   987  C C   . VAL A 1 120 ? 9.721   -20.951 3.040   1.00 64.75 ? 120 VAL A C   1 
ATOM   988  O O   . VAL A 1 120 ? 8.794   -21.421 2.377   1.00 64.41 ? 120 VAL A O   1 
ATOM   989  C CB  . VAL A 1 120 ? 12.116  -21.565 2.666   1.00 65.78 ? 120 VAL A CB  1 
ATOM   990  C CG1 . VAL A 1 120 ? 11.719  -22.903 2.071   1.00 67.45 ? 120 VAL A CG1 1 
ATOM   991  C CG2 . VAL A 1 120 ? 13.457  -21.104 2.102   1.00 64.88 ? 120 VAL A CG2 1 
ATOM   992  N N   . ASP A 1 121 ? 9.670   -20.764 4.357   1.00 64.71 ? 121 ASP A N   1 
ATOM   993  C CA  . ASP A 1 121 ? 8.519   -21.133 5.177   1.00 64.53 ? 121 ASP A CA  1 
ATOM   994  C C   . ASP A 1 121 ? 7.291   -20.283 4.834   1.00 62.61 ? 121 ASP A C   1 
ATOM   995  O O   . ASP A 1 121 ? 6.154   -20.624 5.173   1.00 62.45 ? 121 ASP A O   1 
ATOM   996  C CB  . ASP A 1 121 ? 8.891   -20.981 6.658   1.00 66.99 ? 121 ASP A CB  1 
ATOM   997  C CG  . ASP A 1 121 ? 8.040   -21.847 7.572   1.00 69.99 ? 121 ASP A CG  1 
ATOM   998  O OD1 . ASP A 1 121 ? 7.971   -23.076 7.342   1.00 71.62 ? 121 ASP A OD1 1 
ATOM   999  O OD2 . ASP A 1 121 ? 7.443   -21.303 8.527   1.00 72.09 ? 121 ASP A OD2 1 
ATOM   1000 N N   . PHE A 1 122 ? 7.537   -19.175 4.150   1.00 60.56 ? 122 PHE A N   1 
ATOM   1001 C CA  . PHE A 1 122 ? 6.489   -18.254 3.730   1.00 57.87 ? 122 PHE A CA  1 
ATOM   1002 C C   . PHE A 1 122 ? 6.051   -18.674 2.328   1.00 56.59 ? 122 PHE A C   1 
ATOM   1003 O O   . PHE A 1 122 ? 4.883   -18.991 2.087   1.00 55.05 ? 122 PHE A O   1 
ATOM   1004 C CB  . PHE A 1 122 ? 7.071   -16.833 3.727   1.00 56.69 ? 122 PHE A CB  1 
ATOM   1005 C CG  . PHE A 1 122 ? 6.198   -15.798 3.078   1.00 54.28 ? 122 PHE A CG  1 
ATOM   1006 C CD1 . PHE A 1 122 ? 4.919   -15.540 3.554   1.00 54.05 ? 122 PHE A CD1 1 
ATOM   1007 C CD2 . PHE A 1 122 ? 6.685   -15.043 2.014   1.00 52.68 ? 122 PHE A CD2 1 
ATOM   1008 C CE1 . PHE A 1 122 ? 4.137   -14.542 2.981   1.00 53.74 ? 122 PHE A CE1 1 
ATOM   1009 C CE2 . PHE A 1 122 ? 5.917   -14.047 1.436   1.00 52.43 ? 122 PHE A CE2 1 
ATOM   1010 C CZ  . PHE A 1 122 ? 4.639   -13.793 1.919   1.00 53.34 ? 122 PHE A CZ  1 
ATOM   1011 N N   . LEU A 1 123 ? 7.018   -18.692 1.419   1.00 55.39 ? 123 LEU A N   1 
ATOM   1012 C CA  . LEU A 1 123 ? 6.793   -19.062 0.034   1.00 54.00 ? 123 LEU A CA  1 
ATOM   1013 C C   . LEU A 1 123 ? 6.030   -20.361 -0.128  1.00 53.73 ? 123 LEU A C   1 
ATOM   1014 O O   . LEU A 1 123 ? 5.469   -20.619 -1.187  1.00 54.85 ? 123 LEU A O   1 
ATOM   1015 C CB  . LEU A 1 123 ? 8.128   -19.151 -0.691  1.00 52.67 ? 123 LEU A CB  1 
ATOM   1016 C CG  . LEU A 1 123 ? 8.777   -17.774 -0.736  1.00 52.37 ? 123 LEU A CG  1 
ATOM   1017 C CD1 . LEU A 1 123 ? 10.176  -17.841 -1.297  1.00 52.91 ? 123 LEU A CD1 1 
ATOM   1018 C CD2 . LEU A 1 123 ? 7.905   -16.874 -1.577  1.00 52.71 ? 123 LEU A CD2 1 
ATOM   1019 N N   . SER A 1 124 ? 6.004   -21.183 0.911   1.00 52.80 ? 124 SER A N   1 
ATOM   1020 C CA  . SER A 1 124 ? 5.287   -22.446 0.823   1.00 52.00 ? 124 SER A CA  1 
ATOM   1021 C C   . SER A 1 124 ? 3.801   -22.168 0.883   1.00 50.62 ? 124 SER A C   1 
ATOM   1022 O O   . SER A 1 124 ? 3.005   -22.822 0.211   1.00 50.52 ? 124 SER A O   1 
ATOM   1023 C CB  . SER A 1 124 ? 5.654   -23.366 1.989   1.00 53.68 ? 124 SER A CB  1 
ATOM   1024 O OG  . SER A 1 124 ? 4.919   -23.032 3.161   1.00 54.85 ? 124 SER A OG  1 
ATOM   1025 N N   . LYS A 1 125 ? 3.442   -21.184 1.700   1.00 49.24 ? 125 LYS A N   1 
ATOM   1026 C CA  . LYS A 1 125 ? 2.051   -20.816 1.903   1.00 47.17 ? 125 LYS A CA  1 
ATOM   1027 C C   . LYS A 1 125 ? 1.623   -19.625 1.058   1.00 43.60 ? 125 LYS A C   1 
ATOM   1028 O O   . LYS A 1 125 ? 0.434   -19.338 0.951   1.00 43.84 ? 125 LYS A O   1 
ATOM   1029 C CB  . LYS A 1 125 ? 1.813   -20.505 3.390   1.00 51.15 ? 125 LYS A CB  1 
ATOM   1030 C CG  . LYS A 1 125 ? 2.222   -21.628 4.367   1.00 54.66 ? 125 LYS A CG  1 
ATOM   1031 C CD  . LYS A 1 125 ? 1.961   -21.256 5.850   1.00 59.54 ? 125 LYS A CD  1 
ATOM   1032 C CE  . LYS A 1 125 ? 2.881   -20.120 6.363   1.00 62.44 ? 125 LYS A CE  1 
ATOM   1033 N NZ  . LYS A 1 125 ? 2.612   -19.698 7.786   1.00 62.56 ? 125 LYS A NZ  1 
ATOM   1034 N N   . LEU A 1 126 ? 2.580   -18.932 0.454   1.00 38.71 ? 126 LEU A N   1 
ATOM   1035 C CA  . LEU A 1 126 ? 2.245   -17.773 -0.354  1.00 34.77 ? 126 LEU A CA  1 
ATOM   1036 C C   . LEU A 1 126 ? 1.165   -18.052 -1.392  1.00 34.54 ? 126 LEU A C   1 
ATOM   1037 O O   . LEU A 1 126 ? 0.091   -17.474 -1.328  1.00 34.52 ? 126 LEU A O   1 
ATOM   1038 C CB  . LEU A 1 126 ? 3.497   -17.215 -1.037  1.00 32.65 ? 126 LEU A CB  1 
ATOM   1039 C CG  . LEU A 1 126 ? 3.306   -16.049 -2.013  1.00 30.74 ? 126 LEU A CG  1 
ATOM   1040 C CD1 . LEU A 1 126 ? 2.560   -14.927 -1.339  1.00 31.53 ? 126 LEU A CD1 1 
ATOM   1041 C CD2 . LEU A 1 126 ? 4.646   -15.555 -2.495  1.00 29.20 ? 126 LEU A CD2 1 
ATOM   1042 N N   . PRO A 1 127 ? 1.427   -18.956 -2.350  1.00 35.22 ? 127 PRO A N   1 
ATOM   1043 C CA  . PRO A 1 127 ? 0.479   -19.316 -3.415  1.00 35.15 ? 127 PRO A CA  1 
ATOM   1044 C C   . PRO A 1 127 ? -0.947  -19.626 -2.998  1.00 34.97 ? 127 PRO A C   1 
ATOM   1045 O O   . PRO A 1 127 ? -1.874  -19.419 -3.767  1.00 33.91 ? 127 PRO A O   1 
ATOM   1046 C CB  . PRO A 1 127 ? 1.147   -20.513 -4.070  1.00 35.38 ? 127 PRO A CB  1 
ATOM   1047 C CG  . PRO A 1 127 ? 2.593   -20.180 -3.935  1.00 35.14 ? 127 PRO A CG  1 
ATOM   1048 C CD  . PRO A 1 127 ? 2.674   -19.726 -2.499  1.00 34.91 ? 127 PRO A CD  1 
ATOM   1049 N N   . GLU A 1 128 ? -1.132  -20.142 -1.794  1.00 36.73 ? 128 GLU A N   1 
ATOM   1050 C CA  . GLU A 1 128 ? -2.476  -20.457 -1.341  1.00 39.37 ? 128 GLU A CA  1 
ATOM   1051 C C   . GLU A 1 128 ? -3.279  -19.186 -1.160  1.00 37.84 ? 128 GLU A C   1 
ATOM   1052 O O   . GLU A 1 128 ? -4.499  -19.202 -1.267  1.00 38.54 ? 128 GLU A O   1 
ATOM   1053 C CB  . GLU A 1 128 ? -2.449  -21.224 -0.022  1.00 44.17 ? 128 GLU A CB  1 
ATOM   1054 C CG  . GLU A 1 128 ? -3.035  -22.630 -0.121  1.00 50.97 ? 128 GLU A CG  1 
ATOM   1055 C CD  . GLU A 1 128 ? -3.283  -23.264 1.242   1.00 55.36 ? 128 GLU A CD  1 
ATOM   1056 O OE1 . GLU A 1 128 ? -4.143  -22.735 1.987   1.00 57.02 ? 128 GLU A OE1 1 
ATOM   1057 O OE2 . GLU A 1 128 ? -2.619  -24.283 1.565   1.00 57.90 ? 128 GLU A OE2 1 
ATOM   1058 N N   . MET A 1 129 ? -2.592  -18.087 -0.874  1.00 37.12 ? 129 MET A N   1 
ATOM   1059 C CA  . MET A 1 129 ? -3.257  -16.800 -0.688  1.00 35.48 ? 129 MET A CA  1 
ATOM   1060 C C   . MET A 1 129 ? -3.422  -16.177 -2.069  1.00 33.27 ? 129 MET A C   1 
ATOM   1061 O O   . MET A 1 129 ? -4.540  -15.898 -2.501  1.00 32.27 ? 129 MET A O   1 
ATOM   1062 C CB  . MET A 1 129 ? -2.415  -15.872 0.206   1.00 37.01 ? 129 MET A CB  1 
ATOM   1063 C CG  . MET A 1 129 ? -1.421  -16.607 1.111   1.00 38.31 ? 129 MET A CG  1 
ATOM   1064 S SD  . MET A 1 129 ? -0.670  -15.634 2.432   1.00 37.74 ? 129 MET A SD  1 
ATOM   1065 C CE  . MET A 1 129 ? -1.124  -16.648 3.868   1.00 34.85 ? 129 MET A CE  1 
ATOM   1066 N N   . LEU A 1 130 ? -2.301  -15.976 -2.755  1.00 30.46 ? 130 LEU A N   1 
ATOM   1067 C CA  . LEU A 1 130 ? -2.303  -15.404 -4.090  1.00 28.93 ? 130 LEU A CA  1 
ATOM   1068 C C   . LEU A 1 130 ? -3.438  -15.942 -4.954  1.00 30.55 ? 130 LEU A C   1 
ATOM   1069 O O   . LEU A 1 130 ? -4.245  -15.175 -5.474  1.00 30.30 ? 130 LEU A O   1 
ATOM   1070 C CB  . LEU A 1 130 ? -0.968  -15.677 -4.766  1.00 26.03 ? 130 LEU A CB  1 
ATOM   1071 C CG  . LEU A 1 130 ? 0.115   -14.641 -4.495  1.00 25.45 ? 130 LEU A CG  1 
ATOM   1072 C CD1 . LEU A 1 130 ? 1.479   -15.249 -4.665  1.00 26.77 ? 130 LEU A CD1 1 
ATOM   1073 C CD2 . LEU A 1 130 ? -0.054  -13.484 -5.449  1.00 24.93 ? 130 LEU A CD2 1 
ATOM   1074 N N   . LYS A 1 131 ? -3.507  -17.264 -5.094  1.00 32.90 ? 131 LYS A N   1 
ATOM   1075 C CA  . LYS A 1 131 ? -4.543  -17.892 -5.914  1.00 33.76 ? 131 LYS A CA  1 
ATOM   1076 C C   . LYS A 1 131 ? -5.937  -17.378 -5.582  1.00 32.95 ? 131 LYS A C   1 
ATOM   1077 O O   . LYS A 1 131 ? -6.721  -17.091 -6.484  1.00 32.99 ? 131 LYS A O   1 
ATOM   1078 C CB  . LYS A 1 131 ? -4.528  -19.420 -5.763  1.00 35.99 ? 131 LYS A CB  1 
ATOM   1079 C CG  . LYS A 1 131 ? -5.132  -20.135 -6.981  1.00 40.30 ? 131 LYS A CG  1 
ATOM   1080 C CD  . LYS A 1 131 ? -5.418  -21.616 -6.750  1.00 42.54 ? 131 LYS A CD  1 
ATOM   1081 C CE  . LYS A 1 131 ? -6.788  -21.835 -6.103  1.00 44.20 ? 131 LYS A CE  1 
ATOM   1082 N NZ  . LYS A 1 131 ? -7.912  -21.305 -6.932  1.00 43.68 ? 131 LYS A NZ  1 
ATOM   1083 N N   . MET A 1 132 ? -6.246  -17.275 -4.292  1.00 31.86 ? 132 MET A N   1 
ATOM   1084 C CA  . MET A 1 132 ? -7.549  -16.785 -3.862  1.00 29.64 ? 132 MET A CA  1 
ATOM   1085 C C   . MET A 1 132 ? -7.869  -15.525 -4.666  1.00 29.11 ? 132 MET A C   1 
ATOM   1086 O O   . MET A 1 132 ? -8.986  -15.349 -5.155  1.00 28.32 ? 132 MET A O   1 
ATOM   1087 C CB  . MET A 1 132 ? -7.536  -16.465 -2.361  1.00 27.74 ? 132 MET A CB  1 
ATOM   1088 C CG  . MET A 1 132 ? -7.122  -17.622 -1.474  0.50 25.36 ? 132 MET A CG  1 
ATOM   1089 S SD  . MET A 1 132 ? -7.347  -17.257 0.271   0.50 23.45 ? 132 MET A SD  1 
ATOM   1090 C CE  . MET A 1 132 ? -8.463  -18.531 0.731   0.50 21.76 ? 132 MET A CE  1 
ATOM   1091 N N   . PHE A 1 133 ? -6.877  -14.651 -4.806  1.00 28.48 ? 133 PHE A N   1 
ATOM   1092 C CA  . PHE A 1 133 ? -7.059  -13.426 -5.568  1.00 28.30 ? 133 PHE A CA  1 
ATOM   1093 C C   . PHE A 1 133 ? -7.303  -13.791 -7.011  1.00 28.05 ? 133 PHE A C   1 
ATOM   1094 O O   . PHE A 1 133 ? -8.252  -13.316 -7.635  1.00 26.60 ? 133 PHE A O   1 
ATOM   1095 C CB  . PHE A 1 133 ? -5.824  -12.542 -5.451  1.00 28.02 ? 133 PHE A CB  1 
ATOM   1096 C CG  . PHE A 1 133 ? -5.796  -11.731 -4.201  1.00 27.32 ? 133 PHE A CG  1 
ATOM   1097 C CD1 . PHE A 1 133 ? -6.799  -10.809 -3.946  1.00 26.88 ? 133 PHE A CD1 1 
ATOM   1098 C CD2 . PHE A 1 133 ? -4.789  -11.899 -3.268  1.00 28.29 ? 133 PHE A CD2 1 
ATOM   1099 C CE1 . PHE A 1 133 ? -6.804  -10.065 -2.783  1.00 27.27 ? 133 PHE A CE1 1 
ATOM   1100 C CE2 . PHE A 1 133 ? -4.780  -11.157 -2.091  1.00 29.39 ? 133 PHE A CE2 1 
ATOM   1101 C CZ  . PHE A 1 133 ? -5.794  -10.236 -1.850  1.00 28.87 ? 133 PHE A CZ  1 
ATOM   1102 N N   . GLU A 1 134 ? -6.434  -14.646 -7.533  1.00 28.82 ? 134 GLU A N   1 
ATOM   1103 C CA  . GLU A 1 134 ? -6.540  -15.117 -8.900  1.00 29.91 ? 134 GLU A CA  1 
ATOM   1104 C C   . GLU A 1 134 ? -8.018  -15.361 -9.223  1.00 31.16 ? 134 GLU A C   1 
ATOM   1105 O O   . GLU A 1 134 ? -8.579  -14.731 -10.117 1.00 31.11 ? 134 GLU A O   1 
ATOM   1106 C CB  . GLU A 1 134 ? -5.743  -16.409 -9.046  1.00 28.70 ? 134 GLU A CB  1 
ATOM   1107 C CG  . GLU A 1 134 ? -5.592  -16.879 -10.460 1.00 30.84 ? 134 GLU A CG  1 
ATOM   1108 C CD  . GLU A 1 134 ? -4.822  -15.901 -11.313 1.00 31.12 ? 134 GLU A CD  1 
ATOM   1109 O OE1 . GLU A 1 134 ? -3.614  -15.720 -11.077 1.00 31.75 ? 134 GLU A OE1 1 
ATOM   1110 O OE2 . GLU A 1 134 ? -5.427  -15.310 -12.223 1.00 32.16 ? 134 GLU A OE2 1 
ATOM   1111 N N   . ASP A 1 135 ? -8.641  -16.264 -8.472  1.00 32.90 ? 135 ASP A N   1 
ATOM   1112 C CA  . ASP A 1 135 ? -10.052 -16.603 -8.644  1.00 33.95 ? 135 ASP A CA  1 
ATOM   1113 C C   . ASP A 1 135 ? -10.982 -15.398 -8.565  1.00 35.55 ? 135 ASP A C   1 
ATOM   1114 O O   . ASP A 1 135 ? -12.123 -15.452 -9.030  1.00 35.41 ? 135 ASP A O   1 
ATOM   1115 C CB  . ASP A 1 135 ? -10.476 -17.617 -7.581  1.00 34.29 ? 135 ASP A CB  1 
ATOM   1116 C CG  . ASP A 1 135 ? -9.985  -19.014 -7.878  1.00 33.92 ? 135 ASP A CG  1 
ATOM   1117 O OD1 . ASP A 1 135 ? -8.772  -19.192 -8.129  1.00 32.70 ? 135 ASP A OD1 1 
ATOM   1118 O OD2 . ASP A 1 135 ? -10.825 -19.934 -7.849  1.00 34.88 ? 135 ASP A OD2 1 
ATOM   1119 N N   . ARG A 1 136 ? -10.502 -14.315 -7.966  1.00 37.72 ? 136 ARG A N   1 
ATOM   1120 C CA  . ARG A 1 136 ? -11.308 -13.108 -7.834  1.00 39.03 ? 136 ARG A CA  1 
ATOM   1121 C C   . ARG A 1 136 ? -11.308 -12.374 -9.159  1.00 39.76 ? 136 ARG A C   1 
ATOM   1122 O O   . ARG A 1 136 ? -12.362 -12.080 -9.717  1.00 39.10 ? 136 ARG A O   1 
ATOM   1123 C CB  . ARG A 1 136 ? -10.732 -12.198 -6.747  1.00 38.59 ? 136 ARG A CB  1 
ATOM   1124 C CG  . ARG A 1 136 ? -11.552 -10.943 -6.456  1.00 38.03 ? 136 ARG A CG  1 
ATOM   1125 C CD  . ARG A 1 136 ? -12.789 -11.235 -5.621  1.00 37.98 ? 136 ARG A CD  1 
ATOM   1126 N NE  . ARG A 1 136 ? -13.519 -10.013 -5.288  1.00 38.04 ? 136 ARG A NE  1 
ATOM   1127 C CZ  . ARG A 1 136 ? -14.576 -9.967  -4.480  1.00 38.38 ? 136 ARG A CZ  1 
ATOM   1128 N NH1 . ARG A 1 136 ? -15.033 -11.074 -3.915  1.00 37.16 ? 136 ARG A NH1 1 
ATOM   1129 N NH2 . ARG A 1 136 ? -15.181 -8.810  -4.240  1.00 39.38 ? 136 ARG A NH2 1 
ATOM   1130 N N   . LEU A 1 137 ? -10.111 -12.097 -9.659  1.00 41.86 ? 137 LEU A N   1 
ATOM   1131 C CA  . LEU A 1 137 ? -9.942  -11.384 -10.920 1.00 45.44 ? 137 LEU A CA  1 
ATOM   1132 C C   . LEU A 1 137 ? -10.216 -12.234 -12.156 1.00 48.66 ? 137 LEU A C   1 
ATOM   1133 O O   . LEU A 1 137 ? -9.906  -11.826 -13.283 1.00 49.89 ? 137 LEU A O   1 
ATOM   1134 C CB  . LEU A 1 137 ? -8.525  -10.832 -11.014 1.00 43.03 ? 137 LEU A CB  1 
ATOM   1135 C CG  . LEU A 1 137 ? -8.208  -9.660  -10.102 1.00 41.95 ? 137 LEU A CG  1 
ATOM   1136 C CD1 . LEU A 1 137 ? -6.719  -9.411  -10.146 1.00 41.65 ? 137 LEU A CD1 1 
ATOM   1137 C CD2 . LEU A 1 137 ? -8.998  -8.433  -10.538 1.00 39.73 ? 137 LEU A CD2 1 
ATOM   1138 N N   . CYS A 1 138 ? -10.792 -13.411 -11.956 1.00 50.98 ? 138 CYS A N   1 
ATOM   1139 C CA  . CYS A 1 138 ? -11.065 -14.275 -13.083 1.00 52.28 ? 138 CYS A CA  1 
ATOM   1140 C C   . CYS A 1 138 ? -12.101 -13.616 -13.965 1.00 52.27 ? 138 CYS A C   1 
ATOM   1141 O O   . CYS A 1 138 ? -11.863 -13.402 -15.151 1.00 52.80 ? 138 CYS A O   1 
ATOM   1142 C CB  . CYS A 1 138 ? -11.567 -15.631 -12.610 1.00 53.45 ? 138 CYS A CB  1 
ATOM   1143 S SG  . CYS A 1 138 ? -11.334 -16.911 -13.842 1.00 58.52 ? 138 CYS A SG  1 
ATOM   1144 N N   . HIS A 1 139 ? -13.247 -13.283 -13.382 1.00 52.70 ? 139 HIS A N   1 
ATOM   1145 C CA  . HIS A 1 139 ? -14.315 -12.649 -14.142 1.00 53.68 ? 139 HIS A CA  1 
ATOM   1146 C C   . HIS A 1 139 ? -14.615 -11.265 -13.618 1.00 51.84 ? 139 HIS A C   1 
ATOM   1147 O O   . HIS A 1 139 ? -15.768 -10.912 -13.346 1.00 52.05 ? 139 HIS A O   1 
ATOM   1148 C CB  . HIS A 1 139 ? -15.578 -13.520 -14.126 1.00 57.41 ? 139 HIS A CB  1 
ATOM   1149 C CG  . HIS A 1 139 ? -15.421 -14.808 -14.874 1.00 62.09 ? 139 HIS A CG  1 
ATOM   1150 N ND1 . HIS A 1 139 ? -15.014 -14.854 -16.193 1.00 63.84 ? 139 HIS A ND1 1 
ATOM   1151 C CD2 . HIS A 1 139 ? -15.559 -16.096 -14.478 1.00 63.62 ? 139 HIS A CD2 1 
ATOM   1152 C CE1 . HIS A 1 139 ? -14.905 -16.115 -16.573 1.00 65.32 ? 139 HIS A CE1 1 
ATOM   1153 N NE2 . HIS A 1 139 ? -15.229 -16.889 -15.552 1.00 65.58 ? 139 HIS A NE2 1 
ATOM   1154 N N   . LYS A 1 140 ? -13.550 -10.484 -13.485 1.00 49.26 ? 140 LYS A N   1 
ATOM   1155 C CA  . LYS A 1 140 ? -13.639 -9.117  -13.011 1.00 46.88 ? 140 LYS A CA  1 
ATOM   1156 C C   . LYS A 1 140 ? -12.394 -8.376  -13.495 1.00 44.13 ? 140 LYS A C   1 
ATOM   1157 O O   . LYS A 1 140 ? -11.357 -8.993  -13.735 1.00 43.48 ? 140 LYS A O   1 
ATOM   1158 C CB  . LYS A 1 140 ? -13.723 -9.090  -11.475 1.00 48.75 ? 140 LYS A CB  1 
ATOM   1159 C CG  . LYS A 1 140 ? -14.991 -9.732  -10.896 1.00 51.22 ? 140 LYS A CG  1 
ATOM   1160 C CD  . LYS A 1 140 ? -15.092 -9.566  -9.376  1.00 53.21 ? 140 LYS A CD  1 
ATOM   1161 C CE  . LYS A 1 140 ? -16.378 -10.196 -8.800  1.00 55.00 ? 140 LYS A CE  1 
ATOM   1162 N NZ  . LYS A 1 140 ? -16.411 -11.696 -8.865  1.00 55.37 ? 140 LYS A NZ  1 
ATOM   1163 N N   . THR A 1 141 ? -12.499 -7.060  -13.652 1.00 40.95 ? 141 THR A N   1 
ATOM   1164 C CA  . THR A 1 141 ? -11.367 -6.259  -14.105 1.00 37.76 ? 141 THR A CA  1 
ATOM   1165 C C   . THR A 1 141 ? -10.508 -5.838  -12.928 1.00 36.09 ? 141 THR A C   1 
ATOM   1166 O O   . THR A 1 141 ? -9.291  -5.769  -13.031 1.00 36.02 ? 141 THR A O   1 
ATOM   1167 C CB  . THR A 1 141 ? -11.834 -5.015  -14.831 1.00 37.20 ? 141 THR A CB  1 
ATOM   1168 O OG1 . THR A 1 141 ? -12.973 -5.340  -15.633 1.00 39.32 ? 141 THR A OG1 1 
ATOM   1169 C CG2 . THR A 1 141 ? -10.732 -4.496  -15.731 1.00 35.70 ? 141 THR A CG2 1 
ATOM   1170 N N   . TYR A 1 142 ? -11.154 -5.546  -11.808 1.00 35.01 ? 142 TYR A N   1 
ATOM   1171 C CA  . TYR A 1 142 ? -10.458 -5.164  -10.584 1.00 34.56 ? 142 TYR A CA  1 
ATOM   1172 C C   . TYR A 1 142 ? -11.162 -5.872  -9.408  1.00 33.75 ? 142 TYR A C   1 
ATOM   1173 O O   . TYR A 1 142 ? -12.354 -6.155  -9.487  1.00 33.78 ? 142 TYR A O   1 
ATOM   1174 C CB  . TYR A 1 142 ? -10.496 -3.640  -10.402 1.00 34.72 ? 142 TYR A CB  1 
ATOM   1175 C CG  . TYR A 1 142 ? -9.841  -2.829  -11.512 1.00 33.60 ? 142 TYR A CG  1 
ATOM   1176 C CD1 . TYR A 1 142 ? -8.466  -2.901  -11.754 1.00 32.40 ? 142 TYR A CD1 1 
ATOM   1177 C CD2 . TYR A 1 142 ? -10.600 -1.970  -12.304 1.00 34.01 ? 142 TYR A CD2 1 
ATOM   1178 C CE1 . TYR A 1 142 ? -7.869  -2.133  -12.760 1.00 32.38 ? 142 TYR A CE1 1 
ATOM   1179 C CE2 . TYR A 1 142 ? -10.015 -1.201  -13.306 1.00 33.80 ? 142 TYR A CE2 1 
ATOM   1180 C CZ  . TYR A 1 142 ? -8.656  -1.285  -13.532 1.00 33.19 ? 142 TYR A CZ  1 
ATOM   1181 O OH  . TYR A 1 142 ? -8.107  -0.524  -14.539 1.00 34.06 ? 142 TYR A OH  1 
ATOM   1182 N N   . LEU A 1 143 ? -10.432 -6.147  -8.328  1.00 32.74 ? 143 LEU A N   1 
ATOM   1183 C CA  . LEU A 1 143 ? -10.984 -6.847  -7.166  1.00 32.93 ? 143 LEU A CA  1 
ATOM   1184 C C   . LEU A 1 143 ? -12.436 -6.614  -6.771  1.00 35.58 ? 143 LEU A C   1 
ATOM   1185 O O   . LEU A 1 143 ? -12.972 -7.367  -5.959  1.00 35.05 ? 143 LEU A O   1 
ATOM   1186 C CB  . LEU A 1 143 ? -10.115 -6.611  -5.936  1.00 29.82 ? 143 LEU A CB  1 
ATOM   1187 C CG  . LEU A 1 143 ? -8.920  -7.537  -5.803  1.00 28.02 ? 143 LEU A CG  1 
ATOM   1188 C CD1 . LEU A 1 143 ? -7.909  -7.237  -6.873  1.00 28.12 ? 143 LEU A CD1 1 
ATOM   1189 C CD2 . LEU A 1 143 ? -8.302  -7.346  -4.457  1.00 29.35 ? 143 LEU A CD2 1 
ATOM   1190 N N   . ASN A 1 144 ? -13.080 -5.583  -7.309  1.00 38.39 ? 144 ASN A N   1 
ATOM   1191 C CA  . ASN A 1 144 ? -14.478 -5.354  -6.962  1.00 41.71 ? 144 ASN A CA  1 
ATOM   1192 C C   . ASN A 1 144 ? -15.429 -5.285  -8.170  1.00 45.02 ? 144 ASN A C   1 
ATOM   1193 O O   . ASN A 1 144 ? -16.608 -5.639  -8.050  1.00 46.39 ? 144 ASN A O   1 
ATOM   1194 C CB  . ASN A 1 144 ? -14.622 -4.086  -6.116  1.00 40.45 ? 144 ASN A CB  1 
ATOM   1195 C CG  . ASN A 1 144 ? -15.852 -4.125  -5.215  1.00 40.18 ? 144 ASN A CG  1 
ATOM   1196 O OD1 . ASN A 1 144 ? -16.042 -5.083  -4.458  1.00 39.08 ? 144 ASN A OD1 1 
ATOM   1197 N ND2 . ASN A 1 144 ? -16.690 -3.086  -5.288  1.00 38.28 ? 144 ASN A ND2 1 
ATOM   1198 N N   . GLY A 1 145 ? -14.927 -4.848  -9.327  1.00 46.77 ? 145 GLY A N   1 
ATOM   1199 C CA  . GLY A 1 145 ? -15.771 -4.752  -10.510 1.00 48.59 ? 145 GLY A CA  1 
ATOM   1200 C C   . GLY A 1 145 ? -15.100 -4.003  -11.644 1.00 50.08 ? 145 GLY A C   1 
ATOM   1201 O O   . GLY A 1 145 ? -13.964 -4.314  -11.999 1.00 49.74 ? 145 GLY A O   1 
ATOM   1202 N N   . ASP A 1 146 ? -15.791 -3.021  -12.220 1.00 51.79 ? 146 ASP A N   1 
ATOM   1203 C CA  . ASP A 1 146 ? -15.226 -2.229  -13.317 1.00 53.87 ? 146 ASP A CA  1 
ATOM   1204 C C   . ASP A 1 146 ? -14.523 -0.992  -12.781 1.00 54.23 ? 146 ASP A C   1 
ATOM   1205 O O   . ASP A 1 146 ? -13.523 -0.535  -13.345 1.00 54.52 ? 146 ASP A O   1 
ATOM   1206 C CB  . ASP A 1 146 ? -16.315 -1.777  -14.294 1.00 56.40 ? 146 ASP A CB  1 
ATOM   1207 C CG  . ASP A 1 146 ? -16.865 -2.911  -15.126 1.00 58.39 ? 146 ASP A CG  1 
ATOM   1208 O OD1 . ASP A 1 146 ? -16.072 -3.586  -15.828 1.00 58.44 ? 146 ASP A OD1 1 
ATOM   1209 O OD2 . ASP A 1 146 ? -18.098 -3.119  -15.080 1.00 60.26 ? 146 ASP A OD2 1 
ATOM   1210 N N   . HIS A 1 147 ? -15.069 -0.445  -11.698 1.00 53.89 ? 147 HIS A N   1 
ATOM   1211 C CA  . HIS A 1 147 ? -14.511 0.741   -11.061 1.00 52.27 ? 147 HIS A CA  1 
ATOM   1212 C C   . HIS A 1 147 ? -13.301 0.285   -10.252 1.00 48.97 ? 147 HIS A C   1 
ATOM   1213 O O   . HIS A 1 147 ? -13.166 -0.897  -9.930  1.00 48.73 ? 147 HIS A O   1 
ATOM   1214 C CB  . HIS A 1 147 ? -15.536 1.366   -10.107 1.00 56.00 ? 147 HIS A CB  1 
ATOM   1215 C CG  . HIS A 1 147 ? -16.933 1.423   -10.653 1.00 60.55 ? 147 HIS A CG  1 
ATOM   1216 N ND1 . HIS A 1 147 ? -17.626 0.297   -11.050 1.00 62.44 ? 147 HIS A ND1 1 
ATOM   1217 C CD2 . HIS A 1 147 ? -17.780 2.466   -10.830 1.00 62.19 ? 147 HIS A CD2 1 
ATOM   1218 C CE1 . HIS A 1 147 ? -18.839 0.644   -11.447 1.00 62.79 ? 147 HIS A CE1 1 
ATOM   1219 N NE2 . HIS A 1 147 ? -18.958 1.955   -11.322 1.00 63.42 ? 147 HIS A NE2 1 
ATOM   1220 N N   . VAL A 1 148 ? -12.417 1.214   -9.919  1.00 44.81 ? 148 VAL A N   1 
ATOM   1221 C CA  . VAL A 1 148 ? -11.259 0.852   -9.116  1.00 40.26 ? 148 VAL A CA  1 
ATOM   1222 C C   . VAL A 1 148 ? -11.701 0.916   -7.643  1.00 37.78 ? 148 VAL A C   1 
ATOM   1223 O O   . VAL A 1 148 ? -12.877 1.154   -7.351  1.00 39.52 ? 148 VAL A O   1 
ATOM   1224 C CB  . VAL A 1 148 ? -10.094 1.825   -9.364  1.00 38.91 ? 148 VAL A CB  1 
ATOM   1225 C CG1 . VAL A 1 148 ? -8.802  1.209   -8.886  1.00 37.05 ? 148 VAL A CG1 1 
ATOM   1226 C CG2 . VAL A 1 148 ? -10.014 2.175   -10.836 1.00 37.89 ? 148 VAL A CG2 1 
ATOM   1227 N N   . THR A 1 149 ? -10.775 0.699   -6.716  1.00 32.32 ? 149 THR A N   1 
ATOM   1228 C CA  . THR A 1 149 ? -11.085 0.747   -5.288  1.00 26.35 ? 149 THR A CA  1 
ATOM   1229 C C   . THR A 1 149 ? -9.756  0.550   -4.584  1.00 23.10 ? 149 THR A C   1 
ATOM   1230 O O   . THR A 1 149 ? -8.988  -0.311  -4.983  1.00 23.61 ? 149 THR A O   1 
ATOM   1231 C CB  . THR A 1 149 ? -12.099 -0.351  -4.922  1.00 25.85 ? 149 THR A CB  1 
ATOM   1232 O OG1 . THR A 1 149 ? -11.849 -0.797  -3.589  1.00 25.86 ? 149 THR A OG1 1 
ATOM   1233 C CG2 . THR A 1 149 ? -12.026 -1.520  -5.907  1.00 24.13 ? 149 THR A CG2 1 
ATOM   1234 N N   . HIS A 1 150 ? -9.467  1.318   -3.541  1.00 19.58 ? 150 HIS A N   1 
ATOM   1235 C CA  . HIS A 1 150 ? -8.140  1.207   -2.927  1.00 17.59 ? 150 HIS A CA  1 
ATOM   1236 C C   . HIS A 1 150 ? -7.512  -0.179  -2.790  1.00 16.47 ? 150 HIS A C   1 
ATOM   1237 O O   . HIS A 1 150 ? -6.315  -0.347  -3.029  1.00 15.56 ? 150 HIS A O   1 
ATOM   1238 C CB  . HIS A 1 150 ? -8.060  1.963   -1.585  1.00 16.29 ? 150 HIS A CB  1 
ATOM   1239 C CG  . HIS A 1 150 ? -8.832  1.345   -0.467  1.00 15.03 ? 150 HIS A CG  1 
ATOM   1240 N ND1 . HIS A 1 150 ? -10.208 1.333   -0.428  1.00 15.03 ? 150 HIS A ND1 1 
ATOM   1241 C CD2 . HIS A 1 150 ? -8.415  0.762   0.682   1.00 15.03 ? 150 HIS A CD2 1 
ATOM   1242 C CE1 . HIS A 1 150 ? -10.607 0.771   0.701   1.00 16.83 ? 150 HIS A CE1 1 
ATOM   1243 N NE2 . HIS A 1 150 ? -9.538  0.417   1.392   1.00 15.03 ? 150 HIS A NE2 1 
ATOM   1244 N N   . PRO A 1 151 ? -8.299  -1.194  -2.435  1.00 16.30 ? 151 PRO A N   1 
ATOM   1245 C CA  . PRO A 1 151 ? -7.661  -2.503  -2.315  1.00 16.04 ? 151 PRO A CA  1 
ATOM   1246 C C   . PRO A 1 151 ? -6.895  -2.867  -3.573  1.00 15.03 ? 151 PRO A C   1 
ATOM   1247 O O   . PRO A 1 151 ? -5.908  -3.578  -3.524  1.00 15.03 ? 151 PRO A O   1 
ATOM   1248 C CB  . PRO A 1 151 ? -8.838  -3.437  -2.068  1.00 17.66 ? 151 PRO A CB  1 
ATOM   1249 C CG  . PRO A 1 151 ? -9.797  -2.576  -1.326  1.00 16.86 ? 151 PRO A CG  1 
ATOM   1250 C CD  . PRO A 1 151 ? -9.726  -1.272  -2.084  1.00 17.26 ? 151 PRO A CD  1 
ATOM   1251 N N   . ASP A 1 152 ? -7.354  -2.373  -4.709  1.00 15.03 ? 152 ASP A N   1 
ATOM   1252 C CA  . ASP A 1 152 ? -6.683  -2.679  -5.952  1.00 16.86 ? 152 ASP A CA  1 
ATOM   1253 C C   . ASP A 1 152 ? -5.261  -2.189  -5.882  1.00 16.63 ? 152 ASP A C   1 
ATOM   1254 O O   . ASP A 1 152 ? -4.326  -2.901  -6.242  1.00 17.03 ? 152 ASP A O   1 
ATOM   1255 C CB  . ASP A 1 152 ? -7.405  -2.028  -7.130  1.00 19.05 ? 152 ASP A CB  1 
ATOM   1256 C CG  . ASP A 1 152 ? -8.748  -2.676  -7.411  1.00 22.53 ? 152 ASP A CG  1 
ATOM   1257 O OD1 . ASP A 1 152 ? -8.779  -3.917  -7.558  1.00 24.19 ? 152 ASP A OD1 1 
ATOM   1258 O OD2 . ASP A 1 152 ? -9.770  -1.956  -7.483  1.00 25.13 ? 152 ASP A OD2 1 
ATOM   1259 N N   . PHE A 1 153 ? -5.093  -0.972  -5.393  1.00 16.04 ? 153 PHE A N   1 
ATOM   1260 C CA  . PHE A 1 153 ? -3.770  -0.397  -5.299  1.00 15.51 ? 153 PHE A CA  1 
ATOM   1261 C C   . PHE A 1 153 ? -2.930  -1.054  -4.237  1.00 15.03 ? 153 PHE A C   1 
ATOM   1262 O O   . PHE A 1 153 ? -1.725  -1.185  -4.406  1.00 15.03 ? 153 PHE A O   1 
ATOM   1263 C CB  . PHE A 1 153 ? -3.884  1.094   -5.066  1.00 15.03 ? 153 PHE A CB  1 
ATOM   1264 C CG  . PHE A 1 153 ? -4.412  1.824   -6.251  1.00 15.03 ? 153 PHE A CG  1 
ATOM   1265 C CD1 . PHE A 1 153 ? -3.688  1.841   -7.442  1.00 15.40 ? 153 PHE A CD1 1 
ATOM   1266 C CD2 . PHE A 1 153 ? -5.641  2.464   -6.203  1.00 15.27 ? 153 PHE A CD2 1 
ATOM   1267 C CE1 . PHE A 1 153 ? -4.179  2.487   -8.575  1.00 15.03 ? 153 PHE A CE1 1 
ATOM   1268 C CE2 . PHE A 1 153 ? -6.144  3.115   -7.331  1.00 17.05 ? 153 PHE A CE2 1 
ATOM   1269 C CZ  . PHE A 1 153 ? -5.408  3.125   -8.521  1.00 15.03 ? 153 PHE A CZ  1 
ATOM   1270 N N   . MET A 1 154 ? -3.569  -1.482  -3.154  1.00 15.03 ? 154 MET A N   1 
ATOM   1271 C CA  . MET A 1 154 ? -2.860  -2.158  -2.073  1.00 15.48 ? 154 MET A CA  1 
ATOM   1272 C C   . MET A 1 154 ? -2.271  -3.479  -2.565  1.00 16.14 ? 154 MET A C   1 
ATOM   1273 O O   . MET A 1 154 ? -1.217  -3.917  -2.089  1.00 15.31 ? 154 MET A O   1 
ATOM   1274 C CB  . MET A 1 154 ? -3.800  -2.470  -0.914  1.00 15.63 ? 154 MET A CB  1 
ATOM   1275 C CG  . MET A 1 154 ? -4.490  -1.296  -0.287  1.00 15.81 ? 154 MET A CG  1 
ATOM   1276 S SD  . MET A 1 154 ? -5.413  -1.886  1.127   1.00 18.60 ? 154 MET A SD  1 
ATOM   1277 C CE  . MET A 1 154 ? -4.052  -2.571  2.099   1.00 16.20 ? 154 MET A CE  1 
ATOM   1278 N N   . LEU A 1 155 ? -2.968  -4.118  -3.502  1.00 15.91 ? 155 LEU A N   1 
ATOM   1279 C CA  . LEU A 1 155 ? -2.530  -5.391  -4.060  1.00 15.73 ? 155 LEU A CA  1 
ATOM   1280 C C   . LEU A 1 155 ? -1.381  -5.121  -5.006  1.00 15.37 ? 155 LEU A C   1 
ATOM   1281 O O   . LEU A 1 155 ? -0.361  -5.815  -4.985  1.00 15.03 ? 155 LEU A O   1 
ATOM   1282 C CB  . LEU A 1 155 ? -3.683  -6.078  -4.808  1.00 15.03 ? 155 LEU A CB  1 
ATOM   1283 C CG  . LEU A 1 155 ? -3.497  -7.542  -5.214  1.00 15.03 ? 155 LEU A CG  1 
ATOM   1284 C CD1 . LEU A 1 155 ? -2.860  -8.286  -4.078  1.00 15.03 ? 155 LEU A CD1 1 
ATOM   1285 C CD2 . LEU A 1 155 ? -4.823  -8.165  -5.563  1.00 15.03 ? 155 LEU A CD2 1 
ATOM   1286 N N   . TYR A 1 156 ? -1.542  -4.094  -5.829  1.00 15.03 ? 156 TYR A N   1 
ATOM   1287 C CA  . TYR A 1 156 ? -0.498  -3.739  -6.766  1.00 16.13 ? 156 TYR A CA  1 
ATOM   1288 C C   . TYR A 1 156 ? 0.809   -3.563  -6.002  1.00 17.76 ? 156 TYR A C   1 
ATOM   1289 O O   . TYR A 1 156 ? 1.897   -3.592  -6.580  1.00 17.35 ? 156 TYR A O   1 
ATOM   1290 C CB  . TYR A 1 156 ? -0.840  -2.441  -7.487  1.00 15.25 ? 156 TYR A CB  1 
ATOM   1291 C CG  . TYR A 1 156 ? 0.344   -1.926  -8.246  1.00 15.03 ? 156 TYR A CG  1 
ATOM   1292 C CD1 . TYR A 1 156 ? 0.787   -2.559  -9.404  1.00 15.03 ? 156 TYR A CD1 1 
ATOM   1293 C CD2 . TYR A 1 156 ? 1.105   -0.893  -7.732  1.00 15.03 ? 156 TYR A CD2 1 
ATOM   1294 C CE1 . TYR A 1 156 ? 1.963   -2.181  -10.013 1.00 15.03 ? 156 TYR A CE1 1 
ATOM   1295 C CE2 . TYR A 1 156 ? 2.279   -0.510  -8.327  1.00 15.74 ? 156 TYR A CE2 1 
ATOM   1296 C CZ  . TYR A 1 156 ? 2.710   -1.156  -9.460  1.00 16.27 ? 156 TYR A CZ  1 
ATOM   1297 O OH  . TYR A 1 156 ? 3.924   -0.796  -9.991  1.00 18.27 ? 156 TYR A OH  1 
ATOM   1298 N N   . ASP A 1 157 ? 0.685   -3.375  -4.693  1.00 19.72 ? 157 ASP A N   1 
ATOM   1299 C CA  . ASP A 1 157 ? 1.835   -3.187  -3.822  1.00 20.90 ? 157 ASP A CA  1 
ATOM   1300 C C   . ASP A 1 157 ? 2.427   -4.543  -3.509  1.00 20.05 ? 157 ASP A C   1 
ATOM   1301 O O   . ASP A 1 157 ? 3.513   -4.875  -3.965  1.00 19.55 ? 157 ASP A O   1 
ATOM   1302 C CB  . ASP A 1 157 ? 1.405   -2.490  -2.525  1.00 23.75 ? 157 ASP A CB  1 
ATOM   1303 C CG  . ASP A 1 157 ? 2.573   -2.186  -1.608  1.00 26.66 ? 157 ASP A CG  1 
ATOM   1304 O OD1 . ASP A 1 157 ? 2.587   -2.722  -0.478  1.00 28.13 ? 157 ASP A OD1 1 
ATOM   1305 O OD2 . ASP A 1 157 ? 3.475   -1.416  -2.015  1.00 26.96 ? 157 ASP A OD2 1 
ATOM   1306 N N   . ALA A 1 158 ? 1.694   -5.322  -2.727  1.00 19.64 ? 158 ALA A N   1 
ATOM   1307 C CA  . ALA A 1 158 ? 2.127   -6.656  -2.341  1.00 20.79 ? 158 ALA A CA  1 
ATOM   1308 C C   . ALA A 1 158 ? 2.869   -7.334  -3.479  1.00 20.91 ? 158 ALA A C   1 
ATOM   1309 O O   . ALA A 1 158 ? 3.896   -7.985  -3.273  1.00 19.76 ? 158 ALA A O   1 
ATOM   1310 C CB  . ALA A 1 158 ? 0.918   -7.492  -1.949  1.00 22.10 ? 158 ALA A CB  1 
ATOM   1311 N N   . LEU A 1 159 ? 2.328   -7.171  -4.683  1.00 21.43 ? 159 LEU A N   1 
ATOM   1312 C CA  . LEU A 1 159 ? 2.898   -7.774  -5.875  1.00 21.29 ? 159 LEU A CA  1 
ATOM   1313 C C   . LEU A 1 159 ? 4.254   -7.196  -6.218  1.00 22.95 ? 159 LEU A C   1 
ATOM   1314 O O   . LEU A 1 159 ? 5.237   -7.928  -6.244  1.00 22.66 ? 159 LEU A O   1 
ATOM   1315 C CB  . LEU A 1 159 ? 1.916   -7.620  -7.031  1.00 18.05 ? 159 LEU A CB  1 
ATOM   1316 C CG  . LEU A 1 159 ? 0.708   -8.517  -6.771  1.00 15.03 ? 159 LEU A CG  1 
ATOM   1317 C CD1 . LEU A 1 159 ? -0.429  -8.183  -7.682  1.00 15.60 ? 159 LEU A CD1 1 
ATOM   1318 C CD2 . LEU A 1 159 ? 1.119   -9.952  -6.959  1.00 15.03 ? 159 LEU A CD2 1 
ATOM   1319 N N   . ASP A 1 160 ? 4.315   -5.893  -6.467  1.00 25.93 ? 160 ASP A N   1 
ATOM   1320 C CA  . ASP A 1 160 ? 5.587   -5.238  -6.783  1.00 29.46 ? 160 ASP A CA  1 
ATOM   1321 C C   . ASP A 1 160 ? 6.666   -5.639  -5.772  1.00 29.42 ? 160 ASP A C   1 
ATOM   1322 O O   . ASP A 1 160 ? 7.843   -5.724  -6.117  1.00 29.95 ? 160 ASP A O   1 
ATOM   1323 C CB  . ASP A 1 160 ? 5.428   -3.705  -6.781  1.00 33.35 ? 160 ASP A CB  1 
ATOM   1324 C CG  . ASP A 1 160 ? 6.769   -2.964  -6.949  1.00 36.48 ? 160 ASP A CG  1 
ATOM   1325 O OD1 . ASP A 1 160 ? 7.452   -3.147  -7.987  1.00 36.27 ? 160 ASP A OD1 1 
ATOM   1326 O OD2 . ASP A 1 160 ? 7.138   -2.193  -6.034  1.00 38.48 ? 160 ASP A OD2 1 
ATOM   1327 N N   . VAL A 1 161 ? 6.254   -5.879  -4.528  1.00 28.52 ? 161 VAL A N   1 
ATOM   1328 C CA  . VAL A 1 161 ? 7.161   -6.279  -3.456  1.00 27.23 ? 161 VAL A CA  1 
ATOM   1329 C C   . VAL A 1 161 ? 7.630   -7.710  -3.640  1.00 27.38 ? 161 VAL A C   1 
ATOM   1330 O O   . VAL A 1 161 ? 8.804   -7.961  -3.900  1.00 26.72 ? 161 VAL A O   1 
ATOM   1331 C CB  . VAL A 1 161 ? 6.474   -6.189  -2.086  1.00 27.02 ? 161 VAL A CB  1 
ATOM   1332 C CG1 . VAL A 1 161 ? 7.344   -6.826  -1.025  1.00 26.52 ? 161 VAL A CG1 1 
ATOM   1333 C CG2 . VAL A 1 161 ? 6.194   -4.743  -1.739  1.00 28.38 ? 161 VAL A CG2 1 
ATOM   1334 N N   . VAL A 1 162 ? 6.700   -8.646  -3.487  1.00 28.64 ? 162 VAL A N   1 
ATOM   1335 C CA  . VAL A 1 162 ? 7.000   -10.061 -3.627  1.00 29.64 ? 162 VAL A CA  1 
ATOM   1336 C C   . VAL A 1 162 ? 7.894   -10.329 -4.830  1.00 32.29 ? 162 VAL A C   1 
ATOM   1337 O O   . VAL A 1 162 ? 8.830   -11.127 -4.746  1.00 33.18 ? 162 VAL A O   1 
ATOM   1338 C CB  . VAL A 1 162 ? 5.715   -10.879 -3.780  1.00 27.27 ? 162 VAL A CB  1 
ATOM   1339 C CG1 . VAL A 1 162 ? 4.963   -10.902 -2.474  1.00 25.92 ? 162 VAL A CG1 1 
ATOM   1340 C CG2 . VAL A 1 162 ? 4.855   -10.278 -4.867  1.00 23.94 ? 162 VAL A CG2 1 
ATOM   1341 N N   . LEU A 1 163 ? 7.614   -9.647  -5.941  1.00 33.75 ? 163 LEU A N   1 
ATOM   1342 C CA  . LEU A 1 163 ? 8.384   -9.822  -7.172  1.00 35.24 ? 163 LEU A CA  1 
ATOM   1343 C C   . LEU A 1 163 ? 9.853   -9.402  -7.098  1.00 36.25 ? 163 LEU A C   1 
ATOM   1344 O O   . LEU A 1 163 ? 10.513  -9.250  -8.135  1.00 36.70 ? 163 LEU A O   1 
ATOM   1345 C CB  . LEU A 1 163 ? 7.710   -9.096  -8.338  1.00 36.26 ? 163 LEU A CB  1 
ATOM   1346 C CG  . LEU A 1 163 ? 6.357   -9.633  -8.819  1.00 36.73 ? 163 LEU A CG  1 
ATOM   1347 C CD1 . LEU A 1 163 ? 5.881   -8.795  -9.997  1.00 37.29 ? 163 LEU A CD1 1 
ATOM   1348 C CD2 . LEU A 1 163 ? 6.479   -11.093 -9.219  1.00 35.78 ? 163 LEU A CD2 1 
ATOM   1349 N N   . TYR A 1 164 ? 10.352  -9.195  -5.879  1.00 36.58 ? 164 TYR A N   1 
ATOM   1350 C CA  . TYR A 1 164 ? 11.753  -8.845  -5.645  1.00 35.46 ? 164 TYR A CA  1 
ATOM   1351 C C   . TYR A 1 164 ? 12.239  -10.003 -4.808  1.00 36.25 ? 164 TYR A C   1 
ATOM   1352 O O   . TYR A 1 164 ? 13.435  -10.262 -4.695  1.00 35.92 ? 164 TYR A O   1 
ATOM   1353 C CB  . TYR A 1 164 ? 11.886  -7.543  -4.852  1.00 32.99 ? 164 TYR A CB  1 
ATOM   1354 C CG  . TYR A 1 164 ? 11.753  -6.298  -5.693  1.00 33.96 ? 164 TYR A CG  1 
ATOM   1355 C CD1 . TYR A 1 164 ? 12.769  -5.903  -6.563  1.00 34.34 ? 164 TYR A CD1 1 
ATOM   1356 C CD2 . TYR A 1 164 ? 10.602  -5.514  -5.635  1.00 35.11 ? 164 TYR A CD2 1 
ATOM   1357 C CE1 . TYR A 1 164 ? 12.638  -4.743  -7.354  1.00 35.68 ? 164 TYR A CE1 1 
ATOM   1358 C CE2 . TYR A 1 164 ? 10.459  -4.355  -6.424  1.00 35.41 ? 164 TYR A CE2 1 
ATOM   1359 C CZ  . TYR A 1 164 ? 11.479  -3.979  -7.275  1.00 35.14 ? 164 TYR A CZ  1 
ATOM   1360 O OH  . TYR A 1 164 ? 11.345  -2.834  -8.027  1.00 35.28 ? 164 TYR A OH  1 
ATOM   1361 N N   . MET A 1 165 ? 11.270  -10.712 -4.238  1.00 37.76 ? 165 MET A N   1 
ATOM   1362 C CA  . MET A 1 165 ? 11.540  -11.855 -3.393  1.00 40.79 ? 165 MET A CA  1 
ATOM   1363 C C   . MET A 1 165 ? 11.564  -13.162 -4.179  1.00 43.08 ? 165 MET A C   1 
ATOM   1364 O O   . MET A 1 165 ? 12.083  -14.173 -3.695  1.00 44.63 ? 165 MET A O   1 
ATOM   1365 C CB  . MET A 1 165 ? 10.496  -11.943 -2.282  1.00 39.59 ? 165 MET A CB  1 
ATOM   1366 C CG  . MET A 1 165 ? 10.829  -12.996 -1.245  1.00 40.13 ? 165 MET A CG  1 
ATOM   1367 S SD  . MET A 1 165 ? 9.708   -13.017 0.150   1.00 41.14 ? 165 MET A SD  1 
ATOM   1368 C CE  . MET A 1 165 ? 9.498   -14.723 0.351   1.00 40.25 ? 165 MET A CE  1 
ATOM   1369 N N   . ASP A 1 166 ? 11.003  -13.145 -5.385  1.00 44.43 ? 166 ASP A N   1 
ATOM   1370 C CA  . ASP A 1 166 ? 10.965  -14.335 -6.237  1.00 45.01 ? 166 ASP A CA  1 
ATOM   1371 C C   . ASP A 1 166 ? 10.067  -14.077 -7.431  1.00 45.18 ? 166 ASP A C   1 
ATOM   1372 O O   . ASP A 1 166 ? 8.868   -14.337 -7.395  1.00 44.72 ? 166 ASP A O   1 
ATOM   1373 C CB  . ASP A 1 166 ? 10.457  -15.547 -5.452  1.00 44.69 ? 166 ASP A CB  1 
ATOM   1374 C CG  . ASP A 1 166 ? 10.390  -16.792 -6.294  1.00 44.99 ? 166 ASP A CG  1 
ATOM   1375 O OD1 . ASP A 1 166 ? 11.196  -16.893 -7.240  1.00 45.24 ? 166 ASP A OD1 1 
ATOM   1376 O OD2 . ASP A 1 166 ? 9.539   -17.666 -6.016  1.00 45.64 ? 166 ASP A OD2 1 
ATOM   1377 N N   . PRO A 1 167 ? 10.646  -13.559 -8.513  1.00 46.37 ? 167 PRO A N   1 
ATOM   1378 C CA  . PRO A 1 167 ? 9.953   -13.230 -9.763  1.00 48.53 ? 167 PRO A CA  1 
ATOM   1379 C C   . PRO A 1 167 ? 9.305   -14.387 -10.527 1.00 49.48 ? 167 PRO A C   1 
ATOM   1380 O O   . PRO A 1 167 ? 9.209   -14.351 -11.756 1.00 49.84 ? 167 PRO A O   1 
ATOM   1381 C CB  . PRO A 1 167 ? 11.041  -12.538 -10.587 1.00 48.19 ? 167 PRO A CB  1 
ATOM   1382 C CG  . PRO A 1 167 ? 11.908  -11.912 -9.526  1.00 48.19 ? 167 PRO A CG  1 
ATOM   1383 C CD  . PRO A 1 167 ? 12.016  -13.027 -8.523  1.00 46.64 ? 167 PRO A CD  1 
ATOM   1384 N N   . MET A 1 168 ? 8.839   -15.402 -9.812  1.00 50.29 ? 168 MET A N   1 
ATOM   1385 C CA  . MET A 1 168 ? 8.212   -16.535 -10.478 1.00 51.85 ? 168 MET A CA  1 
ATOM   1386 C C   . MET A 1 168 ? 6.911   -16.943 -9.810  1.00 50.63 ? 168 MET A C   1 
ATOM   1387 O O   . MET A 1 168 ? 6.114   -17.694 -10.375 1.00 51.20 ? 168 MET A O   1 
ATOM   1388 C CB  . MET A 1 168 ? 9.180   -17.724 -10.514 1.00 55.60 ? 168 MET A CB  1 
ATOM   1389 C CG  . MET A 1 168 ? 10.508  -17.407 -11.201 1.00 59.53 ? 168 MET A CG  1 
ATOM   1390 S SD  . MET A 1 168 ? 11.414  -18.865 -11.788 1.00 62.48 ? 168 MET A SD  1 
ATOM   1391 C CE  . MET A 1 168 ? 10.840  -18.934 -13.507 1.00 60.62 ? 168 MET A CE  1 
ATOM   1392 N N   . CYS A 1 169 ? 6.706   -16.437 -8.602  1.00 49.08 ? 169 CYS A N   1 
ATOM   1393 C CA  . CYS A 1 169 ? 5.513   -16.725 -7.823  1.00 47.81 ? 169 CYS A CA  1 
ATOM   1394 C C   . CYS A 1 169 ? 4.222   -16.397 -8.572  1.00 47.31 ? 169 CYS A C   1 
ATOM   1395 O O   . CYS A 1 169 ? 3.152   -16.895 -8.210  1.00 46.30 ? 169 CYS A O   1 
ATOM   1396 C CB  . CYS A 1 169 ? 5.555   -15.914 -6.537  1.00 49.02 ? 169 CYS A CB  1 
ATOM   1397 S SG  . CYS A 1 169 ? 5.678   -14.122 -6.832  1.00 49.83 ? 169 CYS A SG  1 
ATOM   1398 N N   . LEU A 1 170 ? 4.332   -15.565 -9.613  1.00 46.63 ? 170 LEU A N   1 
ATOM   1399 C CA  . LEU A 1 170 ? 3.174   -15.142 -10.407 1.00 45.06 ? 170 LEU A CA  1 
ATOM   1400 C C   . LEU A 1 170 ? 2.960   -15.824 -11.759 1.00 45.23 ? 170 LEU A C   1 
ATOM   1401 O O   . LEU A 1 170 ? 1.914   -15.631 -12.386 1.00 44.61 ? 170 LEU A O   1 
ATOM   1402 C CB  . LEU A 1 170 ? 3.219   -13.634 -10.646 1.00 42.85 ? 170 LEU A CB  1 
ATOM   1403 C CG  . LEU A 1 170 ? 3.228   -12.726 -9.424  1.00 41.52 ? 170 LEU A CG  1 
ATOM   1404 C CD1 . LEU A 1 170 ? 2.890   -11.340 -9.901  1.00 41.38 ? 170 LEU A CD1 1 
ATOM   1405 C CD2 . LEU A 1 170 ? 2.220   -13.185 -8.375  1.00 40.82 ? 170 LEU A CD2 1 
ATOM   1406 N N   . ASP A 1 171 ? 3.937   -16.604 -12.222 1.00 45.50 ? 171 ASP A N   1 
ATOM   1407 C CA  . ASP A 1 171 ? 3.792   -17.293 -13.503 1.00 44.77 ? 171 ASP A CA  1 
ATOM   1408 C C   . ASP A 1 171 ? 2.513   -18.122 -13.482 1.00 42.68 ? 171 ASP A C   1 
ATOM   1409 O O   . ASP A 1 171 ? 1.579   -17.871 -14.246 1.00 42.43 ? 171 ASP A O   1 
ATOM   1410 C CB  . ASP A 1 171 ? 4.987   -18.219 -13.772 1.00 47.05 ? 171 ASP A CB  1 
ATOM   1411 C CG  . ASP A 1 171 ? 6.313   -17.477 -13.828 1.00 48.62 ? 171 ASP A CG  1 
ATOM   1412 O OD1 . ASP A 1 171 ? 6.306   -16.244 -14.064 1.00 48.80 ? 171 ASP A OD1 1 
ATOM   1413 O OD2 . ASP A 1 171 ? 7.364   -18.140 -13.653 1.00 48.65 ? 171 ASP A OD2 1 
ATOM   1414 N N   . ALA A 1 172 ? 2.478   -19.102 -12.587 1.00 39.95 ? 172 ALA A N   1 
ATOM   1415 C CA  . ALA A 1 172 ? 1.329   -19.986 -12.443 1.00 37.31 ? 172 ALA A CA  1 
ATOM   1416 C C   . ALA A 1 172 ? 0.011   -19.233 -12.330 1.00 35.73 ? 172 ALA A C   1 
ATOM   1417 O O   . ALA A 1 172 ? -1.058  -19.803 -12.559 1.00 35.02 ? 172 ALA A O   1 
ATOM   1418 C CB  . ALA A 1 172 ? 1.516   -20.861 -11.225 1.00 36.82 ? 172 ALA A CB  1 
ATOM   1419 N N   . PHE A 1 173 ? 0.096   -17.954 -11.977 1.00 34.53 ? 173 PHE A N   1 
ATOM   1420 C CA  . PHE A 1 173 ? -1.081  -17.117 -11.804 1.00 33.26 ? 173 PHE A CA  1 
ATOM   1421 C C   . PHE A 1 173 ? -1.106  -15.980 -12.815 1.00 33.07 ? 173 PHE A C   1 
ATOM   1422 O O   . PHE A 1 173 ? -0.645  -14.878 -12.530 1.00 32.55 ? 173 PHE A O   1 
ATOM   1423 C CB  . PHE A 1 173 ? -1.095  -16.567 -10.382 1.00 32.06 ? 173 PHE A CB  1 
ATOM   1424 C CG  . PHE A 1 173 ? -0.950  -17.627 -9.331  1.00 32.33 ? 173 PHE A CG  1 
ATOM   1425 C CD1 . PHE A 1 173 ? -1.904  -18.631 -9.202  1.00 32.90 ? 173 PHE A CD1 1 
ATOM   1426 C CD2 . PHE A 1 173 ? 0.166   -17.653 -8.501  1.00 33.57 ? 173 PHE A CD2 1 
ATOM   1427 C CE1 . PHE A 1 173 ? -1.755  -19.652 -8.265  1.00 32.51 ? 173 PHE A CE1 1 
ATOM   1428 C CE2 . PHE A 1 173 ? 0.330   -18.671 -7.554  1.00 34.33 ? 173 PHE A CE2 1 
ATOM   1429 C CZ  . PHE A 1 173 ? -0.638  -19.674 -7.441  1.00 34.50 ? 173 PHE A CZ  1 
ATOM   1430 N N   . PRO A 1 174 ? -1.673  -16.241 -14.012 1.00 33.29 ? 174 PRO A N   1 
ATOM   1431 C CA  . PRO A 1 174 ? -1.803  -15.306 -15.136 1.00 32.38 ? 174 PRO A CA  1 
ATOM   1432 C C   . PRO A 1 174 ? -2.607  -14.026 -14.916 1.00 32.14 ? 174 PRO A C   1 
ATOM   1433 O O   . PRO A 1 174 ? -2.078  -12.925 -15.080 1.00 31.04 ? 174 PRO A O   1 
ATOM   1434 C CB  . PRO A 1 174 ? -2.416  -16.180 -16.228 1.00 32.07 ? 174 PRO A CB  1 
ATOM   1435 C CG  . PRO A 1 174 ? -3.283  -17.115 -15.453 1.00 31.43 ? 174 PRO A CG  1 
ATOM   1436 C CD  . PRO A 1 174 ? -2.357  -17.511 -14.329 1.00 33.77 ? 174 PRO A CD  1 
ATOM   1437 N N   . LYS A 1 175 ? -3.880  -14.167 -14.554 1.00 32.33 ? 175 LYS A N   1 
ATOM   1438 C CA  . LYS A 1 175 ? -4.737  -13.001 -14.365 1.00 33.59 ? 175 LYS A CA  1 
ATOM   1439 C C   . LYS A 1 175 ? -4.101  -11.941 -13.468 1.00 33.13 ? 175 LYS A C   1 
ATOM   1440 O O   . LYS A 1 175 ? -4.295  -10.741 -13.682 1.00 32.89 ? 175 LYS A O   1 
ATOM   1441 C CB  . LYS A 1 175 ? -6.107  -13.407 -13.800 1.00 35.43 ? 175 LYS A CB  1 
ATOM   1442 C CG  . LYS A 1 175 ? -6.811  -14.570 -14.508 1.00 38.96 ? 175 LYS A CG  1 
ATOM   1443 C CD  . LYS A 1 175 ? -7.054  -14.318 -15.997 1.00 43.19 ? 175 LYS A CD  1 
ATOM   1444 C CE  . LYS A 1 175 ? -8.020  -15.359 -16.627 1.00 46.78 ? 175 LYS A CE  1 
ATOM   1445 N NZ  . LYS A 1 175 ? -7.594  -16.808 -16.593 1.00 45.95 ? 175 LYS A NZ  1 
ATOM   1446 N N   . LEU A 1 176 ? -3.339  -12.373 -12.464 1.00 32.64 ? 176 LEU A N   1 
ATOM   1447 C CA  . LEU A 1 176 ? -2.694  -11.419 -11.568 1.00 32.02 ? 176 LEU A CA  1 
ATOM   1448 C C   . LEU A 1 176 ? -1.648  -10.641 -12.341 1.00 32.15 ? 176 LEU A C   1 
ATOM   1449 O O   . LEU A 1 176 ? -1.531  -9.426  -12.197 1.00 33.17 ? 176 LEU A O   1 
ATOM   1450 C CB  . LEU A 1 176 ? -2.015  -12.121 -10.385 1.00 30.33 ? 176 LEU A CB  1 
ATOM   1451 C CG  . LEU A 1 176 ? -2.832  -12.798 -9.275  1.00 28.83 ? 176 LEU A CG  1 
ATOM   1452 C CD1 . LEU A 1 176 ? -1.869  -13.305 -8.211  1.00 27.31 ? 176 LEU A CD1 1 
ATOM   1453 C CD2 . LEU A 1 176 ? -3.832  -11.836 -8.656  1.00 27.39 ? 176 LEU A CD2 1 
ATOM   1454 N N   . VAL A 1 177 ? -0.888  -11.344 -13.171 1.00 31.89 ? 177 VAL A N   1 
ATOM   1455 C CA  . VAL A 1 177 ? 0.154   -10.690 -13.945 1.00 31.82 ? 177 VAL A CA  1 
ATOM   1456 C C   . VAL A 1 177 ? -0.430  -9.659  -14.909 1.00 31.64 ? 177 VAL A C   1 
ATOM   1457 O O   . VAL A 1 177 ? 0.287   -8.809  -15.437 1.00 31.78 ? 177 VAL A O   1 
ATOM   1458 C CB  . VAL A 1 177 ? 1.012   -11.721 -14.712 1.00 31.71 ? 177 VAL A CB  1 
ATOM   1459 C CG1 . VAL A 1 177 ? 2.166   -11.013 -15.426 1.00 32.28 ? 177 VAL A CG1 1 
ATOM   1460 C CG2 . VAL A 1 177 ? 1.552   -12.765 -13.742 1.00 30.31 ? 177 VAL A CG2 1 
ATOM   1461 N N   . CYS A 1 178 ? -1.733  -9.728  -15.142 1.00 31.42 ? 178 CYS A N   1 
ATOM   1462 C CA  . CYS A 1 178 ? -2.367  -8.756  -16.023 1.00 33.04 ? 178 CYS A CA  1 
ATOM   1463 C C   . CYS A 1 178 ? -2.819  -7.608  -15.148 1.00 32.04 ? 178 CYS A C   1 
ATOM   1464 O O   . CYS A 1 178 ? -2.719  -6.438  -15.519 1.00 30.94 ? 178 CYS A O   1 
ATOM   1465 C CB  . CYS A 1 178 ? -3.570  -9.367  -16.738 1.00 35.74 ? 178 CYS A CB  1 
ATOM   1466 S SG  . CYS A 1 178 ? -3.120  -10.508 -18.049 1.00 40.26 ? 178 CYS A SG  1 
ATOM   1467 N N   . PHE A 1 179 ? -3.314  -7.962  -13.972 1.00 31.37 ? 179 PHE A N   1 
ATOM   1468 C CA  . PHE A 1 179 ? -3.770  -6.969  -13.023 1.00 31.09 ? 179 PHE A CA  1 
ATOM   1469 C C   . PHE A 1 179 ? -2.655  -5.966  -12.828 1.00 32.35 ? 179 PHE A C   1 
ATOM   1470 O O   . PHE A 1 179 ? -2.903  -4.766  -12.754 1.00 33.51 ? 179 PHE A O   1 
ATOM   1471 C CB  . PHE A 1 179 ? -4.102  -7.630  -11.692 1.00 28.15 ? 179 PHE A CB  1 
ATOM   1472 C CG  . PHE A 1 179 ? -4.740  -6.709  -10.700 1.00 24.53 ? 179 PHE A CG  1 
ATOM   1473 C CD1 . PHE A 1 179 ? -5.879  -5.995  -11.032 1.00 22.80 ? 179 PHE A CD1 1 
ATOM   1474 C CD2 . PHE A 1 179 ? -4.252  -6.621  -9.409  1.00 23.21 ? 179 PHE A CD2 1 
ATOM   1475 C CE1 . PHE A 1 179 ? -6.524  -5.214  -10.093 1.00 22.32 ? 179 PHE A CE1 1 
ATOM   1476 C CE2 . PHE A 1 179 ? -4.893  -5.842  -8.462  1.00 22.36 ? 179 PHE A CE2 1 
ATOM   1477 C CZ  . PHE A 1 179 ? -6.032  -5.140  -8.804  1.00 22.17 ? 179 PHE A CZ  1 
ATOM   1478 N N   . LYS A 1 180 ? -1.421  -6.459  -12.749 1.00 33.46 ? 180 LYS A N   1 
ATOM   1479 C CA  . LYS A 1 180 ? -0.293  -5.568  -12.559 1.00 34.82 ? 180 LYS A CA  1 
ATOM   1480 C C   . LYS A 1 180 ? -0.187  -4.616  -13.741 1.00 35.35 ? 180 LYS A C   1 
ATOM   1481 O O   . LYS A 1 180 ? -0.201  -3.402  -13.557 1.00 36.59 ? 180 LYS A O   1 
ATOM   1482 C CB  . LYS A 1 180 ? 1.012   -6.345  -12.372 1.00 34.55 ? 180 LYS A CB  1 
ATOM   1483 C CG  . LYS A 1 180 ? 2.196   -5.439  -12.006 1.00 34.53 ? 180 LYS A CG  1 
ATOM   1484 C CD  . LYS A 1 180 ? 3.374   -6.230  -11.455 1.00 34.92 ? 180 LYS A CD  1 
ATOM   1485 C CE  . LYS A 1 180 ? 4.612   -5.361  -11.275 1.00 34.38 ? 180 LYS A CE  1 
ATOM   1486 N NZ  . LYS A 1 180 ? 5.216   -4.919  -12.562 1.00 33.02 ? 180 LYS A NZ  1 
ATOM   1487 N N   . LYS A 1 181 ? -0.090  -5.144  -14.954 1.00 35.86 ? 181 LYS A N   1 
ATOM   1488 C CA  . LYS A 1 181 ? -0.009  -4.257  -16.102 1.00 37.28 ? 181 LYS A CA  1 
ATOM   1489 C C   . LYS A 1 181 ? -1.251  -3.356  -16.121 1.00 35.81 ? 181 LYS A C   1 
ATOM   1490 O O   . LYS A 1 181 ? -1.137  -2.136  -16.253 1.00 36.24 ? 181 LYS A O   1 
ATOM   1491 C CB  . LYS A 1 181 ? 0.089   -5.049  -17.420 1.00 40.79 ? 181 LYS A CB  1 
ATOM   1492 C CG  . LYS A 1 181 ? 1.430   -5.768  -17.656 1.00 45.51 ? 181 LYS A CG  1 
ATOM   1493 C CD  . LYS A 1 181 ? 1.481   -6.452  -19.044 1.00 48.35 ? 181 LYS A CD  1 
ATOM   1494 C CE  . LYS A 1 181 ? 2.680   -7.423  -19.211 1.00 49.31 ? 181 LYS A CE  1 
ATOM   1495 N NZ  . LYS A 1 181 ? 4.041   -6.785  -19.170 1.00 48.51 ? 181 LYS A NZ  1 
ATOM   1496 N N   . ARG A 1 182 ? -2.431  -3.950  -15.962 1.00 33.78 ? 182 ARG A N   1 
ATOM   1497 C CA  . ARG A 1 182 ? -3.678  -3.184  -15.981 1.00 32.78 ? 182 ARG A CA  1 
ATOM   1498 C C   . ARG A 1 182 ? -3.579  -1.947  -15.101 1.00 31.10 ? 182 ARG A C   1 
ATOM   1499 O O   . ARG A 1 182 ? -3.985  -0.851  -15.484 1.00 30.39 ? 182 ARG A O   1 
ATOM   1500 C CB  . ARG A 1 182 ? -4.851  -4.057  -15.522 1.00 34.53 ? 182 ARG A CB  1 
ATOM   1501 C CG  . ARG A 1 182 ? -6.229  -3.431  -15.759 1.00 35.10 ? 182 ARG A CG  1 
ATOM   1502 C CD  . ARG A 1 182 ? -7.340  -4.469  -15.716 1.00 34.98 ? 182 ARG A CD  1 
ATOM   1503 N NE  . ARG A 1 182 ? -7.053  -5.608  -16.586 1.00 36.46 ? 182 ARG A NE  1 
ATOM   1504 C CZ  . ARG A 1 182 ? -6.375  -6.691  -16.210 1.00 37.97 ? 182 ARG A CZ  1 
ATOM   1505 N NH1 . ARG A 1 182 ? -6.155  -7.678  -17.064 1.00 38.16 ? 182 ARG A NH1 1 
ATOM   1506 N NH2 . ARG A 1 182 ? -5.924  -6.803  -14.971 1.00 38.59 ? 182 ARG A NH2 1 
ATOM   1507 N N   . ILE A 1 183 ? -3.038  -2.135  -13.910 1.00 29.88 ? 183 ILE A N   1 
ATOM   1508 C CA  . ILE A 1 183 ? -2.860  -1.032  -13.000 1.00 28.41 ? 183 ILE A CA  1 
ATOM   1509 C C   . ILE A 1 183 ? -1.828  -0.090  -13.585 1.00 28.03 ? 183 ILE A C   1 
ATOM   1510 O O   . ILE A 1 183 ? -2.120  1.071   -13.831 1.00 28.79 ? 183 ILE A O   1 
ATOM   1511 C CB  . ILE A 1 183 ? -2.389  -1.525  -11.632 1.00 27.87 ? 183 ILE A CB  1 
ATOM   1512 C CG1 . ILE A 1 183 ? -3.595  -1.666  -10.714 1.00 28.05 ? 183 ILE A CG1 1 
ATOM   1513 C CG2 . ILE A 1 183 ? -1.377  -0.576  -11.043 1.00 26.85 ? 183 ILE A CG2 1 
ATOM   1514 C CD1 . ILE A 1 183 ? -4.376  -0.388  -10.574 1.00 29.18 ? 183 ILE A CD1 1 
ATOM   1515 N N   . GLU A 1 184 ? -0.625  -0.601  -13.827 1.00 27.60 ? 184 GLU A N   1 
ATOM   1516 C CA  . GLU A 1 184 ? 0.454   0.219   -14.377 1.00 28.05 ? 184 GLU A CA  1 
ATOM   1517 C C   . GLU A 1 184 ? 0.071   0.818   -15.714 1.00 27.49 ? 184 GLU A C   1 
ATOM   1518 O O   . GLU A 1 184 ? 0.878   1.504   -16.344 1.00 28.62 ? 184 GLU A O   1 
ATOM   1519 C CB  . GLU A 1 184 ? 1.731   -0.607  -14.557 1.00 28.13 ? 184 GLU A CB  1 
ATOM   1520 C CG  . GLU A 1 184 ? 2.169   -1.360  -13.314 1.00 29.14 ? 184 GLU A CG  1 
ATOM   1521 C CD  . GLU A 1 184 ? 3.349   -2.270  -13.575 1.00 28.76 ? 184 GLU A CD  1 
ATOM   1522 O OE1 . GLU A 1 184 ? 3.630   -2.541  -14.761 1.00 30.50 ? 184 GLU A OE1 1 
ATOM   1523 O OE2 . GLU A 1 184 ? 3.983   -2.725  -12.599 1.00 27.22 ? 184 GLU A OE2 1 
ATOM   1524 N N   . ALA A 1 185 ? -1.159  0.563   -16.142 1.00 26.54 ? 185 ALA A N   1 
ATOM   1525 C CA  . ALA A 1 185 ? -1.629  1.077   -17.413 1.00 26.72 ? 185 ALA A CA  1 
ATOM   1526 C C   . ALA A 1 185 ? -2.681  2.161   -17.278 1.00 26.30 ? 185 ALA A C   1 
ATOM   1527 O O   . ALA A 1 185 ? -3.359  2.485   -18.246 1.00 25.35 ? 185 ALA A O   1 
ATOM   1528 C CB  . ALA A 1 185 ? -2.161  -0.049  -18.253 1.00 29.16 ? 185 ALA A CB  1 
ATOM   1529 N N   . ILE A 1 186 ? -2.824  2.701   -16.072 1.00 27.27 ? 186 ILE A N   1 
ATOM   1530 C CA  . ILE A 1 186 ? -3.766  3.790   -15.804 1.00 27.47 ? 186 ILE A CA  1 
ATOM   1531 C C   . ILE A 1 186 ? -2.952  5.068   -16.013 1.00 29.81 ? 186 ILE A C   1 
ATOM   1532 O O   . ILE A 1 186 ? -1.946  5.281   -15.331 1.00 30.30 ? 186 ILE A O   1 
ATOM   1533 C CB  . ILE A 1 186 ? -4.266  3.751   -14.355 1.00 25.17 ? 186 ILE A CB  1 
ATOM   1534 C CG1 . ILE A 1 186 ? -5.006  2.434   -14.096 1.00 24.95 ? 186 ILE A CG1 1 
ATOM   1535 C CG2 . ILE A 1 186 ? -5.145  4.945   -14.094 1.00 23.49 ? 186 ILE A CG2 1 
ATOM   1536 C CD1 . ILE A 1 186 ? -5.413  2.203   -12.646 1.00 22.62 ? 186 ILE A CD1 1 
ATOM   1537 N N   . PRO A 1 187 ? -3.386  5.942   -16.942 1.00 31.26 ? 187 PRO A N   1 
ATOM   1538 C CA  . PRO A 1 187 ? -2.655  7.182   -17.217 1.00 33.12 ? 187 PRO A CA  1 
ATOM   1539 C C   . PRO A 1 187 ? -1.992  7.713   -15.955 1.00 35.36 ? 187 PRO A C   1 
ATOM   1540 O O   . PRO A 1 187 ? -0.764  7.765   -15.854 1.00 36.11 ? 187 PRO A O   1 
ATOM   1541 C CB  . PRO A 1 187 ? -3.745  8.112   -17.741 1.00 32.65 ? 187 PRO A CB  1 
ATOM   1542 C CG  . PRO A 1 187 ? -4.676  7.186   -18.410 1.00 31.60 ? 187 PRO A CG  1 
ATOM   1543 C CD  . PRO A 1 187 ? -4.774  6.054   -17.418 1.00 31.13 ? 187 PRO A CD  1 
ATOM   1544 N N   . GLN A 1 188 ? -2.831  8.083   -14.995 1.00 36.94 ? 188 GLN A N   1 
ATOM   1545 C CA  . GLN A 1 188 ? -2.401  8.611   -13.714 1.00 37.83 ? 188 GLN A CA  1 
ATOM   1546 C C   . GLN A 1 188 ? -1.217  7.827   -13.172 1.00 38.75 ? 188 GLN A C   1 
ATOM   1547 O O   . GLN A 1 188 ? -0.112  8.355   -13.060 1.00 38.54 ? 188 GLN A O   1 
ATOM   1548 C CB  . GLN A 1 188 ? -3.560  8.543   -12.724 1.00 38.69 ? 188 GLN A CB  1 
ATOM   1549 C CG  . GLN A 1 188 ? -4.791  9.281   -13.190 1.00 42.36 ? 188 GLN A CG  1 
ATOM   1550 C CD  . GLN A 1 188 ? -5.214  8.866   -14.583 1.00 45.32 ? 188 GLN A CD  1 
ATOM   1551 O OE1 . GLN A 1 188 ? -5.538  7.704   -14.819 1.00 46.64 ? 188 GLN A OE1 1 
ATOM   1552 N NE2 . GLN A 1 188 ? -5.198  9.813   -15.521 1.00 46.58 ? 188 GLN A NE2 1 
ATOM   1553 N N   . ILE A 1 189 ? -1.448  6.561   -12.843 1.00 39.29 ? 189 ILE A N   1 
ATOM   1554 C CA  . ILE A 1 189 ? -0.390  5.729   -12.305 1.00 40.57 ? 189 ILE A CA  1 
ATOM   1555 C C   . ILE A 1 189 ? 0.854   5.776   -13.158 1.00 42.53 ? 189 ILE A C   1 
ATOM   1556 O O   . ILE A 1 189 ? 1.955   5.631   -12.644 1.00 44.44 ? 189 ILE A O   1 
ATOM   1557 C CB  . ILE A 1 189 ? -0.828  4.281   -12.177 1.00 39.58 ? 189 ILE A CB  1 
ATOM   1558 C CG1 . ILE A 1 189 ? -2.151  4.226   -11.426 1.00 40.23 ? 189 ILE A CG1 1 
ATOM   1559 C CG2 . ILE A 1 189 ? 0.229   3.484   -11.434 1.00 40.21 ? 189 ILE A CG2 1 
ATOM   1560 C CD1 . ILE A 1 189 ? -2.174  5.070   -10.168 1.00 38.50 ? 189 ILE A CD1 1 
ATOM   1561 N N   . ASP A 1 190 ? 0.689   5.975   -14.461 1.00 44.70 ? 190 ASP A N   1 
ATOM   1562 C CA  . ASP A 1 190 ? 1.844   6.043   -15.350 1.00 47.03 ? 190 ASP A CA  1 
ATOM   1563 C C   . ASP A 1 190 ? 2.629   7.335   -15.070 1.00 48.55 ? 190 ASP A C   1 
ATOM   1564 O O   . ASP A 1 190 ? 3.795   7.290   -14.657 1.00 48.39 ? 190 ASP A O   1 
ATOM   1565 C CB  . ASP A 1 190 ? 1.383   5.983   -16.817 1.00 46.81 ? 190 ASP A CB  1 
ATOM   1566 C CG  . ASP A 1 190 ? 2.536   5.800   -17.802 1.00 46.32 ? 190 ASP A CG  1 
ATOM   1567 O OD1 . ASP A 1 190 ? 3.107   6.817   -18.254 1.00 44.17 ? 190 ASP A OD1 1 
ATOM   1568 O OD2 . ASP A 1 190 ? 2.866   4.635   -18.121 1.00 44.80 ? 190 ASP A OD2 1 
ATOM   1569 N N   . LYS A 1 191 ? 1.976   8.483   -15.256 1.00 50.27 ? 191 LYS A N   1 
ATOM   1570 C CA  . LYS A 1 191 ? 2.622   9.777   -15.030 1.00 51.18 ? 191 LYS A CA  1 
ATOM   1571 C C   . LYS A 1 191 ? 3.443   9.792   -13.748 1.00 51.26 ? 191 LYS A C   1 
ATOM   1572 O O   . LYS A 1 191 ? 4.477   10.445  -13.676 1.00 52.03 ? 191 LYS A O   1 
ATOM   1573 C CB  . LYS A 1 191 ? 1.581   10.899  -14.990 1.00 51.27 ? 191 LYS A CB  1 
ATOM   1574 C CG  . LYS A 1 191 ? 2.180   12.292  -14.858 1.00 53.18 ? 191 LYS A CG  1 
ATOM   1575 C CD  . LYS A 1 191 ? 1.085   13.355  -14.769 1.00 55.79 ? 191 LYS A CD  1 
ATOM   1576 C CE  . LYS A 1 191 ? 1.601   14.678  -14.196 1.00 55.87 ? 191 LYS A CE  1 
ATOM   1577 N NZ  . LYS A 1 191 ? 0.487   15.634  -13.920 1.00 55.25 ? 191 LYS A NZ  1 
ATOM   1578 N N   . TYR A 1 192 ? 2.984   9.060   -12.743 1.00 51.35 ? 192 TYR A N   1 
ATOM   1579 C CA  . TYR A 1 192 ? 3.680   8.997   -11.468 1.00 51.98 ? 192 TYR A CA  1 
ATOM   1580 C C   . TYR A 1 192 ? 4.939   8.151   -11.610 1.00 52.40 ? 192 TYR A C   1 
ATOM   1581 O O   . TYR A 1 192 ? 6.042   8.675   -11.711 1.00 52.77 ? 192 TYR A O   1 
ATOM   1582 C CB  . TYR A 1 192 ? 2.762   8.384   -10.401 1.00 52.46 ? 192 TYR A CB  1 
ATOM   1583 C CG  . TYR A 1 192 ? 3.255   8.488   -8.962  1.00 53.48 ? 192 TYR A CG  1 
ATOM   1584 C CD1 . TYR A 1 192 ? 3.206   9.698   -8.266  1.00 53.48 ? 192 TYR A CD1 1 
ATOM   1585 C CD2 . TYR A 1 192 ? 3.730   7.363   -8.284  1.00 53.36 ? 192 TYR A CD2 1 
ATOM   1586 C CE1 . TYR A 1 192 ? 3.610   9.784   -6.931  1.00 54.78 ? 192 TYR A CE1 1 
ATOM   1587 C CE2 . TYR A 1 192 ? 4.138   7.438   -6.951  1.00 54.61 ? 192 TYR A CE2 1 
ATOM   1588 C CZ  . TYR A 1 192 ? 4.074   8.649   -6.281  1.00 55.42 ? 192 TYR A CZ  1 
ATOM   1589 O OH  . TYR A 1 192 ? 4.466   8.717   -4.961  1.00 56.78 ? 192 TYR A OH  1 
ATOM   1590 N N   . LEU A 1 193 ? 4.754   6.838   -11.623 1.00 53.04 ? 193 LEU A N   1 
ATOM   1591 C CA  . LEU A 1 193 ? 5.846   5.882   -11.726 1.00 53.74 ? 193 LEU A CA  1 
ATOM   1592 C C   . LEU A 1 193 ? 7.010   6.322   -12.614 1.00 55.73 ? 193 LEU A C   1 
ATOM   1593 O O   . LEU A 1 193 ? 8.152   5.922   -12.389 1.00 56.03 ? 193 LEU A O   1 
ATOM   1594 C CB  . LEU A 1 193 ? 5.291   4.535   -12.204 1.00 51.45 ? 193 LEU A CB  1 
ATOM   1595 C CG  . LEU A 1 193 ? 4.203   3.954   -11.294 1.00 49.03 ? 193 LEU A CG  1 
ATOM   1596 C CD1 . LEU A 1 193 ? 3.585   2.715   -11.889 1.00 47.32 ? 193 LEU A CD1 1 
ATOM   1597 C CD2 . LEU A 1 193 ? 4.814   3.636   -9.963  1.00 49.36 ? 193 LEU A CD2 1 
ATOM   1598 N N   . LYS A 1 194 ? 6.735   7.152   -13.613 1.00 57.96 ? 194 LYS A N   1 
ATOM   1599 C CA  . LYS A 1 194 ? 7.795   7.606   -14.510 1.00 60.75 ? 194 LYS A CA  1 
ATOM   1600 C C   . LYS A 1 194 ? 8.410   8.947   -14.108 1.00 61.85 ? 194 LYS A C   1 
ATOM   1601 O O   . LYS A 1 194 ? 9.365   9.407   -14.736 1.00 62.65 ? 194 LYS A O   1 
ATOM   1602 C CB  . LYS A 1 194 ? 7.264   7.692   -15.949 1.00 61.72 ? 194 LYS A CB  1 
ATOM   1603 C CG  . LYS A 1 194 ? 7.038   6.330   -16.613 1.00 63.33 ? 194 LYS A CG  1 
ATOM   1604 C CD  . LYS A 1 194 ? 6.293   6.435   -17.945 1.00 63.71 ? 194 LYS A CD  1 
ATOM   1605 C CE  . LYS A 1 194 ? 5.934   5.048   -18.474 1.00 63.96 ? 194 LYS A CE  1 
ATOM   1606 N NZ  . LYS A 1 194 ? 5.011   5.095   -19.643 1.00 64.21 ? 194 LYS A NZ  1 
ATOM   1607 N N   . SER A 1 195 ? 7.877   9.560   -13.056 1.00 62.26 ? 195 SER A N   1 
ATOM   1608 C CA  . SER A 1 195 ? 8.366   10.859  -12.602 1.00 62.20 ? 195 SER A CA  1 
ATOM   1609 C C   . SER A 1 195 ? 9.435   10.825  -11.505 1.00 62.52 ? 195 SER A C   1 
ATOM   1610 O O   . SER A 1 195 ? 10.164  9.840   -11.357 1.00 62.74 ? 195 SER A O   1 
ATOM   1611 C CB  . SER A 1 195 ? 7.192   11.720  -12.137 1.00 62.13 ? 195 SER A CB  1 
ATOM   1612 O OG  . SER A 1 195 ? 6.503   11.096  -11.072 1.00 61.27 ? 195 SER A OG  1 
ATOM   1613 N N   . SER A 1 196 ? 9.510   11.921  -10.745 1.00 61.81 ? 196 SER A N   1 
ATOM   1614 C CA  . SER A 1 196 ? 10.485  12.103  -9.667  1.00 59.47 ? 196 SER A CA  1 
ATOM   1615 C C   . SER A 1 196 ? 9.943   11.775  -8.283  1.00 58.34 ? 196 SER A C   1 
ATOM   1616 O O   . SER A 1 196 ? 10.673  11.270  -7.431  1.00 57.46 ? 196 SER A O   1 
ATOM   1617 C CB  . SER A 1 196 ? 10.954  13.551  -9.662  1.00 59.69 ? 196 SER A CB  1 
ATOM   1618 O OG  . SER A 1 196 ? 9.848   14.411  -9.428  1.00 59.49 ? 196 SER A OG  1 
ATOM   1619 N N   . LYS A 1 197 ? 8.669   12.093  -8.065  1.00 57.09 ? 197 LYS A N   1 
ATOM   1620 C CA  . LYS A 1 197 ? 7.987   11.853  -6.791  1.00 55.61 ? 197 LYS A CA  1 
ATOM   1621 C C   . LYS A 1 197 ? 8.023   10.376  -6.390  1.00 54.90 ? 197 LYS A C   1 
ATOM   1622 O O   . LYS A 1 197 ? 7.998   10.038  -5.206  1.00 55.06 ? 197 LYS A O   1 
ATOM   1623 C CB  . LYS A 1 197 ? 6.526   12.321  -6.890  1.00 54.89 ? 197 LYS A CB  1 
ATOM   1624 C CG  . LYS A 1 197 ? 6.352   13.725  -7.472  1.00 54.52 ? 197 LYS A CG  1 
ATOM   1625 C CD  . LYS A 1 197 ? 4.877   14.118  -7.647  1.00 53.93 ? 197 LYS A CD  1 
ATOM   1626 C CE  . LYS A 1 197 ? 4.734   15.552  -8.192  1.00 52.47 ? 197 LYS A CE  1 
ATOM   1627 N NZ  . LYS A 1 197 ? 3.315   16.014  -8.324  1.00 50.10 ? 197 LYS A NZ  1 
ATOM   1628 N N   . TYR A 1 198 ? 8.083   9.504   -7.390  1.00 53.77 ? 198 TYR A N   1 
ATOM   1629 C CA  . TYR A 1 198 ? 8.106   8.065   -7.173  1.00 52.84 ? 198 TYR A CA  1 
ATOM   1630 C C   . TYR A 1 198 ? 9.330   7.549   -6.408  1.00 51.57 ? 198 TYR A C   1 
ATOM   1631 O O   . TYR A 1 198 ? 10.473  7.845   -6.748  1.00 50.15 ? 198 TYR A O   1 
ATOM   1632 C CB  . TYR A 1 198 ? 7.996   7.338   -8.526  1.00 53.51 ? 198 TYR A CB  1 
ATOM   1633 C CG  . TYR A 1 198 ? 8.154   5.830   -8.452  1.00 53.56 ? 198 TYR A CG  1 
ATOM   1634 C CD1 . TYR A 1 198 ? 7.186   5.034   -7.843  1.00 54.94 ? 198 TYR A CD1 1 
ATOM   1635 C CD2 . TYR A 1 198 ? 9.286   5.204   -8.965  1.00 53.10 ? 198 TYR A CD2 1 
ATOM   1636 C CE1 . TYR A 1 198 ? 7.342   3.650   -7.744  1.00 54.70 ? 198 TYR A CE1 1 
ATOM   1637 C CE2 . TYR A 1 198 ? 9.451   3.825   -8.872  1.00 54.41 ? 198 TYR A CE2 1 
ATOM   1638 C CZ  . TYR A 1 198 ? 8.475   3.055   -8.260  1.00 55.16 ? 198 TYR A CZ  1 
ATOM   1639 O OH  . TYR A 1 198 ? 8.630   1.689   -8.173  1.00 56.37 ? 198 TYR A OH  1 
ATOM   1640 N N   . ILE A 1 199 ? 9.071   6.771   -5.367  1.00 50.98 ? 199 ILE A N   1 
ATOM   1641 C CA  . ILE A 1 199 ? 10.135  6.177   -4.577  1.00 51.13 ? 199 ILE A CA  1 
ATOM   1642 C C   . ILE A 1 199 ? 10.266  4.730   -5.033  1.00 51.00 ? 199 ILE A C   1 
ATOM   1643 O O   . ILE A 1 199 ? 9.371   3.918   -4.813  1.00 50.19 ? 199 ILE A O   1 
ATOM   1644 C CB  . ILE A 1 199 ? 9.793   6.195   -3.087  1.00 51.57 ? 199 ILE A CB  1 
ATOM   1645 C CG1 . ILE A 1 199 ? 9.593   7.638   -2.628  1.00 51.49 ? 199 ILE A CG1 1 
ATOM   1646 C CG2 . ILE A 1 199 ? 10.890  5.496   -2.294  1.00 51.58 ? 199 ILE A CG2 1 
ATOM   1647 C CD1 . ILE A 1 199 ? 9.257   7.775   -1.159  1.00 51.95 ? 199 ILE A CD1 1 
ATOM   1648 N N   . ALA A 1 200 ? 11.382  4.406   -5.670  1.00 51.56 ? 200 ALA A N   1 
ATOM   1649 C CA  . ALA A 1 200 ? 11.589  3.053   -6.167  1.00 51.75 ? 200 ALA A CA  1 
ATOM   1650 C C   . ALA A 1 200 ? 12.259  2.126   -5.159  1.00 51.42 ? 200 ALA A C   1 
ATOM   1651 O O   . ALA A 1 200 ? 12.223  0.904   -5.306  1.00 51.41 ? 200 ALA A O   1 
ATOM   1652 C CB  . ALA A 1 200 ? 12.399  3.096   -7.462  1.00 52.22 ? 200 ALA A CB  1 
ATOM   1653 N N   . TRP A 1 201 ? 12.868  2.694   -4.128  1.00 50.91 ? 201 TRP A N   1 
ATOM   1654 C CA  . TRP A 1 201 ? 13.531  1.859   -3.142  1.00 50.49 ? 201 TRP A CA  1 
ATOM   1655 C C   . TRP A 1 201 ? 13.872  2.683   -1.895  1.00 50.62 ? 201 TRP A C   1 
ATOM   1656 O O   . TRP A 1 201 ? 14.091  3.894   -1.983  1.00 49.85 ? 201 TRP A O   1 
ATOM   1657 C CB  . TRP A 1 201 ? 14.789  1.235   -3.779  1.00 49.39 ? 201 TRP A CB  1 
ATOM   1658 C CG  . TRP A 1 201 ? 15.288  0.043   -3.052  1.00 49.69 ? 201 TRP A CG  1 
ATOM   1659 C CD1 . TRP A 1 201 ? 16.191  0.020   -2.028  1.00 50.99 ? 201 TRP A CD1 1 
ATOM   1660 C CD2 . TRP A 1 201 ? 14.812  -1.296  -3.194  1.00 50.83 ? 201 TRP A CD2 1 
ATOM   1661 N NE1 . TRP A 1 201 ? 16.299  -1.250  -1.513  1.00 50.64 ? 201 TRP A NE1 1 
ATOM   1662 C CE2 . TRP A 1 201 ? 15.463  -2.079  -2.211  1.00 50.84 ? 201 TRP A CE2 1 
ATOM   1663 C CE3 . TRP A 1 201 ? 13.892  -1.913  -4.052  1.00 51.33 ? 201 TRP A CE3 1 
ATOM   1664 C CZ2 . TRP A 1 201 ? 15.220  -3.448  -2.063  1.00 50.84 ? 201 TRP A CZ2 1 
ATOM   1665 C CZ3 . TRP A 1 201 ? 13.651  -3.280  -3.903  1.00 50.43 ? 201 TRP A CZ3 1 
ATOM   1666 C CH2 . TRP A 1 201 ? 14.314  -4.028  -2.914  1.00 50.19 ? 201 TRP A CH2 1 
ATOM   1667 N N   . PRO A 1 202 ? 13.885  2.046   -0.710  1.00 50.68 ? 202 PRO A N   1 
ATOM   1668 C CA  . PRO A 1 202 ? 13.609  0.632   -0.420  1.00 50.78 ? 202 PRO A CA  1 
ATOM   1669 C C   . PRO A 1 202 ? 12.139  0.332   -0.162  1.00 50.60 ? 202 PRO A C   1 
ATOM   1670 O O   . PRO A 1 202 ? 11.306  1.232   -0.120  1.00 51.45 ? 202 PRO A O   1 
ATOM   1671 C CB  . PRO A 1 202 ? 14.464  0.364   0.806   1.00 51.02 ? 202 PRO A CB  1 
ATOM   1672 C CG  . PRO A 1 202 ? 14.321  1.642   1.550   1.00 51.79 ? 202 PRO A CG  1 
ATOM   1673 C CD  . PRO A 1 202 ? 14.474  2.705   0.468   1.00 50.74 ? 202 PRO A CD  1 
ATOM   1674 N N   . LEU A 1 203 ? 11.828  -0.941  0.030   1.00 50.27 ? 203 LEU A N   1 
ATOM   1675 C CA  . LEU A 1 203 ? 10.454  -1.344  0.259   1.00 50.42 ? 203 LEU A CA  1 
ATOM   1676 C C   . LEU A 1 203 ? 10.085  -1.137  1.721   1.00 51.63 ? 203 LEU A C   1 
ATOM   1677 O O   . LEU A 1 203 ? 8.921   -0.913  2.046   1.00 51.73 ? 203 LEU A O   1 
ATOM   1678 C CB  . LEU A 1 203 ? 10.276  -2.806  -0.153  1.00 48.68 ? 203 LEU A CB  1 
ATOM   1679 C CG  . LEU A 1 203 ? 10.867  -3.126  -1.531  1.00 46.84 ? 203 LEU A CG  1 
ATOM   1680 C CD1 . LEU A 1 203 ? 10.871  -4.624  -1.743  1.00 45.87 ? 203 LEU A CD1 1 
ATOM   1681 C CD2 . LEU A 1 203 ? 10.087  -2.419  -2.625  1.00 44.80 ? 203 LEU A CD2 1 
ATOM   1682 N N   . GLN A 1 204 ? 11.082  -1.209  2.597   1.00 53.54 ? 204 GLN A N   1 
ATOM   1683 C CA  . GLN A 1 204 ? 10.863  -1.002  4.031   1.00 55.64 ? 204 GLN A CA  1 
ATOM   1684 C C   . GLN A 1 204 ? 11.888  -0.049  4.643   1.00 55.22 ? 204 GLN A C   1 
ATOM   1685 O O   . GLN A 1 204 ? 12.436  0.817   3.961   1.00 54.67 ? 204 GLN A O   1 
ATOM   1686 C CB  . GLN A 1 204 ? 10.899  -2.332  4.795   1.00 57.29 ? 204 GLN A CB  1 
ATOM   1687 C CG  . GLN A 1 204 ? 9.616   -3.140  4.704   1.00 59.88 ? 204 GLN A CG  1 
ATOM   1688 C CD  . GLN A 1 204 ? 9.458   -3.831  3.372   1.00 60.66 ? 204 GLN A CD  1 
ATOM   1689 O OE1 . GLN A 1 204 ? 8.396   -4.382  3.065   1.00 62.19 ? 204 GLN A OE1 1 
ATOM   1690 N NE2 . GLN A 1 204 ? 10.520  -3.817  2.572   1.00 60.64 ? 204 GLN A NE2 1 
ATOM   1691 N N   . GLY A 1 205 ? 12.134  -0.208  5.937   1.00 55.35 ? 205 GLY A N   1 
ATOM   1692 C CA  . GLY A 1 205 ? 13.098  0.648   6.598   1.00 56.48 ? 205 GLY A CA  1 
ATOM   1693 C C   . GLY A 1 205 ? 14.500  0.341   6.116   1.00 56.98 ? 205 GLY A C   1 
ATOM   1694 O O   . GLY A 1 205 ? 14.888  -0.822  6.042   1.00 57.71 ? 205 GLY A O   1 
ATOM   1695 N N   . TRP A 1 206 ? 15.261  1.375   5.781   1.00 56.57 ? 206 TRP A N   1 
ATOM   1696 C CA  . TRP A 1 206 ? 16.625  1.187   5.311   1.00 56.18 ? 206 TRP A CA  1 
ATOM   1697 C C   . TRP A 1 206 ? 17.318  0.116   6.151   1.00 59.28 ? 206 TRP A C   1 
ATOM   1698 O O   . TRP A 1 206 ? 18.032  -0.737  5.629   1.00 59.24 ? 206 TRP A O   1 
ATOM   1699 C CB  . TRP A 1 206 ? 17.376  2.507   5.408   1.00 50.76 ? 206 TRP A CB  1 
ATOM   1700 C CG  . TRP A 1 206 ? 16.787  3.565   4.540   1.00 45.86 ? 206 TRP A CG  1 
ATOM   1701 C CD1 . TRP A 1 206 ? 17.088  3.815   3.236   1.00 44.25 ? 206 TRP A CD1 1 
ATOM   1702 C CD2 . TRP A 1 206 ? 15.788  4.520   4.908   1.00 45.38 ? 206 TRP A CD2 1 
ATOM   1703 N NE1 . TRP A 1 206 ? 16.345  4.871   2.765   1.00 42.13 ? 206 TRP A NE1 1 
ATOM   1704 C CE2 . TRP A 1 206 ? 15.536  5.322   3.772   1.00 44.61 ? 206 TRP A CE2 1 
ATOM   1705 C CE3 . TRP A 1 206 ? 15.077  4.776   6.089   1.00 45.97 ? 206 TRP A CE3 1 
ATOM   1706 C CZ2 . TRP A 1 206 ? 14.601  6.367   3.782   1.00 44.71 ? 206 TRP A CZ2 1 
ATOM   1707 C CZ3 . TRP A 1 206 ? 14.144  5.815   6.098   1.00 46.12 ? 206 TRP A CZ3 1 
ATOM   1708 C CH2 . TRP A 1 206 ? 13.918  6.597   4.950   1.00 45.44 ? 206 TRP A CH2 1 
ATOM   1709 N N   . GLN A 1 207 ? 17.071  0.156   7.454   1.00 63.66 ? 207 GLN A N   1 
ATOM   1710 C CA  . GLN A 1 207 ? 17.657  -0.791  8.398   1.00 67.93 ? 207 GLN A CA  1 
ATOM   1711 C C   . GLN A 1 207 ? 17.408  -2.259  8.023   1.00 69.50 ? 207 GLN A C   1 
ATOM   1712 O O   . GLN A 1 207 ? 18.287  -3.106  8.185   1.00 69.87 ? 207 GLN A O   1 
ATOM   1713 C CB  . GLN A 1 207 ? 17.104  -0.531  9.808   1.00 70.40 ? 207 GLN A CB  1 
ATOM   1714 C CG  . GLN A 1 207 ? 16.616  0.903   10.062  1.00 74.18 ? 207 GLN A CG  1 
ATOM   1715 C CD  . GLN A 1 207 ? 15.107  1.083   9.846   1.00 75.95 ? 207 GLN A CD  1 
ATOM   1716 O OE1 . GLN A 1 207 ? 14.583  2.199   9.925   1.00 77.03 ? 207 GLN A OE1 1 
ATOM   1717 N NE2 . GLN A 1 207 ? 14.406  -0.018  9.583   1.00 76.29 ? 207 GLN A NE2 1 
ATOM   1718 N N   . ALA A 1 208 ? 16.210  -2.551  7.524   1.00 70.89 ? 208 ALA A N   1 
ATOM   1719 C CA  . ALA A 1 208 ? 15.815  -3.907  7.140   1.00 71.60 ? 208 ALA A CA  1 
ATOM   1720 C C   . ALA A 1 208 ? 16.878  -4.716  6.405   1.00 71.95 ? 208 ALA A C   1 
ATOM   1721 O O   . ALA A 1 208 ? 17.882  -4.179  5.933   1.00 71.82 ? 208 ALA A O   1 
ATOM   1722 C CB  . ALA A 1 208 ? 14.548  -3.854  6.300   1.00 72.37 ? 208 ALA A CB  1 
ATOM   1723 N N   . THR A 1 209 ? 16.624  -6.017  6.300   1.00 72.51 ? 209 THR A N   1 
ATOM   1724 C CA  . THR A 1 209 ? 17.531  -6.946  5.638   1.00 73.68 ? 209 THR A CA  1 
ATOM   1725 C C   . THR A 1 209 ? 17.319  -7.012  4.120   1.00 75.06 ? 209 THR A C   1 
ATOM   1726 O O   . THR A 1 209 ? 18.318  -6.838  3.382   1.00 74.75 ? 209 THR A O   1 
ATOM   1727 C CB  . THR A 1 209 ? 17.368  -8.361  6.218   1.00 72.94 ? 209 THR A CB  1 
ATOM   1728 O OG1 . THR A 1 209 ? 17.423  -8.296  7.649   1.00 72.06 ? 209 THR A OG1 1 
ATOM   1729 C CG2 . THR A 1 209 ? 18.475  -9.272  5.715   1.00 72.42 ? 209 THR A CG2 1 
HETATM 1730 N N1  . GSH B 2 .   ? 0.421   -0.440  12.346  1.00 43.55 ? 500 GSH A N1  1 
HETATM 1731 C CA1 . GSH B 2 .   ? 1.054   0.846   11.856  1.00 42.98 ? 500 GSH A CA1 1 
HETATM 1732 C C1  . GSH B 2 .   ? 0.004   1.833   11.336  1.00 41.92 ? 500 GSH A C1  1 
HETATM 1733 O O11 . GSH B 2 .   ? 0.432   2.977   10.884  1.00 42.04 ? 500 GSH A O11 1 
HETATM 1734 O O12 . GSH B 2 .   ? -1.186  1.581   11.328  1.00 41.47 ? 500 GSH A O12 1 
HETATM 1735 C CB1 . GSH B 2 .   ? 1.826   1.473   13.056  1.00 44.06 ? 500 GSH A CB1 1 
HETATM 1736 C CG1 . GSH B 2 .   ? 3.005   2.144   12.572  1.00 47.77 ? 500 GSH A CG1 1 
HETATM 1737 C CD1 . GSH B 2 .   ? 4.345   1.648   12.314  1.00 49.84 ? 500 GSH A CD1 1 
HETATM 1738 O OE1 . GSH B 2 .   ? 4.576   0.416   12.527  1.00 52.47 ? 500 GSH A OE1 1 
HETATM 1739 N N2  . GSH B 2 .   ? 5.155   2.620   11.893  1.00 51.86 ? 500 GSH A N2  1 
HETATM 1740 C CA2 . GSH B 2 .   ? 6.556   2.682   11.528  1.00 54.99 ? 500 GSH A CA2 1 
HETATM 1741 C C2  . GSH B 2 .   ? 7.218   4.012   12.130  1.00 56.73 ? 500 GSH A C2  1 
HETATM 1742 O O2  . GSH B 2 .   ? 8.456   3.846   12.232  1.00 56.52 ? 500 GSH A O2  1 
HETATM 1743 C CB2 . GSH B 2 .   ? 6.805   2.584   10.014  1.00 54.28 ? 500 GSH A CB2 1 
HETATM 1744 S SG2 . GSH B 2 .   ? 7.960   1.324   9.526   1.00 55.80 ? 500 GSH A SG2 1 
HETATM 1745 N N3  . GSH B 2 .   ? 6.620   4.428   13.250  1.00 59.87 ? 500 GSH A N3  1 
HETATM 1746 C CA3 . GSH B 2 .   ? 6.972   5.624   14.048  1.00 61.28 ? 500 GSH A CA3 1 
HETATM 1747 C C3  . GSH B 2 .   ? 7.292   5.397   15.486  1.00 62.16 ? 500 GSH A C3  1 
HETATM 1748 O O31 . GSH B 2 .   ? 7.202   6.392   16.371  1.00 60.47 ? 500 GSH A O31 1 
HETATM 1749 O O32 . GSH B 2 .   ? 7.671   4.320   16.004  1.00 63.03 ? 500 GSH A O32 1 
# 
loop_
_pdbx_poly_seq_scheme.asym_id 
_pdbx_poly_seq_scheme.entity_id 
_pdbx_poly_seq_scheme.seq_id 
_pdbx_poly_seq_scheme.mon_id 
_pdbx_poly_seq_scheme.ndb_seq_num 
_pdbx_poly_seq_scheme.pdb_seq_num 
_pdbx_poly_seq_scheme.auth_seq_num 
_pdbx_poly_seq_scheme.pdb_mon_id 
_pdbx_poly_seq_scheme.auth_mon_id 
_pdbx_poly_seq_scheme.pdb_strand_id 
_pdbx_poly_seq_scheme.pdb_ins_code 
_pdbx_poly_seq_scheme.hetero 
A 1 1   MET 1   1   1   MET MET A . n 
A 1 2   SER 2   2   2   SER SER A . n 
A 1 3   PRO 3   3   3   PRO PRO A . n 
A 1 4   ILE 4   4   4   ILE ILE A . n 
A 1 5   LEU 5   5   5   LEU LEU A . n 
A 1 6   GLY 6   6   6   GLY GLY A . n 
A 1 7   PHE 7   7   7   PHE PHE A . n 
A 1 8   TRP 8   8   8   TRP TRP A . n 
A 1 9   LYS 9   9   9   LYS LYS A . n 
A 1 10  ILE 10  10  10  ILE ILE A . n 
A 1 11  LYS 11  11  11  LYS LYS A . n 
A 1 12  GLY 12  12  12  GLY GLY A . n 
A 1 13  LEU 13  13  13  LEU LEU A . n 
A 1 14  VAL 14  14  14  VAL VAL A . n 
A 1 15  GLN 15  15  15  GLN GLN A . n 
A 1 16  PRO 16  16  16  PRO PRO A . n 
A 1 17  THR 17  17  17  THR THR A . n 
A 1 18  ARG 18  18  18  ARG ARG A . n 
A 1 19  LEU 19  19  19  LEU LEU A . n 
A 1 20  LEU 20  20  20  LEU LEU A . n 
A 1 21  LEU 21  21  21  LEU LEU A . n 
A 1 22  GLU 22  22  22  GLU GLU A . n 
A 1 23  TYR 23  23  23  TYR TYR A . n 
A 1 24  LEU 24  24  24  LEU LEU A . n 
A 1 25  GLU 25  25  25  GLU GLU A . n 
A 1 26  GLU 26  26  26  GLU GLU A . n 
A 1 27  LYS 27  27  27  LYS LYS A . n 
A 1 28  TYR 28  28  28  TYR TYR A . n 
A 1 29  GLU 29  29  29  GLU GLU A . n 
A 1 30  GLU 30  30  30  GLU GLU A . n 
A 1 31  HIS 31  31  31  HIS HIS A . n 
A 1 32  LEU 32  32  32  LEU LEU A . n 
A 1 33  TYR 33  33  33  TYR TYR A . n 
A 1 34  GLU 34  34  34  GLU GLU A . n 
A 1 35  ARG 35  35  35  ARG ARG A . n 
A 1 36  ASP 36  36  36  ASP ASP A . n 
A 1 37  GLU 37  37  37  GLU GLU A . n 
A 1 38  GLY 38  38  38  GLY GLY A . n 
A 1 39  ASP 39  39  39  ASP ASP A . n 
A 1 40  LYS 40  40  40  LYS LYS A . n 
A 1 41  TRP 41  41  41  TRP TRP A . n 
A 1 42  ARG 42  42  42  ARG ARG A . n 
A 1 43  ASN 43  43  43  ASN ASN A . n 
A 1 44  LYS 44  44  44  LYS LYS A . n 
A 1 45  LYS 45  45  45  LYS LYS A . n 
A 1 46  PHE 46  46  46  PHE PHE A . n 
A 1 47  GLU 47  47  47  GLU GLU A . n 
A 1 48  LEU 48  48  48  LEU LEU A . n 
A 1 49  GLY 49  49  49  GLY GLY A . n 
A 1 50  LEU 50  50  50  LEU LEU A . n 
A 1 51  GLU 51  51  51  GLU GLU A . n 
A 1 52  PHE 52  52  52  PHE PHE A . n 
A 1 53  PRO 53  53  53  PRO PRO A . n 
A 1 54  ASN 54  54  54  ASN ASN A . n 
A 1 55  LEU 55  55  55  LEU LEU A . n 
A 1 56  PRO 56  56  56  PRO PRO A . n 
A 1 57  TYR 57  57  57  TYR TYR A . n 
A 1 58  TYR 58  58  58  TYR TYR A . n 
A 1 59  ILE 59  59  59  ILE ILE A . n 
A 1 60  ASP 60  60  60  ASP ASP A . n 
A 1 61  GLY 61  61  61  GLY GLY A . n 
A 1 62  ASP 62  62  62  ASP ASP A . n 
A 1 63  VAL 63  63  63  VAL VAL A . n 
A 1 64  LYS 64  64  64  LYS LYS A . n 
A 1 65  LEU 65  65  65  LEU LEU A . n 
A 1 66  THR 66  66  66  THR THR A . n 
A 1 67  GLN 67  67  67  GLN GLN A . n 
A 1 68  SER 68  68  68  SER SER A . n 
A 1 69  MET 69  69  69  MET MET A . n 
A 1 70  ALA 70  70  70  ALA ALA A . n 
A 1 71  ILE 71  71  71  ILE ILE A . n 
A 1 72  ILE 72  72  72  ILE ILE A . n 
A 1 73  ARG 73  73  73  ARG ARG A . n 
A 1 74  TYR 74  74  74  TYR TYR A . n 
A 1 75  ILE 75  75  75  ILE ILE A . n 
A 1 76  ALA 76  76  76  ALA ALA A . n 
A 1 77  ASP 77  77  77  ASP ASP A . n 
A 1 78  LYS 78  78  78  LYS LYS A . n 
A 1 79  HIS 79  79  79  HIS HIS A . n 
A 1 80  ASN 80  80  80  ASN ASN A . n 
A 1 81  MET 81  81  81  MET MET A . n 
A 1 82  LEU 82  82  82  LEU LEU A . n 
A 1 83  GLY 83  83  83  GLY GLY A . n 
A 1 84  GLY 84  84  84  GLY GLY A . n 
A 1 85  CYS 85  85  85  CYS CYS A . n 
A 1 86  PRO 86  86  86  PRO PRO A . n 
A 1 87  LYS 87  87  87  LYS LYS A . n 
A 1 88  GLU 88  88  88  GLU GLU A . n 
A 1 89  ARG 89  89  89  ARG ARG A . n 
A 1 90  ALA 90  90  90  ALA ALA A . n 
A 1 91  GLU 91  91  91  GLU GLU A . n 
A 1 92  ILE 92  92  92  ILE ILE A . n 
A 1 93  SER 93  93  93  SER SER A . n 
A 1 94  MET 94  94  94  MET MET A . n 
A 1 95  LEU 95  95  95  LEU LEU A . n 
A 1 96  GLU 96  96  96  GLU GLU A . n 
A 1 97  GLY 97  97  97  GLY GLY A . n 
A 1 98  ALA 98  98  98  ALA ALA A . n 
A 1 99  VAL 99  99  99  VAL VAL A . n 
A 1 100 LEU 100 100 100 LEU LEU A . n 
A 1 101 ASP 101 101 101 ASP ASP A . n 
A 1 102 ILE 102 102 102 ILE ILE A . n 
A 1 103 ARG 103 103 103 ARG ARG A . n 
A 1 104 TYR 104 104 104 TYR TYR A . n 
A 1 105 GLY 105 105 105 GLY GLY A . n 
A 1 106 VAL 106 106 106 VAL VAL A . n 
A 1 107 SER 107 107 107 SER SER A . n 
A 1 108 ARG 108 108 108 ARG ARG A . n 
A 1 109 ILE 109 109 109 ILE ILE A . n 
A 1 110 ALA 110 110 110 ALA ALA A . n 
A 1 111 TYR 111 111 111 TYR TYR A . n 
A 1 112 SER 112 112 112 SER SER A . n 
A 1 113 LYS 113 113 113 LYS LYS A . n 
A 1 114 ASP 114 114 114 ASP ASP A . n 
A 1 115 PHE 115 115 115 PHE PHE A . n 
A 1 116 GLU 116 116 116 GLU GLU A . n 
A 1 117 THR 117 117 117 THR THR A . n 
A 1 118 LEU 118 118 118 LEU LEU A . n 
A 1 119 LYS 119 119 119 LYS LYS A . n 
A 1 120 VAL 120 120 120 VAL VAL A . n 
A 1 121 ASP 121 121 121 ASP ASP A . n 
A 1 122 PHE 122 122 122 PHE PHE A . n 
A 1 123 LEU 123 123 123 LEU LEU A . n 
A 1 124 SER 124 124 124 SER SER A . n 
A 1 125 LYS 125 125 125 LYS LYS A . n 
A 1 126 LEU 126 126 126 LEU LEU A . n 
A 1 127 PRO 127 127 127 PRO PRO A . n 
A 1 128 GLU 128 128 128 GLU GLU A . n 
A 1 129 MET 129 129 129 MET MET A . n 
A 1 130 LEU 130 130 130 LEU LEU A . n 
A 1 131 LYS 131 131 131 LYS LYS A . n 
A 1 132 MET 132 132 132 MET MET A . n 
A 1 133 PHE 133 133 133 PHE PHE A . n 
A 1 134 GLU 134 134 134 GLU GLU A . n 
A 1 135 ASP 135 135 135 ASP ASP A . n 
A 1 136 ARG 136 136 136 ARG ARG A . n 
A 1 137 LEU 137 137 137 LEU LEU A . n 
A 1 138 CYS 138 138 138 CYS CYS A . n 
A 1 139 HIS 139 139 139 HIS HIS A . n 
A 1 140 LYS 140 140 140 LYS LYS A . n 
A 1 141 THR 141 141 141 THR THR A . n 
A 1 142 TYR 142 142 142 TYR TYR A . n 
A 1 143 LEU 143 143 143 LEU LEU A . n 
A 1 144 ASN 144 144 144 ASN ASN A . n 
A 1 145 GLY 145 145 145 GLY GLY A . n 
A 1 146 ASP 146 146 146 ASP ASP A . n 
A 1 147 HIS 147 147 147 HIS HIS A . n 
A 1 148 VAL 148 148 148 VAL VAL A . n 
A 1 149 THR 149 149 149 THR THR A . n 
A 1 150 HIS 150 150 150 HIS HIS A . n 
A 1 151 PRO 151 151 151 PRO PRO A . n 
A 1 152 ASP 152 152 152 ASP ASP A . n 
A 1 153 PHE 153 153 153 PHE PHE A . n 
A 1 154 MET 154 154 154 MET MET A . n 
A 1 155 LEU 155 155 155 LEU LEU A . n 
A 1 156 TYR 156 156 156 TYR TYR A . n 
A 1 157 ASP 157 157 157 ASP ASP A . n 
A 1 158 ALA 158 158 158 ALA ALA A . n 
A 1 159 LEU 159 159 159 LEU LEU A . n 
A 1 160 ASP 160 160 160 ASP ASP A . n 
A 1 161 VAL 161 161 161 VAL VAL A . n 
A 1 162 VAL 162 162 162 VAL VAL A . n 
A 1 163 LEU 163 163 163 LEU LEU A . n 
A 1 164 TYR 164 164 164 TYR TYR A . n 
A 1 165 MET 165 165 165 MET MET A . n 
A 1 166 ASP 166 166 166 ASP ASP A . n 
A 1 167 PRO 167 167 167 PRO PRO A . n 
A 1 168 MET 168 168 168 MET MET A . n 
A 1 169 CYS 169 169 169 CYS CYS A . n 
A 1 170 LEU 170 170 170 LEU LEU A . n 
A 1 171 ASP 171 171 171 ASP ASP A . n 
A 1 172 ALA 172 172 172 ALA ALA A . n 
A 1 173 PHE 173 173 173 PHE PHE A . n 
A 1 174 PRO 174 174 174 PRO PRO A . n 
A 1 175 LYS 175 175 175 LYS LYS A . n 
A 1 176 LEU 176 176 176 LEU LEU A . n 
A 1 177 VAL 177 177 177 VAL VAL A . n 
A 1 178 CYS 178 178 178 CYS CYS A . n 
A 1 179 PHE 179 179 179 PHE PHE A . n 
A 1 180 LYS 180 180 180 LYS LYS A . n 
A 1 181 LYS 181 181 181 LYS LYS A . n 
A 1 182 ARG 182 182 182 ARG ARG A . n 
A 1 183 ILE 183 183 183 ILE ILE A . n 
A 1 184 GLU 184 184 184 GLU GLU A . n 
A 1 185 ALA 185 185 185 ALA ALA A . n 
A 1 186 ILE 186 186 186 ILE ILE A . n 
A 1 187 PRO 187 187 187 PRO PRO A . n 
A 1 188 GLN 188 188 188 GLN GLN A . n 
A 1 189 ILE 189 189 189 ILE ILE A . n 
A 1 190 ASP 190 190 190 ASP ASP A . n 
A 1 191 LYS 191 191 191 LYS LYS A . n 
A 1 192 TYR 192 192 192 TYR TYR A . n 
A 1 193 LEU 193 193 193 LEU LEU A . n 
A 1 194 LYS 194 194 194 LYS LYS A . n 
A 1 195 SER 195 195 195 SER SER A . n 
A 1 196 SER 196 196 196 SER SER A . n 
A 1 197 LYS 197 197 197 LYS LYS A . n 
A 1 198 TYR 198 198 198 TYR TYR A . n 
A 1 199 ILE 199 199 199 ILE ILE A . n 
A 1 200 ALA 200 200 200 ALA ALA A . n 
A 1 201 TRP 201 201 201 TRP TRP A . n 
A 1 202 PRO 202 202 202 PRO PRO A . n 
A 1 203 LEU 203 203 203 LEU LEU A . n 
A 1 204 GLN 204 204 204 GLN GLN A . n 
A 1 205 GLY 205 205 205 GLY GLY A . n 
A 1 206 TRP 206 206 206 TRP TRP A . n 
A 1 207 GLN 207 207 207 GLN GLN A . n 
A 1 208 ALA 208 208 208 ALA ALA A . n 
A 1 209 THR 209 209 209 THR THR A . n 
A 1 210 PHE 210 210 ?   ?   ?   A . n 
A 1 211 GLY 211 211 ?   ?   ?   A . n 
A 1 212 GLY 212 212 ?   ?   ?   A . n 
A 1 213 GLY 213 213 ?   ?   ?   A . n 
A 1 214 ASP 214 214 ?   ?   ?   A . n 
A 1 215 HIS 215 215 ?   ?   ?   A . n 
A 1 216 PRO 216 216 ?   ?   ?   A . n 
A 1 217 PRO 217 217 ?   ?   ?   A . n 
A 1 218 LYS 218 218 ?   ?   ?   A . n 
# 
_pdbx_nonpoly_scheme.asym_id         B 
_pdbx_nonpoly_scheme.entity_id       2 
_pdbx_nonpoly_scheme.mon_id          GSH 
_pdbx_nonpoly_scheme.ndb_seq_num     1 
_pdbx_nonpoly_scheme.pdb_seq_num     500 
_pdbx_nonpoly_scheme.auth_seq_num    500 
_pdbx_nonpoly_scheme.pdb_mon_id      GSH 
_pdbx_nonpoly_scheme.auth_mon_id     GSH 
_pdbx_nonpoly_scheme.pdb_strand_id   A 
_pdbx_nonpoly_scheme.pdb_ins_code    . 
# 
_pdbx_struct_assembly.id                   1 
_pdbx_struct_assembly.details              author_defined_assembly 
_pdbx_struct_assembly.method_details       ? 
_pdbx_struct_assembly.oligomeric_details   dimeric 
_pdbx_struct_assembly.oligomeric_count     2 
# 
_pdbx_struct_assembly_gen.assembly_id       1 
_pdbx_struct_assembly_gen.oper_expression   1,2 
_pdbx_struct_assembly_gen.asym_id_list      A,B 
# 
loop_
_pdbx_struct_oper_list.id 
_pdbx_struct_oper_list.type 
_pdbx_struct_oper_list.name 
_pdbx_struct_oper_list.symmetry_operation 
_pdbx_struct_oper_list.matrix[1][1] 
_pdbx_struct_oper_list.matrix[1][2] 
_pdbx_struct_oper_list.matrix[1][3] 
_pdbx_struct_oper_list.vector[1] 
_pdbx_struct_oper_list.matrix[2][1] 
_pdbx_struct_oper_list.matrix[2][2] 
_pdbx_struct_oper_list.matrix[2][3] 
_pdbx_struct_oper_list.vector[2] 
_pdbx_struct_oper_list.matrix[3][1] 
_pdbx_struct_oper_list.matrix[3][2] 
_pdbx_struct_oper_list.matrix[3][3] 
_pdbx_struct_oper_list.vector[3] 
1 'identity operation'         1_555 x,y,z        1.0000000000 0.0000000000  0.0000000000 0.0000000000   0.0000000000  1.0000000000  0.0000000000  0.0000000000  0.0000000000 0.0000000000  1.0000000000  0.0000000000  
2 'crystal symmetry operation' 7_644 y+1,x-1,-z-1 0.4204666021 -0.8143061493 0.4001416396 -10.4567089923 -0.8143061493 -0.5331854309 -0.2293878626 -8.3683011756 0.4001416396 -0.2293878626 -0.8872811712 20.0905029304 
# 
loop_
_pdbx_audit_revision_history.ordinal 
_pdbx_audit_revision_history.data_content_type 
_pdbx_audit_revision_history.major_revision 
_pdbx_audit_revision_history.minor_revision 
_pdbx_audit_revision_history.revision_date 
1 'Structure model' 1 0 2005-02-22 
2 'Structure model' 1 1 2008-04-30 
3 'Structure model' 1 2 2011-07-13 
4 'Structure model' 1 3 2012-03-21 
5 'Structure model' 1 4 2017-10-11 
6 'Structure model' 1 5 2021-11-10 
7 'Structure model' 1 6 2023-10-25 
# 
_pdbx_audit_revision_details.ordinal             1 
_pdbx_audit_revision_details.revision_ordinal    1 
_pdbx_audit_revision_details.data_content_type   'Structure model' 
_pdbx_audit_revision_details.provider            repository 
_pdbx_audit_revision_details.type                'Initial release' 
_pdbx_audit_revision_details.description         ? 
_pdbx_audit_revision_details.details             ? 
# 
loop_
_pdbx_audit_revision_group.ordinal 
_pdbx_audit_revision_group.revision_ordinal 
_pdbx_audit_revision_group.data_content_type 
_pdbx_audit_revision_group.group 
1 2 'Structure model' 'Version format compliance' 
2 3 'Structure model' 'Version format compliance' 
3 4 'Structure model' 'Non-polymer description'   
4 5 'Structure model' 'Data collection'           
5 6 'Structure model' 'Database references'       
6 6 'Structure model' 'Derived calculations'      
7 7 'Structure model' 'Data collection'           
8 7 'Structure model' 'Refinement description'    
# 
loop_
_pdbx_audit_revision_category.ordinal 
_pdbx_audit_revision_category.revision_ordinal 
_pdbx_audit_revision_category.data_content_type 
_pdbx_audit_revision_category.category 
1 5 'Structure model' reflns                        
2 6 'Structure model' database_2                    
3 6 'Structure model' struct_ref_seq_dif            
4 6 'Structure model' struct_site                   
5 7 'Structure model' chem_comp_atom                
6 7 'Structure model' chem_comp_bond                
7 7 'Structure model' pdbx_initial_refinement_model 
# 
loop_
_pdbx_audit_revision_item.ordinal 
_pdbx_audit_revision_item.revision_ordinal 
_pdbx_audit_revision_item.data_content_type 
_pdbx_audit_revision_item.item 
1 5 'Structure model' '_reflns.percent_possible_obs'        
2 6 'Structure model' '_database_2.pdbx_DOI'                
3 6 'Structure model' '_database_2.pdbx_database_accession' 
4 6 'Structure model' '_struct_ref_seq_dif.details'         
5 6 'Structure model' '_struct_site.pdbx_auth_asym_id'      
6 6 'Structure model' '_struct_site.pdbx_auth_comp_id'      
7 6 'Structure model' '_struct_site.pdbx_auth_seq_id'       
# 
loop_
_software.name 
_software.classification 
_software.version 
_software.citation_id 
_software.pdbx_ordinal 
CNS    refinement       1.1       ? 1 
MOSFLM 'data reduction' .         ? 2 
CCP4   'data scaling'   '(SCALA)' ? 3 
CNS    phasing          .         ? 4 
# 
loop_
_pdbx_validate_torsion.id 
_pdbx_validate_torsion.PDB_model_num 
_pdbx_validate_torsion.auth_comp_id 
_pdbx_validate_torsion.auth_asym_id 
_pdbx_validate_torsion.auth_seq_id 
_pdbx_validate_torsion.PDB_ins_code 
_pdbx_validate_torsion.label_alt_id 
_pdbx_validate_torsion.phi 
_pdbx_validate_torsion.psi 
1  1 PRO A 3   ? ? -12.90  140.32  
2  1 PHE A 7   ? ? 177.60  176.16  
3  1 TRP A 8   ? ? -60.11  -166.12 
4  1 LYS A 9   ? ? -117.31 73.80   
5  1 ILE A 10  ? ? -155.13 -148.82 
6  1 ARG A 42  ? ? -32.67  -27.59  
7  1 PHE A 52  ? ? -146.90 55.08   
8  1 PRO A 53  ? ? -37.56  132.77  
9  1 ASN A 54  ? ? 177.37  -172.32 
10 1 GLN A 67  ? ? 76.54   107.11  
11 1 HIS A 79  ? ? -158.46 24.15   
12 1 ASN A 80  ? ? 63.94   -15.12  
13 1 MET A 81  ? ? -62.36  2.49    
14 1 GLU A 96  ? ? -56.47  -71.23  
15 1 ARG A 108 ? ? -51.21  -8.92   
16 1 ILE A 109 ? ? -122.74 -64.18  
17 1 ALA A 110 ? ? -23.74  -31.29  
18 1 SER A 112 ? ? -55.43  -166.85 
19 1 ASP A 114 ? ? -81.71  37.90   
20 1 PHE A 115 ? ? -52.36  -74.49  
21 1 GLU A 116 ? ? -42.40  -16.72  
22 1 LEU A 123 ? ? -49.57  -19.26  
23 1 HIS A 139 ? ? -117.37 50.82   
24 1 LEU A 143 ? ? -34.35  -13.90  
25 1 THR A 149 ? ? -176.00 136.52  
26 1 LEU A 163 ? ? -64.45  13.81   
27 1 ASP A 166 ? ? 170.42  89.67   
28 1 PRO A 167 ? ? -62.66  31.50   
29 1 ALA A 172 ? ? -49.84  -19.45  
30 1 GLU A 184 ? ? -58.81  2.59    
31 1 TYR A 192 ? ? -73.55  -77.75  
32 1 LEU A 193 ? ? -35.59  -28.42  
33 1 SER A 195 ? ? -93.66  -155.26 
34 1 GLN A 204 ? ? -132.73 -153.37 
35 1 ALA A 208 ? ? -41.73  166.86  
# 
_pdbx_validate_chiral.id              1 
_pdbx_validate_chiral.PDB_model_num   1 
_pdbx_validate_chiral.auth_atom_id    CA1 
_pdbx_validate_chiral.label_alt_id    ? 
_pdbx_validate_chiral.auth_asym_id    A 
_pdbx_validate_chiral.auth_comp_id    GSH 
_pdbx_validate_chiral.auth_seq_id     500 
_pdbx_validate_chiral.PDB_ins_code    ? 
_pdbx_validate_chiral.details         'WRONG HAND' 
_pdbx_validate_chiral.omega           . 
# 
loop_
_pdbx_unobs_or_zero_occ_residues.id 
_pdbx_unobs_or_zero_occ_residues.PDB_model_num 
_pdbx_unobs_or_zero_occ_residues.polymer_flag 
_pdbx_unobs_or_zero_occ_residues.occupancy_flag 
_pdbx_unobs_or_zero_occ_residues.auth_asym_id 
_pdbx_unobs_or_zero_occ_residues.auth_comp_id 
_pdbx_unobs_or_zero_occ_residues.auth_seq_id 
_pdbx_unobs_or_zero_occ_residues.PDB_ins_code 
_pdbx_unobs_or_zero_occ_residues.label_asym_id 
_pdbx_unobs_or_zero_occ_residues.label_comp_id 
_pdbx_unobs_or_zero_occ_residues.label_seq_id 
1 1 Y 1 A PHE 210 ? A PHE 210 
2 1 Y 1 A GLY 211 ? A GLY 211 
3 1 Y 1 A GLY 212 ? A GLY 212 
4 1 Y 1 A GLY 213 ? A GLY 213 
5 1 Y 1 A ASP 214 ? A ASP 214 
6 1 Y 1 A HIS 215 ? A HIS 215 
7 1 Y 1 A PRO 216 ? A PRO 216 
8 1 Y 1 A PRO 217 ? A PRO 217 
9 1 Y 1 A LYS 218 ? A LYS 218 
# 
loop_
_chem_comp_atom.comp_id 
_chem_comp_atom.atom_id 
_chem_comp_atom.type_symbol 
_chem_comp_atom.pdbx_aromatic_flag 
_chem_comp_atom.pdbx_stereo_config 
_chem_comp_atom.pdbx_ordinal 
ALA N    N N N 1   
ALA CA   C N S 2   
ALA C    C N N 3   
ALA O    O N N 4   
ALA CB   C N N 5   
ALA OXT  O N N 6   
ALA H    H N N 7   
ALA H2   H N N 8   
ALA HA   H N N 9   
ALA HB1  H N N 10  
ALA HB2  H N N 11  
ALA HB3  H N N 12  
ALA HXT  H N N 13  
ARG N    N N N 14  
ARG CA   C N S 15  
ARG C    C N N 16  
ARG O    O N N 17  
ARG CB   C N N 18  
ARG CG   C N N 19  
ARG CD   C N N 20  
ARG NE   N N N 21  
ARG CZ   C N N 22  
ARG NH1  N N N 23  
ARG NH2  N N N 24  
ARG OXT  O N N 25  
ARG H    H N N 26  
ARG H2   H N N 27  
ARG HA   H N N 28  
ARG HB2  H N N 29  
ARG HB3  H N N 30  
ARG HG2  H N N 31  
ARG HG3  H N N 32  
ARG HD2  H N N 33  
ARG HD3  H N N 34  
ARG HE   H N N 35  
ARG HH11 H N N 36  
ARG HH12 H N N 37  
ARG HH21 H N N 38  
ARG HH22 H N N 39  
ARG HXT  H N N 40  
ASN N    N N N 41  
ASN CA   C N S 42  
ASN C    C N N 43  
ASN O    O N N 44  
ASN CB   C N N 45  
ASN CG   C N N 46  
ASN OD1  O N N 47  
ASN ND2  N N N 48  
ASN OXT  O N N 49  
ASN H    H N N 50  
ASN H2   H N N 51  
ASN HA   H N N 52  
ASN HB2  H N N 53  
ASN HB3  H N N 54  
ASN HD21 H N N 55  
ASN HD22 H N N 56  
ASN HXT  H N N 57  
ASP N    N N N 58  
ASP CA   C N S 59  
ASP C    C N N 60  
ASP O    O N N 61  
ASP CB   C N N 62  
ASP CG   C N N 63  
ASP OD1  O N N 64  
ASP OD2  O N N 65  
ASP OXT  O N N 66  
ASP H    H N N 67  
ASP H2   H N N 68  
ASP HA   H N N 69  
ASP HB2  H N N 70  
ASP HB3  H N N 71  
ASP HD2  H N N 72  
ASP HXT  H N N 73  
CYS N    N N N 74  
CYS CA   C N R 75  
CYS C    C N N 76  
CYS O    O N N 77  
CYS CB   C N N 78  
CYS SG   S N N 79  
CYS OXT  O N N 80  
CYS H    H N N 81  
CYS H2   H N N 82  
CYS HA   H N N 83  
CYS HB2  H N N 84  
CYS HB3  H N N 85  
CYS HG   H N N 86  
CYS HXT  H N N 87  
GLN N    N N N 88  
GLN CA   C N S 89  
GLN C    C N N 90  
GLN O    O N N 91  
GLN CB   C N N 92  
GLN CG   C N N 93  
GLN CD   C N N 94  
GLN OE1  O N N 95  
GLN NE2  N N N 96  
GLN OXT  O N N 97  
GLN H    H N N 98  
GLN H2   H N N 99  
GLN HA   H N N 100 
GLN HB2  H N N 101 
GLN HB3  H N N 102 
GLN HG2  H N N 103 
GLN HG3  H N N 104 
GLN HE21 H N N 105 
GLN HE22 H N N 106 
GLN HXT  H N N 107 
GLU N    N N N 108 
GLU CA   C N S 109 
GLU C    C N N 110 
GLU O    O N N 111 
GLU CB   C N N 112 
GLU CG   C N N 113 
GLU CD   C N N 114 
GLU OE1  O N N 115 
GLU OE2  O N N 116 
GLU OXT  O N N 117 
GLU H    H N N 118 
GLU H2   H N N 119 
GLU HA   H N N 120 
GLU HB2  H N N 121 
GLU HB3  H N N 122 
GLU HG2  H N N 123 
GLU HG3  H N N 124 
GLU HE2  H N N 125 
GLU HXT  H N N 126 
GLY N    N N N 127 
GLY CA   C N N 128 
GLY C    C N N 129 
GLY O    O N N 130 
GLY OXT  O N N 131 
GLY H    H N N 132 
GLY H2   H N N 133 
GLY HA2  H N N 134 
GLY HA3  H N N 135 
GLY HXT  H N N 136 
GSH N1   N N N 137 
GSH CA1  C N S 138 
GSH C1   C N N 139 
GSH O11  O N N 140 
GSH O12  O N N 141 
GSH CB1  C N N 142 
GSH CG1  C N N 143 
GSH CD1  C N N 144 
GSH OE1  O N N 145 
GSH N2   N N N 146 
GSH CA2  C N R 147 
GSH C2   C N N 148 
GSH O2   O N N 149 
GSH CB2  C N N 150 
GSH SG2  S N N 151 
GSH N3   N N N 152 
GSH CA3  C N N 153 
GSH C3   C N N 154 
GSH O31  O N N 155 
GSH O32  O N N 156 
GSH HN11 H N N 157 
GSH HN12 H N N 158 
GSH HA1  H N N 159 
GSH H12  H N N 160 
GSH HB12 H N N 161 
GSH HB13 H N N 162 
GSH HG12 H N N 163 
GSH HG13 H N N 164 
GSH HN2  H N N 165 
GSH HA2  H N N 166 
GSH HB22 H N N 167 
GSH HB23 H N N 168 
GSH HSG  H N N 169 
GSH HN3  H N N 170 
GSH HA31 H N N 171 
GSH HA32 H N N 172 
GSH H32  H N N 173 
HIS N    N N N 174 
HIS CA   C N S 175 
HIS C    C N N 176 
HIS O    O N N 177 
HIS CB   C N N 178 
HIS CG   C Y N 179 
HIS ND1  N Y N 180 
HIS CD2  C Y N 181 
HIS CE1  C Y N 182 
HIS NE2  N Y N 183 
HIS OXT  O N N 184 
HIS H    H N N 185 
HIS H2   H N N 186 
HIS HA   H N N 187 
HIS HB2  H N N 188 
HIS HB3  H N N 189 
HIS HD1  H N N 190 
HIS HD2  H N N 191 
HIS HE1  H N N 192 
HIS HE2  H N N 193 
HIS HXT  H N N 194 
ILE N    N N N 195 
ILE CA   C N S 196 
ILE C    C N N 197 
ILE O    O N N 198 
ILE CB   C N S 199 
ILE CG1  C N N 200 
ILE CG2  C N N 201 
ILE CD1  C N N 202 
ILE OXT  O N N 203 
ILE H    H N N 204 
ILE H2   H N N 205 
ILE HA   H N N 206 
ILE HB   H N N 207 
ILE HG12 H N N 208 
ILE HG13 H N N 209 
ILE HG21 H N N 210 
ILE HG22 H N N 211 
ILE HG23 H N N 212 
ILE HD11 H N N 213 
ILE HD12 H N N 214 
ILE HD13 H N N 215 
ILE HXT  H N N 216 
LEU N    N N N 217 
LEU CA   C N S 218 
LEU C    C N N 219 
LEU O    O N N 220 
LEU CB   C N N 221 
LEU CG   C N N 222 
LEU CD1  C N N 223 
LEU CD2  C N N 224 
LEU OXT  O N N 225 
LEU H    H N N 226 
LEU H2   H N N 227 
LEU HA   H N N 228 
LEU HB2  H N N 229 
LEU HB3  H N N 230 
LEU HG   H N N 231 
LEU HD11 H N N 232 
LEU HD12 H N N 233 
LEU HD13 H N N 234 
LEU HD21 H N N 235 
LEU HD22 H N N 236 
LEU HD23 H N N 237 
LEU HXT  H N N 238 
LYS N    N N N 239 
LYS CA   C N S 240 
LYS C    C N N 241 
LYS O    O N N 242 
LYS CB   C N N 243 
LYS CG   C N N 244 
LYS CD   C N N 245 
LYS CE   C N N 246 
LYS NZ   N N N 247 
LYS OXT  O N N 248 
LYS H    H N N 249 
LYS H2   H N N 250 
LYS HA   H N N 251 
LYS HB2  H N N 252 
LYS HB3  H N N 253 
LYS HG2  H N N 254 
LYS HG3  H N N 255 
LYS HD2  H N N 256 
LYS HD3  H N N 257 
LYS HE2  H N N 258 
LYS HE3  H N N 259 
LYS HZ1  H N N 260 
LYS HZ2  H N N 261 
LYS HZ3  H N N 262 
LYS HXT  H N N 263 
MET N    N N N 264 
MET CA   C N S 265 
MET C    C N N 266 
MET O    O N N 267 
MET CB   C N N 268 
MET CG   C N N 269 
MET SD   S N N 270 
MET CE   C N N 271 
MET OXT  O N N 272 
MET H    H N N 273 
MET H2   H N N 274 
MET HA   H N N 275 
MET HB2  H N N 276 
MET HB3  H N N 277 
MET HG2  H N N 278 
MET HG3  H N N 279 
MET HE1  H N N 280 
MET HE2  H N N 281 
MET HE3  H N N 282 
MET HXT  H N N 283 
PHE N    N N N 284 
PHE CA   C N S 285 
PHE C    C N N 286 
PHE O    O N N 287 
PHE CB   C N N 288 
PHE CG   C Y N 289 
PHE CD1  C Y N 290 
PHE CD2  C Y N 291 
PHE CE1  C Y N 292 
PHE CE2  C Y N 293 
PHE CZ   C Y N 294 
PHE OXT  O N N 295 
PHE H    H N N 296 
PHE H2   H N N 297 
PHE HA   H N N 298 
PHE HB2  H N N 299 
PHE HB3  H N N 300 
PHE HD1  H N N 301 
PHE HD2  H N N 302 
PHE HE1  H N N 303 
PHE HE2  H N N 304 
PHE HZ   H N N 305 
PHE HXT  H N N 306 
PRO N    N N N 307 
PRO CA   C N S 308 
PRO C    C N N 309 
PRO O    O N N 310 
PRO CB   C N N 311 
PRO CG   C N N 312 
PRO CD   C N N 313 
PRO OXT  O N N 314 
PRO H    H N N 315 
PRO HA   H N N 316 
PRO HB2  H N N 317 
PRO HB3  H N N 318 
PRO HG2  H N N 319 
PRO HG3  H N N 320 
PRO HD2  H N N 321 
PRO HD3  H N N 322 
PRO HXT  H N N 323 
SER N    N N N 324 
SER CA   C N S 325 
SER C    C N N 326 
SER O    O N N 327 
SER CB   C N N 328 
SER OG   O N N 329 
SER OXT  O N N 330 
SER H    H N N 331 
SER H2   H N N 332 
SER HA   H N N 333 
SER HB2  H N N 334 
SER HB3  H N N 335 
SER HG   H N N 336 
SER HXT  H N N 337 
THR N    N N N 338 
THR CA   C N S 339 
THR C    C N N 340 
THR O    O N N 341 
THR CB   C N R 342 
THR OG1  O N N 343 
THR CG2  C N N 344 
THR OXT  O N N 345 
THR H    H N N 346 
THR H2   H N N 347 
THR HA   H N N 348 
THR HB   H N N 349 
THR HG1  H N N 350 
THR HG21 H N N 351 
THR HG22 H N N 352 
THR HG23 H N N 353 
THR HXT  H N N 354 
TRP N    N N N 355 
TRP CA   C N S 356 
TRP C    C N N 357 
TRP O    O N N 358 
TRP CB   C N N 359 
TRP CG   C Y N 360 
TRP CD1  C Y N 361 
TRP CD2  C Y N 362 
TRP NE1  N Y N 363 
TRP CE2  C Y N 364 
TRP CE3  C Y N 365 
TRP CZ2  C Y N 366 
TRP CZ3  C Y N 367 
TRP CH2  C Y N 368 
TRP OXT  O N N 369 
TRP H    H N N 370 
TRP H2   H N N 371 
TRP HA   H N N 372 
TRP HB2  H N N 373 
TRP HB3  H N N 374 
TRP HD1  H N N 375 
TRP HE1  H N N 376 
TRP HE3  H N N 377 
TRP HZ2  H N N 378 
TRP HZ3  H N N 379 
TRP HH2  H N N 380 
TRP HXT  H N N 381 
TYR N    N N N 382 
TYR CA   C N S 383 
TYR C    C N N 384 
TYR O    O N N 385 
TYR CB   C N N 386 
TYR CG   C Y N 387 
TYR CD1  C Y N 388 
TYR CD2  C Y N 389 
TYR CE1  C Y N 390 
TYR CE2  C Y N 391 
TYR CZ   C Y N 392 
TYR OH   O N N 393 
TYR OXT  O N N 394 
TYR H    H N N 395 
TYR H2   H N N 396 
TYR HA   H N N 397 
TYR HB2  H N N 398 
TYR HB3  H N N 399 
TYR HD1  H N N 400 
TYR HD2  H N N 401 
TYR HE1  H N N 402 
TYR HE2  H N N 403 
TYR HH   H N N 404 
TYR HXT  H N N 405 
VAL N    N N N 406 
VAL CA   C N S 407 
VAL C    C N N 408 
VAL O    O N N 409 
VAL CB   C N N 410 
VAL CG1  C N N 411 
VAL CG2  C N N 412 
VAL OXT  O N N 413 
VAL H    H N N 414 
VAL H2   H N N 415 
VAL HA   H N N 416 
VAL HB   H N N 417 
VAL HG11 H N N 418 
VAL HG12 H N N 419 
VAL HG13 H N N 420 
VAL HG21 H N N 421 
VAL HG22 H N N 422 
VAL HG23 H N N 423 
VAL HXT  H N N 424 
# 
loop_
_chem_comp_bond.comp_id 
_chem_comp_bond.atom_id_1 
_chem_comp_bond.atom_id_2 
_chem_comp_bond.value_order 
_chem_comp_bond.pdbx_aromatic_flag 
_chem_comp_bond.pdbx_stereo_config 
_chem_comp_bond.pdbx_ordinal 
ALA N   CA   sing N N 1   
ALA N   H    sing N N 2   
ALA N   H2   sing N N 3   
ALA CA  C    sing N N 4   
ALA CA  CB   sing N N 5   
ALA CA  HA   sing N N 6   
ALA C   O    doub N N 7   
ALA C   OXT  sing N N 8   
ALA CB  HB1  sing N N 9   
ALA CB  HB2  sing N N 10  
ALA CB  HB3  sing N N 11  
ALA OXT HXT  sing N N 12  
ARG N   CA   sing N N 13  
ARG N   H    sing N N 14  
ARG N   H2   sing N N 15  
ARG CA  C    sing N N 16  
ARG CA  CB   sing N N 17  
ARG CA  HA   sing N N 18  
ARG C   O    doub N N 19  
ARG C   OXT  sing N N 20  
ARG CB  CG   sing N N 21  
ARG CB  HB2  sing N N 22  
ARG CB  HB3  sing N N 23  
ARG CG  CD   sing N N 24  
ARG CG  HG2  sing N N 25  
ARG CG  HG3  sing N N 26  
ARG CD  NE   sing N N 27  
ARG CD  HD2  sing N N 28  
ARG CD  HD3  sing N N 29  
ARG NE  CZ   sing N N 30  
ARG NE  HE   sing N N 31  
ARG CZ  NH1  sing N N 32  
ARG CZ  NH2  doub N N 33  
ARG NH1 HH11 sing N N 34  
ARG NH1 HH12 sing N N 35  
ARG NH2 HH21 sing N N 36  
ARG NH2 HH22 sing N N 37  
ARG OXT HXT  sing N N 38  
ASN N   CA   sing N N 39  
ASN N   H    sing N N 40  
ASN N   H2   sing N N 41  
ASN CA  C    sing N N 42  
ASN CA  CB   sing N N 43  
ASN CA  HA   sing N N 44  
ASN C   O    doub N N 45  
ASN C   OXT  sing N N 46  
ASN CB  CG   sing N N 47  
ASN CB  HB2  sing N N 48  
ASN CB  HB3  sing N N 49  
ASN CG  OD1  doub N N 50  
ASN CG  ND2  sing N N 51  
ASN ND2 HD21 sing N N 52  
ASN ND2 HD22 sing N N 53  
ASN OXT HXT  sing N N 54  
ASP N   CA   sing N N 55  
ASP N   H    sing N N 56  
ASP N   H2   sing N N 57  
ASP CA  C    sing N N 58  
ASP CA  CB   sing N N 59  
ASP CA  HA   sing N N 60  
ASP C   O    doub N N 61  
ASP C   OXT  sing N N 62  
ASP CB  CG   sing N N 63  
ASP CB  HB2  sing N N 64  
ASP CB  HB3  sing N N 65  
ASP CG  OD1  doub N N 66  
ASP CG  OD2  sing N N 67  
ASP OD2 HD2  sing N N 68  
ASP OXT HXT  sing N N 69  
CYS N   CA   sing N N 70  
CYS N   H    sing N N 71  
CYS N   H2   sing N N 72  
CYS CA  C    sing N N 73  
CYS CA  CB   sing N N 74  
CYS CA  HA   sing N N 75  
CYS C   O    doub N N 76  
CYS C   OXT  sing N N 77  
CYS CB  SG   sing N N 78  
CYS CB  HB2  sing N N 79  
CYS CB  HB3  sing N N 80  
CYS SG  HG   sing N N 81  
CYS OXT HXT  sing N N 82  
GLN N   CA   sing N N 83  
GLN N   H    sing N N 84  
GLN N   H2   sing N N 85  
GLN CA  C    sing N N 86  
GLN CA  CB   sing N N 87  
GLN CA  HA   sing N N 88  
GLN C   O    doub N N 89  
GLN C   OXT  sing N N 90  
GLN CB  CG   sing N N 91  
GLN CB  HB2  sing N N 92  
GLN CB  HB3  sing N N 93  
GLN CG  CD   sing N N 94  
GLN CG  HG2  sing N N 95  
GLN CG  HG3  sing N N 96  
GLN CD  OE1  doub N N 97  
GLN CD  NE2  sing N N 98  
GLN NE2 HE21 sing N N 99  
GLN NE2 HE22 sing N N 100 
GLN OXT HXT  sing N N 101 
GLU N   CA   sing N N 102 
GLU N   H    sing N N 103 
GLU N   H2   sing N N 104 
GLU CA  C    sing N N 105 
GLU CA  CB   sing N N 106 
GLU CA  HA   sing N N 107 
GLU C   O    doub N N 108 
GLU C   OXT  sing N N 109 
GLU CB  CG   sing N N 110 
GLU CB  HB2  sing N N 111 
GLU CB  HB3  sing N N 112 
GLU CG  CD   sing N N 113 
GLU CG  HG2  sing N N 114 
GLU CG  HG3  sing N N 115 
GLU CD  OE1  doub N N 116 
GLU CD  OE2  sing N N 117 
GLU OE2 HE2  sing N N 118 
GLU OXT HXT  sing N N 119 
GLY N   CA   sing N N 120 
GLY N   H    sing N N 121 
GLY N   H2   sing N N 122 
GLY CA  C    sing N N 123 
GLY CA  HA2  sing N N 124 
GLY CA  HA3  sing N N 125 
GLY C   O    doub N N 126 
GLY C   OXT  sing N N 127 
GLY OXT HXT  sing N N 128 
GSH N1  CA1  sing N N 129 
GSH N1  HN11 sing N N 130 
GSH N1  HN12 sing N N 131 
GSH CA1 C1   sing N N 132 
GSH CA1 CB1  sing N N 133 
GSH CA1 HA1  sing N N 134 
GSH C1  O11  doub N N 135 
GSH C1  O12  sing N N 136 
GSH O12 H12  sing N N 137 
GSH CB1 CG1  sing N N 138 
GSH CB1 HB12 sing N N 139 
GSH CB1 HB13 sing N N 140 
GSH CG1 CD1  sing N N 141 
GSH CG1 HG12 sing N N 142 
GSH CG1 HG13 sing N N 143 
GSH CD1 OE1  doub N N 144 
GSH CD1 N2   sing N N 145 
GSH N2  CA2  sing N N 146 
GSH N2  HN2  sing N N 147 
GSH CA2 C2   sing N N 148 
GSH CA2 CB2  sing N N 149 
GSH CA2 HA2  sing N N 150 
GSH C2  O2   doub N N 151 
GSH C2  N3   sing N N 152 
GSH CB2 SG2  sing N N 153 
GSH CB2 HB22 sing N N 154 
GSH CB2 HB23 sing N N 155 
GSH SG2 HSG  sing N N 156 
GSH N3  CA3  sing N N 157 
GSH N3  HN3  sing N N 158 
GSH CA3 C3   sing N N 159 
GSH CA3 HA31 sing N N 160 
GSH CA3 HA32 sing N N 161 
GSH C3  O31  doub N N 162 
GSH C3  O32  sing N N 163 
GSH O32 H32  sing N N 164 
HIS N   CA   sing N N 165 
HIS N   H    sing N N 166 
HIS N   H2   sing N N 167 
HIS CA  C    sing N N 168 
HIS CA  CB   sing N N 169 
HIS CA  HA   sing N N 170 
HIS C   O    doub N N 171 
HIS C   OXT  sing N N 172 
HIS CB  CG   sing N N 173 
HIS CB  HB2  sing N N 174 
HIS CB  HB3  sing N N 175 
HIS CG  ND1  sing Y N 176 
HIS CG  CD2  doub Y N 177 
HIS ND1 CE1  doub Y N 178 
HIS ND1 HD1  sing N N 179 
HIS CD2 NE2  sing Y N 180 
HIS CD2 HD2  sing N N 181 
HIS CE1 NE2  sing Y N 182 
HIS CE1 HE1  sing N N 183 
HIS NE2 HE2  sing N N 184 
HIS OXT HXT  sing N N 185 
ILE N   CA   sing N N 186 
ILE N   H    sing N N 187 
ILE N   H2   sing N N 188 
ILE CA  C    sing N N 189 
ILE CA  CB   sing N N 190 
ILE CA  HA   sing N N 191 
ILE C   O    doub N N 192 
ILE C   OXT  sing N N 193 
ILE CB  CG1  sing N N 194 
ILE CB  CG2  sing N N 195 
ILE CB  HB   sing N N 196 
ILE CG1 CD1  sing N N 197 
ILE CG1 HG12 sing N N 198 
ILE CG1 HG13 sing N N 199 
ILE CG2 HG21 sing N N 200 
ILE CG2 HG22 sing N N 201 
ILE CG2 HG23 sing N N 202 
ILE CD1 HD11 sing N N 203 
ILE CD1 HD12 sing N N 204 
ILE CD1 HD13 sing N N 205 
ILE OXT HXT  sing N N 206 
LEU N   CA   sing N N 207 
LEU N   H    sing N N 208 
LEU N   H2   sing N N 209 
LEU CA  C    sing N N 210 
LEU CA  CB   sing N N 211 
LEU CA  HA   sing N N 212 
LEU C   O    doub N N 213 
LEU C   OXT  sing N N 214 
LEU CB  CG   sing N N 215 
LEU CB  HB2  sing N N 216 
LEU CB  HB3  sing N N 217 
LEU CG  CD1  sing N N 218 
LEU CG  CD2  sing N N 219 
LEU CG  HG   sing N N 220 
LEU CD1 HD11 sing N N 221 
LEU CD1 HD12 sing N N 222 
LEU CD1 HD13 sing N N 223 
LEU CD2 HD21 sing N N 224 
LEU CD2 HD22 sing N N 225 
LEU CD2 HD23 sing N N 226 
LEU OXT HXT  sing N N 227 
LYS N   CA   sing N N 228 
LYS N   H    sing N N 229 
LYS N   H2   sing N N 230 
LYS CA  C    sing N N 231 
LYS CA  CB   sing N N 232 
LYS CA  HA   sing N N 233 
LYS C   O    doub N N 234 
LYS C   OXT  sing N N 235 
LYS CB  CG   sing N N 236 
LYS CB  HB2  sing N N 237 
LYS CB  HB3  sing N N 238 
LYS CG  CD   sing N N 239 
LYS CG  HG2  sing N N 240 
LYS CG  HG3  sing N N 241 
LYS CD  CE   sing N N 242 
LYS CD  HD2  sing N N 243 
LYS CD  HD3  sing N N 244 
LYS CE  NZ   sing N N 245 
LYS CE  HE2  sing N N 246 
LYS CE  HE3  sing N N 247 
LYS NZ  HZ1  sing N N 248 
LYS NZ  HZ2  sing N N 249 
LYS NZ  HZ3  sing N N 250 
LYS OXT HXT  sing N N 251 
MET N   CA   sing N N 252 
MET N   H    sing N N 253 
MET N   H2   sing N N 254 
MET CA  C    sing N N 255 
MET CA  CB   sing N N 256 
MET CA  HA   sing N N 257 
MET C   O    doub N N 258 
MET C   OXT  sing N N 259 
MET CB  CG   sing N N 260 
MET CB  HB2  sing N N 261 
MET CB  HB3  sing N N 262 
MET CG  SD   sing N N 263 
MET CG  HG2  sing N N 264 
MET CG  HG3  sing N N 265 
MET SD  CE   sing N N 266 
MET CE  HE1  sing N N 267 
MET CE  HE2  sing N N 268 
MET CE  HE3  sing N N 269 
MET OXT HXT  sing N N 270 
PHE N   CA   sing N N 271 
PHE N   H    sing N N 272 
PHE N   H2   sing N N 273 
PHE CA  C    sing N N 274 
PHE CA  CB   sing N N 275 
PHE CA  HA   sing N N 276 
PHE C   O    doub N N 277 
PHE C   OXT  sing N N 278 
PHE CB  CG   sing N N 279 
PHE CB  HB2  sing N N 280 
PHE CB  HB3  sing N N 281 
PHE CG  CD1  doub Y N 282 
PHE CG  CD2  sing Y N 283 
PHE CD1 CE1  sing Y N 284 
PHE CD1 HD1  sing N N 285 
PHE CD2 CE2  doub Y N 286 
PHE CD2 HD2  sing N N 287 
PHE CE1 CZ   doub Y N 288 
PHE CE1 HE1  sing N N 289 
PHE CE2 CZ   sing Y N 290 
PHE CE2 HE2  sing N N 291 
PHE CZ  HZ   sing N N 292 
PHE OXT HXT  sing N N 293 
PRO N   CA   sing N N 294 
PRO N   CD   sing N N 295 
PRO N   H    sing N N 296 
PRO CA  C    sing N N 297 
PRO CA  CB   sing N N 298 
PRO CA  HA   sing N N 299 
PRO C   O    doub N N 300 
PRO C   OXT  sing N N 301 
PRO CB  CG   sing N N 302 
PRO CB  HB2  sing N N 303 
PRO CB  HB3  sing N N 304 
PRO CG  CD   sing N N 305 
PRO CG  HG2  sing N N 306 
PRO CG  HG3  sing N N 307 
PRO CD  HD2  sing N N 308 
PRO CD  HD3  sing N N 309 
PRO OXT HXT  sing N N 310 
SER N   CA   sing N N 311 
SER N   H    sing N N 312 
SER N   H2   sing N N 313 
SER CA  C    sing N N 314 
SER CA  CB   sing N N 315 
SER CA  HA   sing N N 316 
SER C   O    doub N N 317 
SER C   OXT  sing N N 318 
SER CB  OG   sing N N 319 
SER CB  HB2  sing N N 320 
SER CB  HB3  sing N N 321 
SER OG  HG   sing N N 322 
SER OXT HXT  sing N N 323 
THR N   CA   sing N N 324 
THR N   H    sing N N 325 
THR N   H2   sing N N 326 
THR CA  C    sing N N 327 
THR CA  CB   sing N N 328 
THR CA  HA   sing N N 329 
THR C   O    doub N N 330 
THR C   OXT  sing N N 331 
THR CB  OG1  sing N N 332 
THR CB  CG2  sing N N 333 
THR CB  HB   sing N N 334 
THR OG1 HG1  sing N N 335 
THR CG2 HG21 sing N N 336 
THR CG2 HG22 sing N N 337 
THR CG2 HG23 sing N N 338 
THR OXT HXT  sing N N 339 
TRP N   CA   sing N N 340 
TRP N   H    sing N N 341 
TRP N   H2   sing N N 342 
TRP CA  C    sing N N 343 
TRP CA  CB   sing N N 344 
TRP CA  HA   sing N N 345 
TRP C   O    doub N N 346 
TRP C   OXT  sing N N 347 
TRP CB  CG   sing N N 348 
TRP CB  HB2  sing N N 349 
TRP CB  HB3  sing N N 350 
TRP CG  CD1  doub Y N 351 
TRP CG  CD2  sing Y N 352 
TRP CD1 NE1  sing Y N 353 
TRP CD1 HD1  sing N N 354 
TRP CD2 CE2  doub Y N 355 
TRP CD2 CE3  sing Y N 356 
TRP NE1 CE2  sing Y N 357 
TRP NE1 HE1  sing N N 358 
TRP CE2 CZ2  sing Y N 359 
TRP CE3 CZ3  doub Y N 360 
TRP CE3 HE3  sing N N 361 
TRP CZ2 CH2  doub Y N 362 
TRP CZ2 HZ2  sing N N 363 
TRP CZ3 CH2  sing Y N 364 
TRP CZ3 HZ3  sing N N 365 
TRP CH2 HH2  sing N N 366 
TRP OXT HXT  sing N N 367 
TYR N   CA   sing N N 368 
TYR N   H    sing N N 369 
TYR N   H2   sing N N 370 
TYR CA  C    sing N N 371 
TYR CA  CB   sing N N 372 
TYR CA  HA   sing N N 373 
TYR C   O    doub N N 374 
TYR C   OXT  sing N N 375 
TYR CB  CG   sing N N 376 
TYR CB  HB2  sing N N 377 
TYR CB  HB3  sing N N 378 
TYR CG  CD1  doub Y N 379 
TYR CG  CD2  sing Y N 380 
TYR CD1 CE1  sing Y N 381 
TYR CD1 HD1  sing N N 382 
TYR CD2 CE2  doub Y N 383 
TYR CD2 HD2  sing N N 384 
TYR CE1 CZ   doub Y N 385 
TYR CE1 HE1  sing N N 386 
TYR CE2 CZ   sing Y N 387 
TYR CE2 HE2  sing N N 388 
TYR CZ  OH   sing N N 389 
TYR OH  HH   sing N N 390 
TYR OXT HXT  sing N N 391 
VAL N   CA   sing N N 392 
VAL N   H    sing N N 393 
VAL N   H2   sing N N 394 
VAL CA  C    sing N N 395 
VAL CA  CB   sing N N 396 
VAL CA  HA   sing N N 397 
VAL C   O    doub N N 398 
VAL C   OXT  sing N N 399 
VAL CB  CG1  sing N N 400 
VAL CB  CG2  sing N N 401 
VAL CB  HB   sing N N 402 
VAL CG1 HG11 sing N N 403 
VAL CG1 HG12 sing N N 404 
VAL CG1 HG13 sing N N 405 
VAL CG2 HG21 sing N N 406 
VAL CG2 HG22 sing N N 407 
VAL CG2 HG23 sing N N 408 
VAL OXT HXT  sing N N 409 
# 
_pdbx_entity_nonpoly.entity_id   2 
_pdbx_entity_nonpoly.name        GLUTATHIONE 
_pdbx_entity_nonpoly.comp_id     GSH 
# 
_pdbx_initial_refinement_model.id               1 
_pdbx_initial_refinement_model.entity_id_list   ? 
_pdbx_initial_refinement_model.type             'experimental model' 
_pdbx_initial_refinement_model.source_name      PDB 
_pdbx_initial_refinement_model.accession_code   1GTA 
_pdbx_initial_refinement_model.details          ? 
# 
